data_3ZLN
# 
_entry.id   3ZLN 
# 
_audit_conform.dict_name       mmcif_pdbx.dic 
_audit_conform.dict_version    5.383 
_audit_conform.dict_location   http://mmcif.pdb.org/dictionaries/ascii/mmcif_pdbx.dic 
# 
loop_
_database_2.database_id 
_database_2.database_code 
_database_2.pdbx_database_accession 
_database_2.pdbx_DOI 
PDB   3ZLN         pdb_00003zln 10.2210/pdb3zln/pdb 
PDBE  EBI-55712    ?            ?                   
WWPDB D_1290055712 ?            ?                   
# 
loop_
_pdbx_database_related.db_name 
_pdbx_database_related.db_id 
_pdbx_database_related.content_type 
_pdbx_database_related.details 
PDB 3ZK6 unspecified 'CRYSTAL STRUCTURE OF BCL-XL IN COMPLEX WITH INHIBITOR (COMPOUND 2).' 
PDB 3ZLO unspecified 'CRYSTAL STRUCTURE OF BCL-XL IN COMPLEX WITH INHIBITOR (COMPOUND 6).' 
PDB 3ZLR unspecified 'CRYSTAL STRUCTURE OF BCL-XL IN COMPLEX WITH INHIBITOR (WEHI-539).'   
# 
_pdbx_database_status.status_code                     REL 
_pdbx_database_status.entry_id                        3ZLN 
_pdbx_database_status.deposit_site                    PDBE 
_pdbx_database_status.process_site                    PDBE 
_pdbx_database_status.SG_entry                        . 
_pdbx_database_status.recvd_initial_deposition_date   2013-02-04 
_pdbx_database_status.pdb_format_compatible           Y 
_pdbx_database_status.status_code_sf                  REL 
_pdbx_database_status.status_code_mr                  ? 
_pdbx_database_status.status_code_cs                  ? 
_pdbx_database_status.methods_development_category    ? 
_pdbx_database_status.status_code_nmr_data            ? 
# 
loop_
_audit_author.name 
_audit_author.pdbx_ordinal 
_audit_author.identifier_ORCID 
'Czabotar, P.E.' 1 ? 
'Lessene, G.L.'  2 ? 
'Smith, B.J.'    3 ? 
'Colman, P.M.'   4 ? 
# 
_citation.id                        primary 
_citation.title                     'Structure-Guided Design of a Selective Bcl-Xl Inhibitor' 
_citation.journal_abbrev            Nat.Chem.Biol. 
_citation.journal_volume            9 
_citation.page_first                390 
_citation.page_last                 397 
_citation.year                      2013 
_citation.journal_id_ASTM           ? 
_citation.country                   US 
_citation.journal_id_ISSN           1552-4450 
_citation.journal_id_CSD            ? 
_citation.book_publisher            ? 
_citation.pdbx_database_id_PubMed   23603658 
_citation.pdbx_database_id_DOI      10.1038/NCHEMBIO.1246 
# 
loop_
_citation_author.citation_id 
_citation_author.name 
_citation_author.ordinal 
_citation_author.identifier_ORCID 
primary 'Lessene, G.L.'     1  ? 
primary 'Czabotar, P.E.'    2  ? 
primary 'Sleebs, B.E.'      3  ? 
primary 'Zobel, K.'         4  ? 
primary 'Lowes, K.L.'       5  ? 
primary 'Adams, J.M.'       6  ? 
primary 'Baell, J.B.'       7  ? 
primary 'Colman, P.M.'      8  ? 
primary 'Deshayes, K.'      9  ? 
primary 'Fairbrother, W.J.' 10 ? 
primary 'Flygare, J.A.'     11 ? 
primary 'Gibbons, P.'       12 ? 
primary 'Kersten, W.J.A.'   13 ? 
primary 'Kulasegaram, S.'   14 ? 
primary 'Moss, R.M.'        15 ? 
primary 'Parisot, J.P.'     16 ? 
primary 'Smith, B.J.'       17 ? 
primary 'Street, I.P.'      18 ? 
primary 'Yang, H.'          19 ? 
primary 'Huang, D.C.S.'     20 ? 
primary 'Watson, K.G.'      21 ? 
# 
_cell.entry_id           3ZLN 
_cell.length_a           65.911 
_cell.length_b           65.911 
_cell.length_c           115.072 
_cell.angle_alpha        90.00 
_cell.angle_beta         90.00 
_cell.angle_gamma        90.00 
_cell.Z_PDB              8 
_cell.pdbx_unique_axis   ? 
# 
_symmetry.entry_id                         3ZLN 
_symmetry.space_group_name_H-M             'P 41 21 2' 
_symmetry.pdbx_full_space_group_name_H-M   ? 
_symmetry.cell_setting                     ? 
_symmetry.Int_Tables_number                92 
# 
loop_
_entity.id 
_entity.type 
_entity.src_method 
_entity.pdbx_description 
_entity.formula_weight 
_entity.pdbx_number_of_molecules 
_entity.pdbx_ec 
_entity.pdbx_mutation 
_entity.pdbx_fragment 
_entity.details 
1 polymer     man 'BCL-2-LIKE PROTEIN 1'                                                                                       
20804.918 1   ? ? 'RESIDUES 1-44 AND 85-209' ? 
2 non-polymer syn '6-[(8E)-8-(1,3-benzothiazol-2-ylhydrazinylidene)-6,7-dihydro-5H-naphthalen-2-yl]pyridine-2-carboxylic acid' 
414.480   1   ? ? ?                          ? 
3 non-polymer syn 'SULFATE ION'                                                                                                
96.063    1   ? ? ?                          ? 
4 non-polymer syn 1,2-ETHANEDIOL                                                                                               
62.068    5   ? ? ?                          ? 
5 water       nat water                                                                                                        
18.015    146 ? ? ?                          ? 
# 
_entity_name_com.entity_id   1 
_entity_name_com.name        'BCL2-L-1, APOPTOSIS REGULATOR BCL-X, BCL-XL' 
# 
_entity_poly.entity_id                      1 
_entity_poly.type                           'polypeptide(L)' 
_entity_poly.nstd_linkage                   no 
_entity_poly.nstd_monomer                   no 
_entity_poly.pdbx_seq_one_letter_code       
;MSMAMSQSNRELVVDFLSYKLSQKGYSWSQFSDVEENRTEAPEGTESEAVKQALREAGDEFELRYRRAFSDLTSQLHITP
GTAYQSFEQVVNELFRDGVNWGRIVAFFSFGGALCVESVDKEMQVLVSRIAAWMATYLNDHLEPWIQENGGWDTFVELYG
NNAAAESRKGQERLEHHHHHH
;
_entity_poly.pdbx_seq_one_letter_code_can   
;MSMAMSQSNRELVVDFLSYKLSQKGYSWSQFSDVEENRTEAPEGTESEAVKQALREAGDEFELRYRRAFSDLTSQLHITP
GTAYQSFEQVVNELFRDGVNWGRIVAFFSFGGALCVESVDKEMQVLVSRIAAWMATYLNDHLEPWIQENGGWDTFVELYG
NNAAAESRKGQERLEHHHHHH
;
_entity_poly.pdbx_strand_id                 A 
_entity_poly.pdbx_target_identifier         ? 
# 
loop_
_entity_poly_seq.entity_id 
_entity_poly_seq.num 
_entity_poly_seq.mon_id 
_entity_poly_seq.hetero 
1 1   MET n 
1 2   SER n 
1 3   MET n 
1 4   ALA n 
1 5   MET n 
1 6   SER n 
1 7   GLN n 
1 8   SER n 
1 9   ASN n 
1 10  ARG n 
1 11  GLU n 
1 12  LEU n 
1 13  VAL n 
1 14  VAL n 
1 15  ASP n 
1 16  PHE n 
1 17  LEU n 
1 18  SER n 
1 19  TYR n 
1 20  LYS n 
1 21  LEU n 
1 22  SER n 
1 23  GLN n 
1 24  LYS n 
1 25  GLY n 
1 26  TYR n 
1 27  SER n 
1 28  TRP n 
1 29  SER n 
1 30  GLN n 
1 31  PHE n 
1 32  SER n 
1 33  ASP n 
1 34  VAL n 
1 35  GLU n 
1 36  GLU n 
1 37  ASN n 
1 38  ARG n 
1 39  THR n 
1 40  GLU n 
1 41  ALA n 
1 42  PRO n 
1 43  GLU n 
1 44  GLY n 
1 45  THR n 
1 46  GLU n 
1 47  SER n 
1 48  GLU n 
1 49  ALA n 
1 50  VAL n 
1 51  LYS n 
1 52  GLN n 
1 53  ALA n 
1 54  LEU n 
1 55  ARG n 
1 56  GLU n 
1 57  ALA n 
1 58  GLY n 
1 59  ASP n 
1 60  GLU n 
1 61  PHE n 
1 62  GLU n 
1 63  LEU n 
1 64  ARG n 
1 65  TYR n 
1 66  ARG n 
1 67  ARG n 
1 68  ALA n 
1 69  PHE n 
1 70  SER n 
1 71  ASP n 
1 72  LEU n 
1 73  THR n 
1 74  SER n 
1 75  GLN n 
1 76  LEU n 
1 77  HIS n 
1 78  ILE n 
1 79  THR n 
1 80  PRO n 
1 81  GLY n 
1 82  THR n 
1 83  ALA n 
1 84  TYR n 
1 85  GLN n 
1 86  SER n 
1 87  PHE n 
1 88  GLU n 
1 89  GLN n 
1 90  VAL n 
1 91  VAL n 
1 92  ASN n 
1 93  GLU n 
1 94  LEU n 
1 95  PHE n 
1 96  ARG n 
1 97  ASP n 
1 98  GLY n 
1 99  VAL n 
1 100 ASN n 
1 101 TRP n 
1 102 GLY n 
1 103 ARG n 
1 104 ILE n 
1 105 VAL n 
1 106 ALA n 
1 107 PHE n 
1 108 PHE n 
1 109 SER n 
1 110 PHE n 
1 111 GLY n 
1 112 GLY n 
1 113 ALA n 
1 114 LEU n 
1 115 CYS n 
1 116 VAL n 
1 117 GLU n 
1 118 SER n 
1 119 VAL n 
1 120 ASP n 
1 121 LYS n 
1 122 GLU n 
1 123 MET n 
1 124 GLN n 
1 125 VAL n 
1 126 LEU n 
1 127 VAL n 
1 128 SER n 
1 129 ARG n 
1 130 ILE n 
1 131 ALA n 
1 132 ALA n 
1 133 TRP n 
1 134 MET n 
1 135 ALA n 
1 136 THR n 
1 137 TYR n 
1 138 LEU n 
1 139 ASN n 
1 140 ASP n 
1 141 HIS n 
1 142 LEU n 
1 143 GLU n 
1 144 PRO n 
1 145 TRP n 
1 146 ILE n 
1 147 GLN n 
1 148 GLU n 
1 149 ASN n 
1 150 GLY n 
1 151 GLY n 
1 152 TRP n 
1 153 ASP n 
1 154 THR n 
1 155 PHE n 
1 156 VAL n 
1 157 GLU n 
1 158 LEU n 
1 159 TYR n 
1 160 GLY n 
1 161 ASN n 
1 162 ASN n 
1 163 ALA n 
1 164 ALA n 
1 165 ALA n 
1 166 GLU n 
1 167 SER n 
1 168 ARG n 
1 169 LYS n 
1 170 GLY n 
1 171 GLN n 
1 172 GLU n 
1 173 ARG n 
1 174 LEU n 
1 175 GLU n 
1 176 HIS n 
1 177 HIS n 
1 178 HIS n 
1 179 HIS n 
1 180 HIS n 
1 181 HIS n 
# 
_entity_src_gen.entity_id                          1 
_entity_src_gen.pdbx_src_id                        1 
_entity_src_gen.pdbx_alt_source_flag               sample 
_entity_src_gen.pdbx_seq_type                      ? 
_entity_src_gen.pdbx_beg_seq_num                   ? 
_entity_src_gen.pdbx_end_seq_num                   ? 
_entity_src_gen.gene_src_common_name               HUMAN 
_entity_src_gen.gene_src_genus                     ? 
_entity_src_gen.pdbx_gene_src_gene                 ? 
_entity_src_gen.gene_src_species                   ? 
_entity_src_gen.gene_src_strain                    ? 
_entity_src_gen.gene_src_tissue                    ? 
_entity_src_gen.gene_src_tissue_fraction           ? 
_entity_src_gen.gene_src_details                   ? 
_entity_src_gen.pdbx_gene_src_fragment             ? 
_entity_src_gen.pdbx_gene_src_scientific_name      'HOMO SAPIENS' 
_entity_src_gen.pdbx_gene_src_ncbi_taxonomy_id     9606 
_entity_src_gen.pdbx_gene_src_variant              ? 
_entity_src_gen.pdbx_gene_src_cell_line            ? 
_entity_src_gen.pdbx_gene_src_atcc                 ? 
_entity_src_gen.pdbx_gene_src_organ                ? 
_entity_src_gen.pdbx_gene_src_organelle            ? 
_entity_src_gen.pdbx_gene_src_cell                 ? 
_entity_src_gen.pdbx_gene_src_cellular_location    ? 
_entity_src_gen.host_org_common_name               ? 
_entity_src_gen.pdbx_host_org_scientific_name      'ESCHERICHIA COLI' 
_entity_src_gen.pdbx_host_org_ncbi_taxonomy_id     469008 
_entity_src_gen.host_org_genus                     ? 
_entity_src_gen.pdbx_host_org_gene                 ? 
_entity_src_gen.pdbx_host_org_organ                ? 
_entity_src_gen.host_org_species                   ? 
_entity_src_gen.pdbx_host_org_tissue               ? 
_entity_src_gen.pdbx_host_org_tissue_fraction      ? 
_entity_src_gen.pdbx_host_org_strain               'BL21(DE3)' 
_entity_src_gen.pdbx_host_org_variant              ? 
_entity_src_gen.pdbx_host_org_cell_line            ? 
_entity_src_gen.pdbx_host_org_atcc                 ? 
_entity_src_gen.pdbx_host_org_culture_collection   ? 
_entity_src_gen.pdbx_host_org_cell                 ? 
_entity_src_gen.pdbx_host_org_organelle            ? 
_entity_src_gen.pdbx_host_org_cellular_location    ? 
_entity_src_gen.pdbx_host_org_vector_type          PLASMID 
_entity_src_gen.pdbx_host_org_vector               PGEX-6P3 
_entity_src_gen.host_org_details                   ? 
_entity_src_gen.expression_system_id               ? 
_entity_src_gen.plasmid_name                       ? 
_entity_src_gen.plasmid_details                    ? 
_entity_src_gen.pdbx_description                   ? 
# 
_struct_ref.id                         1 
_struct_ref.db_name                    UNP 
_struct_ref.db_code                    B2CL1_HUMAN 
_struct_ref.entity_id                  1 
_struct_ref.pdbx_seq_one_letter_code   ? 
_struct_ref.pdbx_align_begin           ? 
_struct_ref.pdbx_db_accession          Q07817 
_struct_ref.pdbx_db_isoform            ? 
# 
loop_
_struct_ref_seq.align_id 
_struct_ref_seq.ref_id 
_struct_ref_seq.pdbx_PDB_id_code 
_struct_ref_seq.pdbx_strand_id 
_struct_ref_seq.seq_align_beg 
_struct_ref_seq.pdbx_seq_align_beg_ins_code 
_struct_ref_seq.seq_align_end 
_struct_ref_seq.pdbx_seq_align_end_ins_code 
_struct_ref_seq.pdbx_db_accession 
_struct_ref_seq.db_align_beg 
_struct_ref_seq.pdbx_db_align_beg_ins_code 
_struct_ref_seq.db_align_end 
_struct_ref_seq.pdbx_db_align_end_ins_code 
_struct_ref_seq.pdbx_auth_seq_align_beg 
_struct_ref_seq.pdbx_auth_seq_align_end 
1 1 3ZLN A 5  ? 48  ? Q07817 1  ? 44  ? 1  44  
2 1 3ZLN A 49 ? 173 ? Q07817 85 ? 209 ? 85 209 
# 
loop_
_struct_ref_seq_dif.align_id 
_struct_ref_seq_dif.pdbx_pdb_id_code 
_struct_ref_seq_dif.mon_id 
_struct_ref_seq_dif.pdbx_pdb_strand_id 
_struct_ref_seq_dif.seq_num 
_struct_ref_seq_dif.pdbx_pdb_ins_code 
_struct_ref_seq_dif.pdbx_seq_db_name 
_struct_ref_seq_dif.pdbx_seq_db_accession_code 
_struct_ref_seq_dif.db_mon_id 
_struct_ref_seq_dif.pdbx_seq_db_seq_num 
_struct_ref_seq_dif.details 
_struct_ref_seq_dif.pdbx_auth_seq_num 
_struct_ref_seq_dif.pdbx_ordinal 
1 3ZLN MET A 1   ? UNP Q07817 ? ? 'expression tag' -3  1  
1 3ZLN SER A 2   ? UNP Q07817 ? ? 'expression tag' -2  2  
1 3ZLN MET A 3   ? UNP Q07817 ? ? 'expression tag' -1  3  
1 3ZLN ALA A 4   ? UNP Q07817 ? ? 'expression tag' 0   4  
1 3ZLN LEU A 174 ? UNP Q07817 ? ? 'expression tag' 210 5  
1 3ZLN GLU A 175 ? UNP Q07817 ? ? 'expression tag' 211 6  
1 3ZLN HIS A 176 ? UNP Q07817 ? ? 'expression tag' 212 7  
1 3ZLN HIS A 177 ? UNP Q07817 ? ? 'expression tag' 213 8  
1 3ZLN HIS A 178 ? UNP Q07817 ? ? 'expression tag' 214 9  
1 3ZLN HIS A 179 ? UNP Q07817 ? ? 'expression tag' 215 10 
1 3ZLN HIS A 180 ? UNP Q07817 ? ? 'expression tag' 216 11 
1 3ZLN HIS A 181 ? UNP Q07817 ? ? 'expression tag' 217 12 
# 
loop_
_chem_comp.id 
_chem_comp.type 
_chem_comp.mon_nstd_flag 
_chem_comp.name 
_chem_comp.pdbx_synonyms 
_chem_comp.formula 
_chem_comp.formula_weight 
ALA 'L-peptide linking' y ALANINE ?                 'C3 H7 N O2'      89.093  
ARG 'L-peptide linking' y ARGININE ?                 'C6 H15 N4 O2 1'  175.209 
ASN 'L-peptide linking' y ASPARAGINE ?                 'C4 H8 N2 O3'     132.118 
ASP 'L-peptide linking' y 'ASPARTIC ACID' ?                 'C4 H7 N O4'      133.103 
CYS 'L-peptide linking' y CYSTEINE ?                 'C3 H7 N O2 S'    121.158 
EDO non-polymer         . 1,2-ETHANEDIOL 'ETHYLENE GLYCOL' 'C2 H6 O2'        62.068  
GLN 'L-peptide linking' y GLUTAMINE ?                 'C5 H10 N2 O3'    146.144 
GLU 'L-peptide linking' y 'GLUTAMIC ACID' ?                 'C5 H9 N O4'      147.129 
GLY 'peptide linking'   y GLYCINE ?                 'C2 H5 N O2'      75.067  
H0Y non-polymer         . 
'6-[(8E)-8-(1,3-benzothiazol-2-ylhydrazinylidene)-6,7-dihydro-5H-naphthalen-2-yl]pyridine-2-carboxylic acid' ?                 
'C23 H18 N4 O2 S' 414.480 
HIS 'L-peptide linking' y HISTIDINE ?                 'C6 H10 N3 O2 1'  156.162 
HOH non-polymer         . WATER ?                 'H2 O'            18.015  
ILE 'L-peptide linking' y ISOLEUCINE ?                 'C6 H13 N O2'     131.173 
LEU 'L-peptide linking' y LEUCINE ?                 'C6 H13 N O2'     131.173 
LYS 'L-peptide linking' y LYSINE ?                 'C6 H15 N2 O2 1'  147.195 
MET 'L-peptide linking' y METHIONINE ?                 'C5 H11 N O2 S'   149.211 
PHE 'L-peptide linking' y PHENYLALANINE ?                 'C9 H11 N O2'     165.189 
PRO 'L-peptide linking' y PROLINE ?                 'C5 H9 N O2'      115.130 
SER 'L-peptide linking' y SERINE ?                 'C3 H7 N O3'      105.093 
SO4 non-polymer         . 'SULFATE ION' ?                 'O4 S -2'         96.063  
THR 'L-peptide linking' y THREONINE ?                 'C4 H9 N O3'      119.119 
TRP 'L-peptide linking' y TRYPTOPHAN ?                 'C11 H12 N2 O2'   204.225 
TYR 'L-peptide linking' y TYROSINE ?                 'C9 H11 N O3'     181.189 
VAL 'L-peptide linking' y VALINE ?                 'C5 H11 N O2'     117.146 
# 
_exptl.entry_id          3ZLN 
_exptl.method            'X-RAY DIFFRACTION' 
_exptl.crystals_number   1 
# 
_exptl_crystal.id                    1 
_exptl_crystal.density_meas          ? 
_exptl_crystal.density_Matthews      3.01 
_exptl_crystal.density_percent_sol   59.01 
_exptl_crystal.description           NONE 
# 
_exptl_crystal_grow.crystal_id      1 
_exptl_crystal_grow.method          ? 
_exptl_crystal_grow.temp            ? 
_exptl_crystal_grow.temp_details    ? 
_exptl_crystal_grow.pH              8.0 
_exptl_crystal_grow.pdbx_pH_range   ? 
_exptl_crystal_grow.pdbx_details    '1.8 M (NH4)2 SO4, 40 MM MG2 SO4, 10 MM TRIS PH 8.0' 
# 
_diffrn.id                     1 
_diffrn.ambient_temp           100 
_diffrn.ambient_temp_details   ? 
_diffrn.crystal_id             1 
# 
_diffrn_detector.diffrn_id              1 
_diffrn_detector.detector               'IMAGE PLATE' 
_diffrn_detector.type                   'RIGAKU RAXIS-IV' 
_diffrn_detector.pdbx_collection_date   2006-10-25 
_diffrn_detector.details                'MEECO CAPILLARY' 
# 
_diffrn_radiation.diffrn_id                        1 
_diffrn_radiation.wavelength_id                    1 
_diffrn_radiation.pdbx_monochromatic_or_laue_m_l   M 
_diffrn_radiation.monochromator                    'NI FILTER' 
_diffrn_radiation.pdbx_diffrn_protocol             'SINGLE WAVELENGTH' 
_diffrn_radiation.pdbx_scattering_type             x-ray 
# 
_diffrn_radiation_wavelength.id           1 
_diffrn_radiation_wavelength.wavelength   1.5418 
_diffrn_radiation_wavelength.wt           1.0 
# 
_diffrn_source.diffrn_id                   1 
_diffrn_source.source                      'ROTATING ANODE' 
_diffrn_source.type                        'RIGAKU MICROMAX' 
_diffrn_source.pdbx_synchrotron_site       ? 
_diffrn_source.pdbx_synchrotron_beamline   ? 
_diffrn_source.pdbx_wavelength             1.5418 
_diffrn_source.pdbx_wavelength_list        ? 
# 
_reflns.pdbx_diffrn_id               1 
_reflns.pdbx_ordinal                 1 
_reflns.entry_id                     3ZLN 
_reflns.observed_criterion_sigma_I   -3.0 
_reflns.observed_criterion_sigma_F   ? 
_reflns.d_resolution_low             50.00 
_reflns.d_resolution_high            2.29 
_reflns.number_obs                   11658 
_reflns.number_all                   ? 
_reflns.percent_possible_obs         96.8 
_reflns.pdbx_Rmerge_I_obs            0.13 
_reflns.pdbx_Rsym_value              ? 
_reflns.pdbx_netI_over_sigmaI        8.95 
_reflns.B_iso_Wilson_estimate        ? 
_reflns.pdbx_redundancy              3.3 
_reflns.pdbx_CC_half                 ? 
_reflns.pdbx_Rpim_I_all              ? 
_reflns.pdbx_Rrim_I_all              ? 
# 
_reflns_shell.pdbx_diffrn_id         1 
_reflns_shell.pdbx_ordinal           1 
_reflns_shell.d_res_high             2.29 
_reflns_shell.d_res_low              2.37 
_reflns_shell.percent_possible_all   93.2 
_reflns_shell.Rmerge_I_obs           0.50 
_reflns_shell.pdbx_Rsym_value        ? 
_reflns_shell.meanI_over_sigI_obs    2.75 
_reflns_shell.pdbx_redundancy        3 
_reflns_shell.number_measured_obs    ? 
_reflns_shell.number_unique_all      ? 
_reflns_shell.number_unique_obs      ? 
_reflns_shell.pdbx_CC_half           ? 
_reflns_shell.pdbx_Rpim_I_all        ? 
_reflns_shell.pdbx_Rrim_I_all        ? 
# 
_refine.pdbx_refine_id                           'X-RAY DIFFRACTION' 
_refine.entry_id                                 3ZLN 
_refine.pdbx_diffrn_id                           1 
_refine.pdbx_TLS_residual_ADP_flag               ? 
_refine.ls_number_reflns_obs                     11658 
_refine.ls_number_reflns_all                     ? 
_refine.pdbx_ls_sigma_I                          ? 
_refine.pdbx_ls_sigma_F                          1.35 
_refine.pdbx_data_cutoff_high_absF               ? 
_refine.pdbx_data_cutoff_low_absF                ? 
_refine.pdbx_data_cutoff_high_rms_absF           ? 
_refine.ls_d_res_low                             31.682 
_refine.ls_d_res_high                            2.288 
_refine.ls_percent_reflns_obs                    96.82 
_refine.ls_R_factor_obs                          0.1864 
_refine.ls_R_factor_all                          ? 
_refine.ls_R_factor_R_work                       0.1835 
_refine.ls_R_factor_R_free                       0.2465 
_refine.ls_R_factor_R_free_error                 ? 
_refine.ls_R_factor_R_free_error_details         ? 
_refine.ls_percent_reflns_R_free                 4.7 
_refine.ls_number_reflns_R_free                  551 
_refine.ls_number_parameters                     ? 
_refine.ls_number_restraints                     ? 
_refine.occupancy_min                            ? 
_refine.occupancy_max                            ? 
_refine.correlation_coeff_Fo_to_Fc               ? 
_refine.correlation_coeff_Fo_to_Fc_free          ? 
_refine.B_iso_mean                               ? 
_refine.aniso_B[1][1]                            ? 
_refine.aniso_B[2][2]                            ? 
_refine.aniso_B[3][3]                            ? 
_refine.aniso_B[1][2]                            ? 
_refine.aniso_B[1][3]                            ? 
_refine.aniso_B[2][3]                            ? 
_refine.solvent_model_details                    'FLAT BULK SOLVENT MODEL' 
_refine.solvent_model_param_ksol                 ? 
_refine.solvent_model_param_bsol                 ? 
_refine.pdbx_solvent_vdw_probe_radii             1.11 
_refine.pdbx_solvent_ion_probe_radii             ? 
_refine.pdbx_solvent_shrinkage_radii             0.90 
_refine.pdbx_ls_cross_valid_method               ? 
_refine.details                                  ? 
_refine.pdbx_starting_model                      'PDB ENTRY 3ZK6 CHAIN A' 
_refine.pdbx_method_to_determine_struct          'MOLECULAR REPLACEMENT' 
_refine.pdbx_isotropic_thermal_model             ? 
_refine.pdbx_stereochemistry_target_values       ML 
_refine.pdbx_stereochem_target_val_spec_case     ? 
_refine.pdbx_R_Free_selection_details            ? 
_refine.pdbx_overall_ESU_R                       ? 
_refine.pdbx_overall_ESU_R_Free                  ? 
_refine.overall_SU_ML                            0.21 
_refine.pdbx_overall_phase_error                 23.01 
_refine.overall_SU_B                             ? 
_refine.overall_SU_R_Cruickshank_DPI             ? 
_refine.pdbx_overall_SU_R_free_Cruickshank_DPI   ? 
_refine.pdbx_overall_SU_R_Blow_DPI               ? 
_refine.pdbx_overall_SU_R_free_Blow_DPI          ? 
# 
_refine_hist.pdbx_refine_id                   'X-RAY DIFFRACTION' 
_refine_hist.cycle_id                         LAST 
_refine_hist.pdbx_number_atoms_protein        1161 
_refine_hist.pdbx_number_atoms_nucleic_acid   0 
_refine_hist.pdbx_number_atoms_ligand         55 
_refine_hist.number_atoms_solvent             146 
_refine_hist.number_atoms_total               1362 
_refine_hist.d_res_high                       2.288 
_refine_hist.d_res_low                        31.682 
# 
loop_
_refine_ls_restr.type 
_refine_ls_restr.dev_ideal 
_refine_ls_restr.dev_ideal_target 
_refine_ls_restr.weight 
_refine_ls_restr.number 
_refine_ls_restr.pdbx_refine_id 
_refine_ls_restr.pdbx_restraint_function 
f_bond_d           0.007  ? ? 1260 'X-RAY DIFFRACTION' ? 
f_angle_d          1.140  ? ? 1699 'X-RAY DIFFRACTION' ? 
f_dihedral_angle_d 13.109 ? ? 444  'X-RAY DIFFRACTION' ? 
f_chiral_restr     0.078  ? ? 170  'X-RAY DIFFRACTION' ? 
f_plane_restr      0.004  ? ? 216  'X-RAY DIFFRACTION' ? 
# 
loop_
_refine_ls_shell.pdbx_refine_id 
_refine_ls_shell.pdbx_total_number_of_bins_used 
_refine_ls_shell.d_res_high 
_refine_ls_shell.d_res_low 
_refine_ls_shell.number_reflns_R_work 
_refine_ls_shell.R_factor_R_work 
_refine_ls_shell.percent_reflns_obs 
_refine_ls_shell.R_factor_R_free 
_refine_ls_shell.R_factor_R_free_error 
_refine_ls_shell.percent_reflns_R_free 
_refine_ls_shell.number_reflns_R_free 
_refine_ls_shell.number_reflns_all 
_refine_ls_shell.R_factor_all 
_refine_ls_shell.R_factor_obs 
_refine_ls_shell.number_reflns_obs 
'X-RAY DIFFRACTION' . 2.2878 2.5180  2646 0.2380 95.00 0.2989 . . 135 . . . . 
'X-RAY DIFFRACTION' . 2.5180 2.8821  2727 0.2004 97.00 0.2872 . . 135 . . . . 
'X-RAY DIFFRACTION' . 2.8821 3.6303  2769 0.1692 98.00 0.2250 . . 150 . . . . 
'X-RAY DIFFRACTION' . 3.6303 31.6849 2965 0.1685 98.00 0.2254 . . 131 . . . . 
# 
_struct.entry_id                  3ZLN 
_struct.title                     'Crystal structure of BCL-XL in complex with inhibitor (Compound 3)' 
_struct.pdbx_model_details        ? 
_struct.pdbx_CASP_flag            ? 
_struct.pdbx_model_type_details   ? 
# 
_struct_keywords.entry_id        3ZLN 
_struct_keywords.pdbx_keywords   APOPTOSIS 
_struct_keywords.text            'APOPTOSIS, INHIBITOR' 
# 
loop_
_struct_asym.id 
_struct_asym.pdbx_blank_PDB_chainid_flag 
_struct_asym.pdbx_modified 
_struct_asym.entity_id 
_struct_asym.details 
A N N 1 ? 
B N N 2 ? 
C N N 3 ? 
D N N 4 ? 
E N N 4 ? 
F N N 4 ? 
G N N 4 ? 
H N N 4 ? 
I N N 5 ? 
# 
loop_
_struct_conf.conf_type_id 
_struct_conf.id 
_struct_conf.pdbx_PDB_helix_id 
_struct_conf.beg_label_comp_id 
_struct_conf.beg_label_asym_id 
_struct_conf.beg_label_seq_id 
_struct_conf.pdbx_beg_PDB_ins_code 
_struct_conf.end_label_comp_id 
_struct_conf.end_label_asym_id 
_struct_conf.end_label_seq_id 
_struct_conf.pdbx_end_PDB_ins_code 
_struct_conf.beg_auth_comp_id 
_struct_conf.beg_auth_asym_id 
_struct_conf.beg_auth_seq_id 
_struct_conf.end_auth_comp_id 
_struct_conf.end_auth_asym_id 
_struct_conf.end_auth_seq_id 
_struct_conf.pdbx_PDB_helix_class 
_struct_conf.details 
_struct_conf.pdbx_PDB_helix_length 
HELX_P HELX_P1  1  MET A 5   ? GLY A 25  ? MET A 1   GLY A 21  1 ? 21 
HELX_P HELX_P2  2  THR A 45  ? TYR A 65  ? THR A 41  TYR A 101 1 ? 21 
HELX_P HELX_P3  3  ARG A 66  ? PHE A 69  ? ARG A 102 PHE A 105 5 ? 4  
HELX_P HELX_P4  4  ASP A 71  ? LEU A 76  ? ASP A 107 LEU A 112 5 ? 6  
HELX_P HELX_P5  5  ALA A 83  ? ASN A 92  ? ALA A 119 ASN A 128 1 ? 10 
HELX_P HELX_P6  6  GLU A 93  ? ARG A 96  ? GLU A 129 ARG A 132 5 ? 4  
HELX_P HELX_P7  7  ASN A 100 ? LYS A 121 ? ASN A 136 LYS A 157 1 ? 22 
HELX_P HELX_P8  8  VAL A 125 ? LEU A 142 ? VAL A 161 LEU A 178 1 ? 18 
HELX_P HELX_P9  9  LEU A 142 ? ASN A 149 ? LEU A 178 ASN A 185 1 ? 8  
HELX_P HELX_P10 10 GLY A 150 ? GLY A 160 ? GLY A 186 GLY A 196 1 ? 11 
# 
_struct_conf_type.id          HELX_P 
_struct_conf_type.criteria    ? 
_struct_conf_type.reference   ? 
# 
loop_
_struct_site.id 
_struct_site.pdbx_evidence_code 
_struct_site.pdbx_auth_asym_id 
_struct_site.pdbx_auth_comp_id 
_struct_site.pdbx_auth_seq_id 
_struct_site.pdbx_auth_ins_code 
_struct_site.pdbx_num_residues 
_struct_site.details 
AC1 Software A H0Y 1197 ? 14 'BINDING SITE FOR RESIDUE H0Y A 1197' 
AC2 Software A SO4 1198 ? 6  'BINDING SITE FOR RESIDUE SO4 A 1198' 
AC3 Software A EDO 1199 ? 3  'BINDING SITE FOR RESIDUE EDO A 1199' 
AC4 Software A EDO 1200 ? 4  'BINDING SITE FOR RESIDUE EDO A 1200' 
AC5 Software A EDO 1201 ? 4  'BINDING SITE FOR RESIDUE EDO A 1201' 
AC6 Software A EDO 1202 ? 7  'BINDING SITE FOR RESIDUE EDO A 1202' 
AC7 Software A EDO 1203 ? 6  'BINDING SITE FOR RESIDUE EDO A 1203' 
# 
loop_
_struct_site_gen.id 
_struct_site_gen.site_id 
_struct_site_gen.pdbx_num_res 
_struct_site_gen.label_comp_id 
_struct_site_gen.label_asym_id 
_struct_site_gen.label_seq_id 
_struct_site_gen.pdbx_auth_ins_code 
_struct_site_gen.auth_comp_id 
_struct_site_gen.auth_asym_id 
_struct_site_gen.auth_seq_id 
_struct_site_gen.label_atom_id 
_struct_site_gen.label_alt_id 
_struct_site_gen.symmetry 
_struct_site_gen.details 
1  AC1 14 PHE A 69  ? PHE A 105  . ? 1_555 ? 
2  AC1 14 SER A 70  ? SER A 106  . ? 1_555 ? 
3  AC1 14 ASP A 71  ? ASP A 107  . ? 1_555 ? 
4  AC1 14 LEU A 72  ? LEU A 108  . ? 1_555 ? 
5  AC1 14 GLU A 93  ? GLU A 129  . ? 1_555 ? 
6  AC1 14 LEU A 94  ? LEU A 130  . ? 1_555 ? 
7  AC1 14 ARG A 96  ? ARG A 132  . ? 1_555 ? 
8  AC1 14 ASN A 100 ? ASN A 136  . ? 1_555 ? 
9  AC1 14 GLY A 102 ? GLY A 138  . ? 1_555 ? 
10 AC1 14 ARG A 103 ? ARG A 139  . ? 1_555 ? 
11 AC1 14 PHE A 110 ? PHE A 146  . ? 1_555 ? 
12 AC1 14 SO4 C .   ? SO4 A 1198 . ? 1_555 ? 
13 AC1 14 HOH I .   ? HOH A 2112 . ? 5_445 ? 
14 AC1 14 HOH I .   ? HOH A 2143 . ? 1_555 ? 
15 AC2 6  PHE A 69  ? PHE A 105  . ? 1_555 ? 
16 AC2 6  SER A 70  ? SER A 106  . ? 1_555 ? 
17 AC2 6  ARG A 96  ? ARG A 132  . ? 1_555 ? 
18 AC2 6  VAL A 125 ? VAL A 161  . ? 5_445 ? 
19 AC2 6  H0Y B .   ? H0Y A 1197 . ? 1_555 ? 
20 AC2 6  HOH I .   ? HOH A 2060 . ? 1_555 ? 
21 AC3 3  LYS A 24  ? LYS A 20   . ? 1_555 ? 
22 AC3 3  GLU A 62  ? GLU A 98   . ? 1_555 ? 
23 AC3 3  GLU A 148 ? GLU A 184  . ? 3_455 ? 
24 AC4 4  ASN A 100 ? ASN A 136  . ? 1_555 ? 
25 AC4 4  TRP A 101 ? TRP A 137  . ? 1_555 ? 
26 AC4 4  GLY A 102 ? GLY A 138  . ? 1_555 ? 
27 AC4 4  TYR A 159 ? TYR A 195  . ? 1_555 ? 
28 AC5 4  ARG A 55  ? ARG A 91   . ? 1_555 ? 
29 AC5 4  GLU A 56  ? GLU A 92   . ? 1_555 ? 
30 AC5 4  EDO G .   ? EDO A 1202 . ? 1_555 ? 
31 AC5 4  EDO H .   ? EDO A 1203 . ? 1_555 ? 
32 AC6 7  TYR A 19  ? TYR A 15   . ? 1_555 ? 
33 AC6 7  GLN A 23  ? GLN A 19   . ? 1_555 ? 
34 AC6 7  PRO A 144 ? PRO A 180  . ? 3_455 ? 
35 AC6 7  GLN A 147 ? GLN A 183  . ? 3_455 ? 
36 AC6 7  GLU A 148 ? GLU A 184  . ? 3_455 ? 
37 AC6 7  EDO F .   ? EDO A 1201 . ? 1_555 ? 
38 AC6 7  HOH I .   ? HOH A 2145 . ? 1_555 ? 
39 AC7 6  TYR A 19  ? TYR A 15   . ? 1_555 ? 
40 AC7 6  ASN A 139 ? ASN A 175  . ? 3_455 ? 
41 AC7 6  ASP A 140 ? ASP A 176  . ? 3_455 ? 
42 AC7 6  PRO A 144 ? PRO A 180  . ? 3_455 ? 
43 AC7 6  EDO F .   ? EDO A 1201 . ? 1_555 ? 
44 AC7 6  HOH I .   ? HOH A 2145 . ? 1_555 ? 
# 
_atom_sites.entry_id                    3ZLN 
_atom_sites.fract_transf_matrix[1][1]   0.00414612 
_atom_sites.fract_transf_matrix[1][2]   0.00567229 
_atom_sites.fract_transf_matrix[1][3]   -0.01344709 
_atom_sites.fract_transf_matrix[2][1]   -0.01414586 
_atom_sites.fract_transf_matrix[2][2]   -0.00187752 
_atom_sites.fract_transf_matrix[2][3]   -0.00515355 
_atom_sites.fract_transf_matrix[3][1]   -0.00205669 
_atom_sites.fract_transf_matrix[3][2]   0.00798776 
_atom_sites.fract_transf_matrix[3][3]   0.00273529 
_atom_sites.fract_transf_vector[1]      -0.377985 
_atom_sites.fract_transf_vector[2]      -0.049402 
_atom_sites.fract_transf_vector[3]      0.139124 
# 
loop_
_atom_type.symbol 
C 
N 
O 
S 
# 
loop_
_atom_site.group_PDB 
_atom_site.id 
_atom_site.type_symbol 
_atom_site.label_atom_id 
_atom_site.label_alt_id 
_atom_site.label_comp_id 
_atom_site.label_asym_id 
_atom_site.label_entity_id 
_atom_site.label_seq_id 
_atom_site.pdbx_PDB_ins_code 
_atom_site.Cartn_x 
_atom_site.Cartn_y 
_atom_site.Cartn_z 
_atom_site.occupancy 
_atom_site.B_iso_or_equiv 
_atom_site.pdbx_formal_charge 
_atom_site.auth_seq_id 
_atom_site.auth_comp_id 
_atom_site.auth_asym_id 
_atom_site.auth_atom_id 
_atom_site.pdbx_PDB_model_num 
ATOM   1    N N   . MET A 1 5   ? -5.307  -10.872 11.886  1.00  69.79 ? 1    MET A N   1 
ATOM   2    C CA  . MET A 1 5   ? -6.603  -10.842 11.217  1.00  61.72 ? 1    MET A CA  1 
ATOM   3    C C   . MET A 1 5   ? -6.507  -10.238 9.814   1.00  67.50 ? 1    MET A C   1 
ATOM   4    O O   . MET A 1 5   ? -5.792  -9.258  9.581   1.00  60.48 ? 1    MET A O   1 
ATOM   5    C CB  . MET A 1 5   ? -7.636  -10.072 12.049  1.00  62.04 ? 1    MET A CB  1 
ATOM   6    C CG  . MET A 1 5   ? -9.061  -10.099 11.479  1.00  65.54 ? 1    MET A CG  1 
ATOM   7    S SD  . MET A 1 5   ? -9.947  -11.660 11.762  1.00  91.22 ? 1    MET A SD  1 
ATOM   8    C CE  . MET A 1 5   ? -9.602  -12.604 10.271  1.00  51.90 ? 1    MET A CE  1 
ATOM   9    N N   . SER A 1 6   ? -7.246  -10.835 8.886   1.00  66.12 ? 2    SER A N   1 
ATOM   10   C CA  . SER A 1 6   ? -7.257  -10.404 7.498   1.00  58.18 ? 2    SER A CA  1 
ATOM   11   C C   . SER A 1 6   ? -8.220  -9.243  7.282   1.00  52.16 ? 2    SER A C   1 
ATOM   12   O O   . SER A 1 6   ? -8.120  -8.523  6.284   1.00  44.79 ? 2    SER A O   1 
ATOM   13   C CB  . SER A 1 6   ? -7.629  -11.580 6.593   1.00  63.57 ? 2    SER A CB  1 
ATOM   14   O OG  . SER A 1 6   ? -8.762  -12.264 7.093   1.00  62.23 ? 2    SER A OG  1 
ATOM   15   N N   . GLN A 1 7   ? -9.150  -9.072  8.221   1.00  61.04 ? 3    GLN A N   1 
ATOM   16   C CA  . GLN A 1 7   ? -10.105 -7.963  8.186   1.00  56.25 ? 3    GLN A CA  1 
ATOM   17   C C   . GLN A 1 7   ? -9.474  -6.680  8.732   1.00  54.47 ? 3    GLN A C   1 
ATOM   18   O O   . GLN A 1 7   ? -9.778  -5.579  8.264   1.00  49.05 ? 3    GLN A O   1 
ATOM   19   C CB  . GLN A 1 7   ? -11.384 -8.311  8.961   1.00  51.64 ? 3    GLN A CB  1 
ATOM   20   C CG  . GLN A 1 7   ? -12.445 -7.198  9.003   1.00  56.61 ? 3    GLN A CG  1 
ATOM   21   C CD  . GLN A 1 7   ? -13.085 -6.902  7.642   1.00  70.88 ? 3    GLN A CD  1 
ATOM   22   O OE1 . GLN A 1 7   ? -13.303 -7.804  6.829   1.00  71.83 ? 3    GLN A OE1 1 
ATOM   23   N NE2 . GLN A 1 7   ? -13.387 -5.628  7.396   1.00  66.76 ? 3    GLN A NE2 1 
ATOM   24   N N   . SER A 1 8   ? -8.592  -6.815  9.718   1.00  55.12 ? 4    SER A N   1 
ATOM   25   C CA  . SER A 1 8   ? -7.861  -5.648  10.198  1.00  47.66 ? 4    SER A CA  1 
ATOM   26   C C   . SER A 1 8   ? -6.860  -5.163  9.136   1.00  37.49 ? 4    SER A C   1 
ATOM   27   O O   . SER A 1 8   ? -6.630  -3.966  9.016   1.00  33.58 ? 4    SER A O   1 
ATOM   28   C CB  . SER A 1 8   ? -7.181  -5.909  11.549  1.00  34.54 ? 4    SER A CB  1 
ATOM   29   O OG  . SER A 1 8   ? -5.855  -6.392  11.390  1.00  55.56 ? 4    SER A OG  1 
ATOM   30   N N   . ASN A 1 9   ? -6.284  -6.086  8.363   1.00  30.57 ? 5    ASN A N   1 
ATOM   31   C CA  . ASN A 1 9   ? -5.424  -5.707  7.243   1.00  37.86 ? 5    ASN A CA  1 
ATOM   32   C C   . ASN A 1 9   ? -6.192  -4.938  6.160   1.00  30.37 ? 5    ASN A C   1 
ATOM   33   O O   . ASN A 1 9   ? -5.681  -3.997  5.552   1.00  29.90 ? 5    ASN A O   1 
ATOM   34   C CB  . ASN A 1 9   ? -4.749  -6.933  6.623   1.00  37.88 ? 5    ASN A CB  1 
ATOM   35   C CG  . ASN A 1 9   ? -3.514  -7.373  7.388   1.00  44.95 ? 5    ASN A CG  1 
ATOM   36   O OD1 . ASN A 1 9   ? -2.997  -6.637  8.233   1.00  41.54 ? 5    ASN A OD1 1 
ATOM   37   N ND2 . ASN A 1 9   ? -3.025  -8.574  7.084   1.00  38.79 ? 5    ASN A ND2 1 
ATOM   38   N N   . ARG A 1 10  ? -7.424  -5.365  5.929   1.00  35.85 ? 6    ARG A N   1 
ATOM   39   C CA  . ARG A 1 10  ? -8.315  -4.740  4.963   1.00  37.16 ? 6    ARG A CA  1 
ATOM   40   C C   . ARG A 1 10  ? -8.652  -3.311  5.382   1.00  28.37 ? 6    ARG A C   1 
ATOM   41   O O   . ARG A 1 10  ? -8.711  -2.399  4.552   1.00  24.32 ? 6    ARG A O   1 
ATOM   42   C CB  . ARG A 1 10  ? -9.587  -5.579  4.854   1.00  37.99 ? 6    ARG A CB  1 
ATOM   43   C CG  . ARG A 1 10  ? -10.547 -5.158  3.769   1.00  50.65 ? 6    ARG A CG  1 
ATOM   44   C CD  . ARG A 1 10  ? -11.555 -6.273  3.521   1.00  69.96 ? 6    ARG A CD  1 
ATOM   45   N NE  . ARG A 1 10  ? -10.890 -7.572  3.402   1.00  76.74 ? 6    ARG A NE  1 
ATOM   46   C CZ  . ARG A 1 10  ? -10.521 -8.128  2.248   1.00  87.81 ? 6    ARG A CZ  1 
ATOM   47   N NH1 . ARG A 1 10  ? -10.759 -7.507  1.089   1.00  52.24 ? 6    ARG A NH1 1 
ATOM   48   N NH2 . ARG A 1 10  ? -9.915  -9.314  2.255   1.00  77.87 ? 6    ARG A NH2 1 
ATOM   49   N N   . GLU A 1 11  ? -8.871  -3.125  6.678   1.00  31.18 ? 7    GLU A N   1 
ATOM   50   C CA  . GLU A 1 11  ? -9.155  -1.807  7.221   1.00  33.14 ? 7    GLU A CA  1 
ATOM   51   C C   . GLU A 1 11  ? -7.916  -0.947  7.113   1.00  28.10 ? 7    GLU A C   1 
ATOM   52   O O   . GLU A 1 11  ? -8.003  0.247   6.847   1.00  28.41 ? 7    GLU A O   1 
ATOM   53   C CB  . GLU A 1 11  ? -9.539  -1.901  8.691   1.00  37.22 ? 7    GLU A CB  1 
ATOM   54   C CG  . GLU A 1 11  ? -10.911 -2.469  8.972   1.00  48.93 ? 7    GLU A CG  1 
ATOM   55   C CD  . GLU A 1 11  ? -11.238 -2.408  10.454  1.00  73.45 ? 7    GLU A CD  1 
ATOM   56   O OE1 . GLU A 1 11  ? -10.503 -1.709  11.196  1.00  65.48 ? 7    GLU A OE1 1 
ATOM   57   O OE2 . GLU A 1 11  ? -12.222 -3.059  10.872  1.00  78.41 ? 7    GLU A OE2 1 
ATOM   58   N N   . LEU A 1 12  ? -6.767  -1.570  7.353   1.00  22.67 ? 8    LEU A N   1 
ATOM   59   C CA  . LEU A 1 12  ? -5.484  -0.894  7.324   1.00  25.13 ? 8    LEU A CA  1 
ATOM   60   C C   . LEU A 1 12  ? -5.210  -0.359  5.922   1.00  21.82 ? 8    LEU A C   1 
ATOM   61   O O   . LEU A 1 12  ? -4.801  0.783   5.761   1.00  17.86 ? 8    LEU A O   1 
ATOM   62   C CB  . LEU A 1 12  ? -4.382  -1.863  7.742   1.00  20.98 ? 8    LEU A CB  1 
ATOM   63   C CG  . LEU A 1 12  ? -2.984  -1.282  7.902   1.00  21.85 ? 8    LEU A CG  1 
ATOM   64   C CD1 . LEU A 1 12  ? -3.028  -0.076  8.839   1.00  23.23 ? 8    LEU A CD1 1 
ATOM   65   C CD2 . LEU A 1 12  ? -2.041  -2.340  8.430   1.00  21.91 ? 8    LEU A CD2 1 
ATOM   66   N N   . VAL A 1 13  ? -5.456  -1.185  4.910   1.00  19.01 ? 9    VAL A N   1 
ATOM   67   C CA  . VAL A 1 13  ? -5.265  -0.760  3.533   1.00  22.42 ? 9    VAL A CA  1 
ATOM   68   C C   . VAL A 1 13  ? -6.205  0.400   3.216   1.00  18.19 ? 9    VAL A C   1 
ATOM   69   O O   . VAL A 1 13  ? -5.786  1.418   2.664   1.00  18.17 ? 9    VAL A O   1 
ATOM   70   C CB  . VAL A 1 13  ? -5.547  -1.914  2.541   1.00  22.21 ? 9    VAL A CB  1 
ATOM   71   C CG1 . VAL A 1 13  ? -5.751  -1.375  1.121   1.00  14.33 ? 9    VAL A CG1 1 
ATOM   72   C CG2 . VAL A 1 13  ? -4.437  -2.950  2.583   1.00  21.31 ? 9    VAL A CG2 1 
ATOM   73   N N   . VAL A 1 14  ? -7.477  0.239   3.566   1.00  18.85 ? 10   VAL A N   1 
ATOM   74   C CA  . VAL A 1 14  ? -8.474  1.244   3.245   1.00  24.37 ? 10   VAL A CA  1 
ATOM   75   C C   . VAL A 1 14  ? -8.133  2.561   3.919   1.00  22.45 ? 10   VAL A C   1 
ATOM   76   O O   . VAL A 1 14  ? -8.206  3.628   3.292   1.00  17.85 ? 10   VAL A O   1 
ATOM   77   C CB  . VAL A 1 14  ? -9.908  0.775   3.582   1.00  20.34 ? 10   VAL A CB  1 
ATOM   78   C CG1 . VAL A 1 14  ? -10.880 1.947   3.570   1.00  21.33 ? 10   VAL A CG1 1 
ATOM   79   C CG2 . VAL A 1 14  ? -10.347 -0.258  2.572   1.00  23.00 ? 10   VAL A CG2 1 
ATOM   80   N N   . ASP A 1 15  ? -7.715  2.481   5.179   1.00  19.14 ? 11   ASP A N   1 
ATOM   81   C CA  . ASP A 1 15  ? -7.286  3.670   5.891   1.00  16.66 ? 11   ASP A CA  1 
ATOM   82   C C   . ASP A 1 15  ? -6.155  4.380   5.148   1.00  19.92 ? 11   ASP A C   1 
ATOM   83   O O   . ASP A 1 15  ? -6.190  5.601   4.989   1.00  23.78 ? 11   ASP A O   1 
ATOM   84   C CB  . ASP A 1 15  ? -6.834  3.342   7.310   1.00  16.90 ? 11   ASP A CB  1 
ATOM   85   C CG  . ASP A 1 15  ? -6.371  4.572   8.058   1.00  22.02 ? 11   ASP A CG  1 
ATOM   86   O OD1 . ASP A 1 15  ? -5.178  4.942   7.929   1.00  19.83 ? 11   ASP A OD1 1 
ATOM   87   O OD2 . ASP A 1 15  ? -7.211  5.186   8.757   1.00  27.35 ? 11   ASP A OD2 1 
ATOM   88   N N   . PHE A 1 16  ? -5.159  3.626   4.691   1.00  16.52 ? 12   PHE A N   1 
ATOM   89   C CA  . PHE A 1 16  ? -3.998  4.247   4.060   1.00  15.61 ? 12   PHE A CA  1 
ATOM   90   C C   . PHE A 1 16  ? -4.384  4.903   2.748   1.00  19.05 ? 12   PHE A C   1 
ATOM   91   O O   . PHE A 1 16  ? -3.939  6.016   2.441   1.00  19.07 ? 12   PHE A O   1 
ATOM   92   C CB  . PHE A 1 16  ? -2.869  3.231   3.824   1.00  15.34 ? 12   PHE A CB  1 
ATOM   93   C CG  . PHE A 1 16  ? -1.614  3.843   3.254   1.00  13.72 ? 12   PHE A CG  1 
ATOM   94   C CD1 . PHE A 1 16  ? -1.496  4.083   1.888   1.00  14.42 ? 12   PHE A CD1 1 
ATOM   95   C CD2 . PHE A 1 16  ? -0.556  4.187   4.086   1.00  16.03 ? 12   PHE A CD2 1 
ATOM   96   C CE1 . PHE A 1 16  ? -0.348  4.661   1.358   1.00  10.40 ? 12   PHE A CE1 1 
ATOM   97   C CE2 . PHE A 1 16  ? 0.606   4.754   3.565   1.00  14.81 ? 12   PHE A CE2 1 
ATOM   98   C CZ  . PHE A 1 16  ? 0.708   4.988   2.204   1.00  16.49 ? 12   PHE A CZ  1 
ATOM   99   N N   . LEU A 1 17  ? -5.192  4.198   1.964   1.00  18.84 ? 13   LEU A N   1 
ATOM   100  C CA  . LEU A 1 17  ? -5.622  4.704   0.668   1.00  14.51 ? 13   LEU A CA  1 
ATOM   101  C C   . LEU A 1 17  ? -6.506  5.932   0.813   1.00  16.17 ? 13   LEU A C   1 
ATOM   102  O O   . LEU A 1 17  ? -6.367  6.892   0.057   1.00  18.64 ? 13   LEU A O   1 
ATOM   103  C CB  . LEU A 1 17  ? -6.364  3.615   -0.108  1.00  14.84 ? 13   LEU A CB  1 
ATOM   104  C CG  . LEU A 1 17  ? -5.489  2.426   -0.499  1.00  17.16 ? 13   LEU A CG  1 
ATOM   105  C CD1 . LEU A 1 17  ? -6.314  1.367   -1.254  1.00  17.99 ? 13   LEU A CD1 1 
ATOM   106  C CD2 . LEU A 1 17  ? -4.290  2.889   -1.327  1.00  8.16  ? 13   LEU A CD2 1 
ATOM   107  N N   . SER A 1 18  ? -7.412  5.913   1.783   1.00  14.81 ? 14   SER A N   1 
ATOM   108  C CA  . SER A 1 18  ? -8.317  7.050   1.978   1.00  21.49 ? 14   SER A CA  1 
ATOM   109  C C   . SER A 1 18  ? -7.538  8.301   2.329   1.00  17.31 ? 14   SER A C   1 
ATOM   110  O O   . SER A 1 18  ? -7.827  9.394   1.837   1.00  18.86 ? 14   SER A O   1 
ATOM   111  C CB  . SER A 1 18  ? -9.337  6.763   3.085   1.00  17.05 ? 14   SER A CB  1 
ATOM   112  O OG  . SER A 1 18  ? -10.183 5.681   2.723   1.00  24.18 ? 14   SER A OG  1 
ATOM   113  N N   . TYR A 1 19  ? -6.552  8.120   3.198   1.00  15.12 ? 15   TYR A N   1 
ATOM   114  C CA  . TYR A 1 19  ? -5.652  9.186   3.595   1.00  16.69 ? 15   TYR A CA  1 
ATOM   115  C C   . TYR A 1 19  ? -4.914  9.734   2.385   1.00  17.90 ? 15   TYR A C   1 
ATOM   116  O O   . TYR A 1 19  ? -4.813  10.949  2.206   1.00  12.94 ? 15   TYR A O   1 
ATOM   117  C CB  . TYR A 1 19  ? -4.654  8.634   4.611   1.00  18.46 ? 15   TYR A CB  1 
ATOM   118  C CG  . TYR A 1 19  ? -3.541  9.580   5.010   1.00  18.42 ? 15   TYR A CG  1 
ATOM   119  C CD1 . TYR A 1 19  ? -3.754  10.572  5.955   1.00  17.96 ? 15   TYR A CD1 1 
ATOM   120  C CD2 . TYR A 1 19  ? -2.265  9.455   4.463   1.00  14.23 ? 15   TYR A CD2 1 
ATOM   121  C CE1 . TYR A 1 19  ? -2.740  11.430  6.337   1.00  16.66 ? 15   TYR A CE1 1 
ATOM   122  C CE2 . TYR A 1 19  ? -1.247  10.302  4.837   1.00  17.33 ? 15   TYR A CE2 1 
ATOM   123  C CZ  . TYR A 1 19  ? -1.494  11.292  5.777   1.00  23.23 ? 15   TYR A CZ  1 
ATOM   124  O OH  . TYR A 1 19  ? -0.483  12.137  6.163   1.00  15.67 ? 15   TYR A OH  1 
ATOM   125  N N   . LYS A 1 20  ? -4.409  8.836   1.544   1.00  12.88 ? 16   LYS A N   1 
ATOM   126  C CA  . LYS A 1 20  ? -3.597  9.267   0.418   1.00  16.43 ? 16   LYS A CA  1 
ATOM   127  C C   . LYS A 1 20  ? -4.421  10.033  -0.603  1.00  13.10 ? 16   LYS A C   1 
ATOM   128  O O   . LYS A 1 20  ? -3.978  11.056  -1.112  1.00  17.92 ? 16   LYS A O   1 
ATOM   129  C CB  . LYS A 1 20  ? -2.858  8.088   -0.234  1.00  12.02 ? 16   LYS A CB  1 
ATOM   130  C CG  . LYS A 1 20  ? -1.782  8.501   -1.258  1.00  13.67 ? 16   LYS A CG  1 
ATOM   131  C CD  . LYS A 1 20  ? -0.712  9.442   -0.677  1.00  14.35 ? 16   LYS A CD  1 
ATOM   132  C CE  . LYS A 1 20  ? -0.119  8.925   0.624   1.00  13.58 ? 16   LYS A CE  1 
ATOM   133  N NZ  . LYS A 1 20  ? 0.894   9.870   1.181   1.00  18.61 ? 16   LYS A NZ  1 
ATOM   134  N N   . LEU A 1 21  ? -5.621  9.546   -0.894  1.00  14.66 ? 17   LEU A N   1 
ATOM   135  C CA  . LEU A 1 21  ? -6.488  10.224  -1.850  1.00  17.16 ? 17   LEU A CA  1 
ATOM   136  C C   . LEU A 1 21  ? -6.867  11.625  -1.346  1.00  19.76 ? 17   LEU A C   1 
ATOM   137  O O   . LEU A 1 21  ? -6.784  12.610  -2.086  1.00  15.18 ? 17   LEU A O   1 
ATOM   138  C CB  . LEU A 1 21  ? -7.731  9.379   -2.130  1.00  19.38 ? 17   LEU A CB  1 
ATOM   139  C CG  . LEU A 1 21  ? -7.510  8.081   -2.920  1.00  18.60 ? 17   LEU A CG  1 
ATOM   140  C CD1 . LEU A 1 21  ? -8.660  7.118   -2.689  1.00  13.45 ? 17   LEU A CD1 1 
ATOM   141  C CD2 . LEU A 1 21  ? -7.332  8.361   -4.416  1.00  11.32 ? 17   LEU A CD2 1 
ATOM   142  N N   . SER A 1 22  ? -7.265  11.710  -0.080  1.00  12.34 ? 18   SER A N   1 
ATOM   143  C CA  . SER A 1 22  ? -7.598  13.001  0.524   1.00  14.35 ? 18   SER A CA  1 
ATOM   144  C C   . SER A 1 22  ? -6.442  13.997  0.445   1.00  21.72 ? 18   SER A C   1 
ATOM   145  O O   . SER A 1 22  ? -6.620  15.143  0.006   1.00  23.59 ? 18   SER A O   1 
ATOM   146  C CB  . SER A 1 22  ? -8.038  12.813  1.981   1.00  15.50 ? 18   SER A CB  1 
ATOM   147  O OG  . SER A 1 22  ? -7.802  14.005  2.723   1.00  25.35 ? 18   SER A OG  1 
ATOM   148  N N   . GLN A 1 23  ? -5.256  13.547  0.855   1.00  19.93 ? 19   GLN A N   1 
ATOM   149  C CA  . GLN A 1 23  ? -4.043  14.370  0.862   1.00  15.51 ? 19   GLN A CA  1 
ATOM   150  C C   . GLN A 1 23  ? -3.689  14.897  -0.531  1.00  20.62 ? 19   GLN A C   1 
ATOM   151  O O   . GLN A 1 23  ? -3.248  16.041  -0.689  1.00  14.80 ? 19   GLN A O   1 
ATOM   152  C CB  . GLN A 1 23  ? -2.898  13.541  1.446   1.00  16.69 ? 19   GLN A CB  1 
ATOM   153  C CG  . GLN A 1 23  ? -1.514  14.153  1.430   1.00  15.18 ? 19   GLN A CG  1 
ATOM   154  C CD  . GLN A 1 23  ? -0.456  13.087  1.680   1.00  18.21 ? 19   GLN A CD  1 
ATOM   155  O OE1 . GLN A 1 23  ? -0.167  12.279  0.807   1.00  19.13 ? 19   GLN A OE1 1 
ATOM   156  N NE2 . GLN A 1 23  ? 0.101   13.064  2.880   1.00  16.90 ? 19   GLN A NE2 1 
ATOM   157  N N   . LYS A 1 24  ? -3.914  14.067  -1.547  1.00  18.32 ? 20   LYS A N   1 
ATOM   158  C CA  . LYS A 1 24  ? -3.535  14.409  -2.911  1.00  15.07 ? 20   LYS A CA  1 
ATOM   159  C C   . LYS A 1 24  ? -4.615  15.143  -3.720  1.00  18.11 ? 20   LYS A C   1 
ATOM   160  O O   . LYS A 1 24  ? -4.388  15.508  -4.873  1.00  16.10 ? 20   LYS A O   1 
ATOM   161  C CB  . LYS A 1 24  ? -3.065  13.152  -3.643  1.00  18.12 ? 20   LYS A CB  1 
ATOM   162  C CG  . LYS A 1 24  ? -1.853  12.528  -2.998  1.00  14.58 ? 20   LYS A CG  1 
ATOM   163  C CD  . LYS A 1 24  ? -0.713  13.530  -2.890  1.00  12.95 ? 20   LYS A CD  1 
ATOM   164  C CE  . LYS A 1 24  ? 0.522   12.889  -2.276  1.00  18.14 ? 20   LYS A CE  1 
ATOM   165  N NZ  . LYS A 1 24  ? 1.680   13.827  -2.279  1.00  15.89 ? 20   LYS A NZ  1 
ATOM   166  N N   . GLY A 1 25  ? -5.785  15.357  -3.124  1.00  16.19 ? 21   GLY A N   1 
ATOM   167  C CA  . GLY A 1 25  ? -6.769  16.233  -3.729  1.00  15.52 ? 21   GLY A CA  1 
ATOM   168  C C   . GLY A 1 25  ? -7.932  15.518  -4.377  1.00  14.96 ? 21   GLY A C   1 
ATOM   169  O O   . GLY A 1 25  ? -8.711  16.116  -5.128  1.00  20.06 ? 21   GLY A O   1 
ATOM   170  N N   . TYR A 1 26  ? -8.059  14.232  -4.097  1.00  18.13 ? 22   TYR A N   1 
ATOM   171  C CA  . TYR A 1 26  ? -9.135  13.444  -4.692  1.00  20.10 ? 22   TYR A CA  1 
ATOM   172  C C   . TYR A 1 26  ? -10.133 12.985  -3.653  1.00  17.18 ? 22   TYR A C   1 
ATOM   173  O O   . TYR A 1 26  ? -9.879  13.073  -2.447  1.00  15.77 ? 22   TYR A O   1 
ATOM   174  C CB  . TYR A 1 26  ? -8.570  12.212  -5.396  1.00  15.90 ? 22   TYR A CB  1 
ATOM   175  C CG  . TYR A 1 26  ? -7.544  12.540  -6.443  1.00  20.81 ? 22   TYR A CG  1 
ATOM   176  C CD1 . TYR A 1 26  ? -6.204  12.668  -6.102  1.00  20.00 ? 22   TYR A CD1 1 
ATOM   177  C CD2 . TYR A 1 26  ? -7.908  12.726  -7.769  1.00  16.16 ? 22   TYR A CD2 1 
ATOM   178  C CE1 . TYR A 1 26  ? -5.253  12.968  -7.052  1.00  20.97 ? 22   TYR A CE1 1 
ATOM   179  C CE2 . TYR A 1 26  ? -6.961  13.022  -8.734  1.00  19.72 ? 22   TYR A CE2 1 
ATOM   180  C CZ  . TYR A 1 26  ? -5.633  13.142  -8.365  1.00  23.11 ? 22   TYR A CZ  1 
ATOM   181  O OH  . TYR A 1 26  ? -4.670  13.441  -9.302  1.00  26.56 ? 22   TYR A OH  1 
ATOM   182  N N   . SER A 1 27  ? -11.266 12.488  -4.141  1.00  14.84 ? 23   SER A N   1 
ATOM   183  C CA  . SER A 1 27  ? -12.281 11.871  -3.304  1.00  17.35 ? 23   SER A CA  1 
ATOM   184  C C   . SER A 1 27  ? -11.824 10.519  -2.765  1.00  20.54 ? 23   SER A C   1 
ATOM   185  O O   . SER A 1 27  ? -11.230 9.718   -3.494  1.00  22.27 ? 23   SER A O   1 
ATOM   186  C CB  . SER A 1 27  ? -13.571 11.671  -4.103  1.00  23.72 ? 23   SER A CB  1 
ATOM   187  O OG  . SER A 1 27  ? -14.528 10.969  -3.327  1.00  31.02 ? 23   SER A OG  1 
ATOM   188  N N   . TRP A 1 28  ? -12.110 10.280  -1.487  1.00  20.52 ? 24   TRP A N   1 
ATOM   189  C CA  . TRP A 1 28  ? -11.843 9.004   -0.832  1.00  20.93 ? 24   TRP A CA  1 
ATOM   190  C C   . TRP A 1 28  ? -13.080 8.127   -0.861  1.00  24.61 ? 24   TRP A C   1 
ATOM   191  O O   . TRP A 1 28  ? -13.050 7.002   -0.379  1.00  24.41 ? 24   TRP A O   1 
ATOM   192  C CB  . TRP A 1 28  ? -11.469 9.221   0.632   1.00  13.83 ? 24   TRP A CB  1 
ATOM   193  C CG  . TRP A 1 28  ? -12.423 10.138  1.307   1.00  20.61 ? 24   TRP A CG  1 
ATOM   194  C CD1 . TRP A 1 28  ? -13.561 9.796   1.964   1.00  14.58 ? 24   TRP A CD1 1 
ATOM   195  C CD2 . TRP A 1 28  ? -12.335 11.566  1.365   1.00  19.16 ? 24   TRP A CD2 1 
ATOM   196  N NE1 . TRP A 1 28  ? -14.189 10.921  2.445   1.00  22.57 ? 24   TRP A NE1 1 
ATOM   197  C CE2 . TRP A 1 28  ? -13.457 12.022  2.090   1.00  22.09 ? 24   TRP A CE2 1 
ATOM   198  C CE3 . TRP A 1 28  ? -11.417 12.502  0.874   1.00  19.76 ? 24   TRP A CE3 1 
ATOM   199  C CZ2 . TRP A 1 28  ? -13.699 13.378  2.322   1.00  17.24 ? 24   TRP A CZ2 1 
ATOM   200  C CZ3 . TRP A 1 28  ? -11.645 13.843  1.117   1.00  24.50 ? 24   TRP A CZ3 1 
ATOM   201  C CH2 . TRP A 1 28  ? -12.777 14.271  1.841   1.00  20.63 ? 24   TRP A CH2 1 
ATOM   202  N N   . SER A 1 29  ? -14.180 8.652   -1.386  1.00  18.45 ? 25   SER A N   1 
ATOM   203  C CA  . SER A 1 29  ? -15.433 7.916   -1.323  1.00  31.41 ? 25   SER A CA  1 
ATOM   204  C C   . SER A 1 29  ? -15.484 6.878   -2.437  1.00  25.95 ? 25   SER A C   1 
ATOM   205  O O   . SER A 1 29  ? -16.289 6.973   -3.360  1.00  26.48 ? 25   SER A O   1 
ATOM   206  C CB  . SER A 1 29  ? -16.622 8.871   -1.403  1.00  22.69 ? 25   SER A CB  1 
ATOM   207  O OG  . SER A 1 29  ? -17.824 8.190   -1.093  1.00  41.48 ? 25   SER A OG  1 
ATOM   208  N N   . GLN A 1 30  ? -14.601 5.892   -2.348  1.00  31.40 ? 26   GLN A N   1 
ATOM   209  C CA  . GLN A 1 30  ? -14.394 4.941   -3.433  1.00  29.82 ? 26   GLN A CA  1 
ATOM   210  C C   . GLN A 1 30  ? -14.744 3.530   -2.990  1.00  30.96 ? 26   GLN A C   1 
ATOM   211  O O   . GLN A 1 30  ? -14.740 2.599   -3.799  1.00  30.23 ? 26   GLN A O   1 
ATOM   212  C CB  . GLN A 1 30  ? -12.930 4.975   -3.893  1.00  30.49 ? 26   GLN A CB  1 
ATOM   213  C CG  . GLN A 1 30  ? -12.371 6.366   -4.193  1.00  25.03 ? 26   GLN A CG  1 
ATOM   214  C CD  . GLN A 1 30  ? -13.004 7.004   -5.415  1.00  30.36 ? 26   GLN A CD  1 
ATOM   215  O OE1 . GLN A 1 30  ? -13.753 6.359   -6.155  1.00  31.89 ? 26   GLN A OE1 1 
ATOM   216  N NE2 . GLN A 1 30  ? -12.706 8.284   -5.634  1.00  22.53 ? 26   GLN A NE2 1 
ATOM   217  N N   . PHE A 1 31  ? -15.029 3.373   -1.699  1.00  28.43 ? 27   PHE A N   1 
ATOM   218  C CA  . PHE A 1 31  ? -15.261 2.052   -1.126  1.00  32.08 ? 27   PHE A CA  1 
ATOM   219  C C   . PHE A 1 31  ? -16.716 1.869   -0.694  1.00  47.67 ? 27   PHE A C   1 
ATOM   220  O O   . PHE A 1 31  ? -17.470 1.098   -1.292  1.00  46.03 ? 27   PHE A O   1 
ATOM   221  C CB  . PHE A 1 31  ? -14.328 1.818   0.065   1.00  25.90 ? 27   PHE A CB  1 
ATOM   222  C CG  . PHE A 1 31  ? -12.924 2.323   -0.153  1.00  33.33 ? 27   PHE A CG  1 
ATOM   223  C CD1 . PHE A 1 31  ? -12.579 3.628   0.185   1.00  29.87 ? 27   PHE A CD1 1 
ATOM   224  C CD2 . PHE A 1 31  ? -11.947 1.492   -0.692  1.00  31.65 ? 27   PHE A CD2 1 
ATOM   225  C CE1 . PHE A 1 31  ? -11.294 4.095   -0.021  1.00  27.48 ? 27   PHE A CE1 1 
ATOM   226  C CE2 . PHE A 1 31  ? -10.658 1.951   -0.899  1.00  21.13 ? 27   PHE A CE2 1 
ATOM   227  C CZ  . PHE A 1 31  ? -10.330 3.248   -0.566  1.00  28.52 ? 27   PHE A CZ  1 
ATOM   228  N N   . THR A 1 45  ? -5.971  3.133   21.675  1.00  58.50 ? 41   THR A N   1 
ATOM   229  C CA  . THR A 1 45  ? -6.289  2.074   20.714  1.00  77.23 ? 41   THR A CA  1 
ATOM   230  C C   . THR A 1 45  ? -5.089  1.680   19.846  1.00  66.93 ? 41   THR A C   1 
ATOM   231  O O   . THR A 1 45  ? -4.444  2.528   19.218  1.00  56.62 ? 41   THR A O   1 
ATOM   232  C CB  . THR A 1 45  ? -7.500  2.445   19.820  1.00  78.40 ? 41   THR A CB  1 
ATOM   233  O OG1 . THR A 1 45  ? -7.602  1.516   18.734  1.00  57.95 ? 41   THR A OG1 1 
ATOM   234  C CG2 . THR A 1 45  ? -7.357  3.858   19.271  1.00  79.56 ? 41   THR A CG2 1 
ATOM   235  N N   . GLU A 1 46  ? -4.802  0.381   19.825  1.00  63.77 ? 42   GLU A N   1 
ATOM   236  C CA  . GLU A 1 46  ? -3.656  -0.152  19.098  1.00  59.32 ? 42   GLU A CA  1 
ATOM   237  C C   . GLU A 1 46  ? -3.773  0.028   17.580  1.00  50.26 ? 42   GLU A C   1 
ATOM   238  O O   . GLU A 1 46  ? -2.796  0.386   16.922  1.00  42.62 ? 42   GLU A O   1 
ATOM   239  C CB  . GLU A 1 46  ? -3.434  -1.624  19.457  1.00  60.47 ? 42   GLU A CB  1 
ATOM   240  N N   . SER A 1 47  ? -4.962  -0.209  17.027  1.00  41.98 ? 43   SER A N   1 
ATOM   241  C CA  . SER A 1 47  ? -5.140  -0.120  15.578  1.00  41.87 ? 43   SER A CA  1 
ATOM   242  C C   . SER A 1 47  ? -4.904  1.293   15.038  1.00  37.75 ? 43   SER A C   1 
ATOM   243  O O   . SER A 1 47  ? -4.245  1.465   14.008  1.00  37.56 ? 43   SER A O   1 
ATOM   244  C CB  . SER A 1 47  ? -6.511  -0.650  15.144  1.00  41.67 ? 43   SER A CB  1 
ATOM   245  O OG  . SER A 1 47  ? -7.556  0.209   15.567  1.00  63.51 ? 43   SER A OG  1 
ATOM   246  N N   . GLU A 1 48  ? -5.427  2.301   15.725  1.00  32.08 ? 44   GLU A N   1 
ATOM   247  C CA  . GLU A 1 48  ? -5.175  3.674   15.305  1.00  37.07 ? 44   GLU A CA  1 
ATOM   248  C C   . GLU A 1 48  ? -3.681  4.001   15.303  1.00  31.10 ? 44   GLU A C   1 
ATOM   249  O O   . GLU A 1 48  ? -3.202  4.729   14.437  1.00  28.04 ? 44   GLU A O   1 
ATOM   250  C CB  . GLU A 1 48  ? -5.955  4.685   16.159  1.00  37.10 ? 44   GLU A CB  1 
ATOM   251  C CG  . GLU A 1 48  ? -7.145  5.318   15.423  1.00  52.47 ? 44   GLU A CG  1 
ATOM   252  C CD  . GLU A 1 48  ? -6.740  6.040   14.134  1.00  39.49 ? 44   GLU A CD  1 
ATOM   253  O OE1 . GLU A 1 48  ? -5.652  6.652   14.106  0.010 34.26 ? 44   GLU A OE1 1 
ATOM   254  O OE2 . GLU A 1 48  ? -7.519  5.996   13.159  0.010 34.34 ? 44   GLU A OE2 1 
ATOM   255  N N   . ALA A 1 49  ? -2.951  3.454   16.270  1.00  32.10 ? 85   ALA A N   1 
ATOM   256  C CA  . ALA A 1 49  ? -1.516  3.687   16.360  1.00  29.65 ? 85   ALA A CA  1 
ATOM   257  C C   . ALA A 1 49  ? -0.796  3.131   15.130  1.00  28.06 ? 85   ALA A C   1 
ATOM   258  O O   . ALA A 1 49  ? 0.135   3.753   14.616  1.00  24.29 ? 85   ALA A O   1 
ATOM   259  C CB  . ALA A 1 49  ? -0.963  3.075   17.624  1.00  21.57 ? 85   ALA A CB  1 
ATOM   260  N N   . VAL A 1 50  ? -1.246  1.968   14.659  1.00  23.06 ? 86   VAL A N   1 
ATOM   261  C CA  . VAL A 1 50  ? -0.693  1.345   13.457  1.00  26.72 ? 86   VAL A CA  1 
ATOM   262  C C   . VAL A 1 50  ? -0.984  2.173   12.207  1.00  23.53 ? 86   VAL A C   1 
ATOM   263  O O   . VAL A 1 50  ? -0.084  2.442   11.417  1.00  25.51 ? 86   VAL A O   1 
ATOM   264  C CB  . VAL A 1 50  ? -1.254  -0.077  13.249  1.00  22.16 ? 86   VAL A CB  1 
ATOM   265  C CG1 . VAL A 1 50  ? -0.642  -0.714  12.020  1.00  16.64 ? 86   VAL A CG1 1 
ATOM   266  C CG2 . VAL A 1 50  ? -0.988  -0.938  14.459  1.00  18.03 ? 86   VAL A CG2 1 
ATOM   267  N N   . LYS A 1 51  ? -2.238  2.579   12.032  1.00  22.95 ? 87   LYS A N   1 
ATOM   268  C CA  . LYS A 1 51  ? -2.627  3.367   10.864  1.00  25.03 ? 87   LYS A CA  1 
ATOM   269  C C   . LYS A 1 51  ? -1.865  4.692   10.808  1.00  22.44 ? 87   LYS A C   1 
ATOM   270  O O   . LYS A 1 51  ? -1.368  5.098   9.761   1.00  20.73 ? 87   LYS A O   1 
ATOM   271  C CB  . LYS A 1 51  ? -4.134  3.639   10.871  1.00  23.74 ? 87   LYS A CB  1 
ATOM   272  C CG  . LYS A 1 51  ? -5.009  2.405   10.917  1.00  20.19 ? 87   LYS A CG  1 
ATOM   273  C CD  . LYS A 1 51  ? -6.474  2.794   11.122  1.00  26.08 ? 87   LYS A CD  1 
ATOM   274  C CE  . LYS A 1 51  ? -7.386  1.582   11.068  1.00  31.36 ? 87   LYS A CE  1 
ATOM   275  N NZ  . LYS A 1 51  ? -8.801  1.933   11.363  1.00  37.60 ? 87   LYS A NZ  1 
ATOM   276  N N   . GLN A 1 52  ? -1.766  5.359   11.947  1.00  19.52 ? 88   GLN A N   1 
ATOM   277  C CA  . GLN A 1 52  ? -1.104  6.653   12.003  1.00  28.85 ? 88   GLN A CA  1 
ATOM   278  C C   . GLN A 1 52  ? 0.392   6.551   11.701  1.00  24.70 ? 88   GLN A C   1 
ATOM   279  O O   . GLN A 1 52  ? 0.949   7.365   10.972  1.00  22.46 ? 88   GLN A O   1 
ATOM   280  C CB  . GLN A 1 52  ? -1.324  7.289   13.370  1.00  26.46 ? 88   GLN A CB  1 
ATOM   281  C CG  . GLN A 1 52  ? -0.757  8.693   13.491  1.00  36.64 ? 88   GLN A CG  1 
ATOM   282  C CD  . GLN A 1 52  ? -1.003  9.281   14.867  1.00  52.34 ? 88   GLN A CD  1 
ATOM   283  O OE1 . GLN A 1 52  ? -1.947  8.890   15.564  1.00  57.62 ? 88   GLN A OE1 1 
ATOM   284  N NE2 . GLN A 1 52  ? -0.150  10.212  15.273  1.00  44.85 ? 88   GLN A NE2 1 
ATOM   285  N N   . ALA A 1 53  ? 1.046   5.553   12.273  1.00  18.22 ? 89   ALA A N   1 
ATOM   286  C CA  . ALA A 1 53  ? 2.455   5.344   11.999  1.00  22.31 ? 89   ALA A CA  1 
ATOM   287  C C   . ALA A 1 53  ? 2.679   4.976   10.529  1.00  14.48 ? 89   ALA A C   1 
ATOM   288  O O   . ALA A 1 53  ? 3.668   5.378   9.926   1.00  17.79 ? 89   ALA A O   1 
ATOM   289  C CB  . ALA A 1 53  ? 3.004   4.274   12.901  1.00  19.46 ? 89   ALA A CB  1 
ATOM   290  N N   . LEU A 1 54  ? 1.750   4.224   9.953   1.00  20.69 ? 90   LEU A N   1 
ATOM   291  C CA  . LEU A 1 54  ? 1.869   3.813   8.560   1.00  17.21 ? 90   LEU A CA  1 
ATOM   292  C C   . LEU A 1 54  ? 1.650   5.016   7.622   1.00  21.36 ? 90   LEU A C   1 
ATOM   293  O O   . LEU A 1 54  ? 2.458   5.262   6.715   1.00  19.24 ? 90   LEU A O   1 
ATOM   294  C CB  . LEU A 1 54  ? 0.910   2.653   8.253   1.00  16.26 ? 90   LEU A CB  1 
ATOM   295  C CG  . LEU A 1 54  ? 1.046   1.973   6.875   1.00  23.21 ? 90   LEU A CG  1 
ATOM   296  C CD1 . LEU A 1 54  ? 2.470   1.512   6.612   1.00  10.74 ? 90   LEU A CD1 1 
ATOM   297  C CD2 . LEU A 1 54  ? 0.084   0.793   6.755   1.00  16.62 ? 90   LEU A CD2 1 
ATOM   298  N N   . ARG A 1 55  ? 0.576   5.774   7.856   1.00  19.49 ? 91   ARG A N   1 
ATOM   299  C CA  . ARG A 1 55  ? 0.363   7.044   7.152   1.00  22.18 ? 91   ARG A CA  1 
ATOM   300  C C   . ARG A 1 55  ? 1.607   7.911   7.212   1.00  20.64 ? 91   ARG A C   1 
ATOM   301  O O   . ARG A 1 55  ? 2.034   8.485   6.209   1.00  22.57 ? 91   ARG A O   1 
ATOM   302  C CB  . ARG A 1 55  ? -0.757  7.851   7.794   1.00  26.12 ? 91   ARG A CB  1 
ATOM   303  C CG  . ARG A 1 55  ? -2.130  7.238   7.733   1.00  25.55 ? 91   ARG A CG  1 
ATOM   304  C CD  . ARG A 1 55  ? -3.077  8.189   8.416   1.00  16.35 ? 91   ARG A CD  1 
ATOM   305  N NE  . ARG A 1 55  ? -4.199  7.492   9.005   1.00  33.94 ? 91   ARG A NE  1 
ATOM   306  C CZ  . ARG A 1 55  ? -4.563  7.636   10.270  1.00  31.26 ? 91   ARG A CZ  1 
ATOM   307  N NH1 . ARG A 1 55  ? -3.883  8.464   11.057  1.00  20.02 ? 91   ARG A NH1 1 
ATOM   308  N NH2 . ARG A 1 55  ? -5.603  6.957   10.739  1.00  31.83 ? 91   ARG A NH2 1 
ATOM   309  N N   . GLU A 1 56  ? 2.187   7.994   8.402   1.00  16.82 ? 92   GLU A N   1 
ATOM   310  C CA  . GLU A 1 56  ? 3.362   8.827   8.614   1.00  22.40 ? 92   GLU A CA  1 
ATOM   311  C C   . GLU A 1 56  ? 4.573   8.272   7.882   1.00  25.02 ? 92   GLU A C   1 
ATOM   312  O O   . GLU A 1 56  ? 5.297   9.022   7.217   1.00  16.67 ? 92   GLU A O   1 
ATOM   313  C CB  . GLU A 1 56  ? 3.630   9.004   10.113  1.00  28.06 ? 92   GLU A CB  1 
ATOM   314  C CG  . GLU A 1 56  ? 2.621   9.940   10.783  1.00  29.50 ? 92   GLU A CG  1 
ATOM   315  C CD  . GLU A 1 56  ? 2.765   10.011  12.301  1.00  40.64 ? 92   GLU A CD  1 
ATOM   316  O OE1 . GLU A 1 56  ? 3.481   9.168   12.902  1.00  34.54 ? 92   GLU A OE1 1 
ATOM   317  O OE2 . GLU A 1 56  ? 2.139   10.916  12.897  1.00  37.42 ? 92   GLU A OE2 1 
ATOM   318  N N   . ALA A 1 57  ? 4.770   6.953   7.970   1.00  20.05 ? 93   ALA A N   1 
ATOM   319  C CA  . ALA A 1 57  ? 5.902   6.324   7.305   1.00  18.12 ? 93   ALA A CA  1 
ATOM   320  C C   . ALA A 1 57  ? 5.802   6.433   5.776   1.00  20.14 ? 93   ALA A C   1 
ATOM   321  O O   . ALA A 1 57  ? 6.811   6.604   5.088   1.00  20.17 ? 93   ALA A O   1 
ATOM   322  C CB  . ALA A 1 57  ? 6.045   4.877   7.747   1.00  15.99 ? 93   ALA A CB  1 
ATOM   323  N N   . GLY A 1 58  ? 4.586   6.339   5.252   1.00  18.80 ? 94   GLY A N   1 
ATOM   324  C CA  . GLY A 1 58  ? 4.378   6.484   3.824   1.00  18.37 ? 94   GLY A CA  1 
ATOM   325  C C   . GLY A 1 58  ? 4.763   7.871   3.344   1.00  21.83 ? 94   GLY A C   1 
ATOM   326  O O   . GLY A 1 58  ? 5.425   8.026   2.304   1.00  18.40 ? 94   GLY A O   1 
ATOM   327  N N   . ASP A 1 59  ? 4.338   8.888   4.088   1.00  15.27 ? 95   ASP A N   1 
ATOM   328  C CA  . ASP A 1 59  ? 4.683   10.266  3.736   1.00  22.95 ? 95   ASP A CA  1 
ATOM   329  C C   . ASP A 1 59  ? 6.195   10.450  3.690   1.00  22.28 ? 95   ASP A C   1 
ATOM   330  O O   . ASP A 1 59  ? 6.722   11.080  2.771   1.00  23.42 ? 95   ASP A O   1 
ATOM   331  C CB  . ASP A 1 59  ? 4.092   11.271  4.728   1.00  22.19 ? 95   ASP A CB  1 
ATOM   332  C CG  . ASP A 1 59  ? 2.590   11.408  4.606   1.00  19.51 ? 95   ASP A CG  1 
ATOM   333  O OD1 . ASP A 1 59  ? 2.033   11.086  3.536   1.00  19.06 ? 95   ASP A OD1 1 
ATOM   334  O OD2 . ASP A 1 59  ? 1.968   11.852  5.592   1.00  25.42 ? 95   ASP A OD2 1 
ATOM   335  N N   . GLU A 1 60  ? 6.878   9.892   4.686   1.00  19.54 ? 96   GLU A N   1 
ATOM   336  C CA  . GLU A 1 60  ? 8.322   10.027  4.804   1.00  26.16 ? 96   GLU A CA  1 
ATOM   337  C C   . GLU A 1 60  ? 9.017   9.339   3.630   1.00  27.95 ? 96   GLU A C   1 
ATOM   338  O O   . GLU A 1 60  ? 9.921   9.911   3.016   1.00  24.48 ? 96   GLU A O   1 
ATOM   339  C CB  . GLU A 1 60  ? 8.800   9.470   6.149   1.00  22.81 ? 96   GLU A CB  1 
ATOM   340  C CG  . GLU A 1 60  ? 10.322  9.474   6.357   1.00  37.97 ? 96   GLU A CG  1 
ATOM   341  C CD  . GLU A 1 60  ? 10.891  10.850  6.714   1.00  66.36 ? 96   GLU A CD  1 
ATOM   342  O OE1 . GLU A 1 60  ? 10.112  11.827  6.829   1.00  68.35 ? 96   GLU A OE1 1 
ATOM   343  O OE2 . GLU A 1 60  ? 12.128  10.959  6.884   1.00  58.70 ? 96   GLU A OE2 1 
ATOM   344  N N   . PHE A 1 61  ? 8.570   8.125   3.311   1.00  26.35 ? 97   PHE A N   1 
ATOM   345  C CA  . PHE A 1 61  ? 9.090   7.372   2.173   1.00  20.48 ? 97   PHE A CA  1 
ATOM   346  C C   . PHE A 1 61  ? 8.943   8.146   0.869   1.00  24.80 ? 97   PHE A C   1 
ATOM   347  O O   . PHE A 1 61  ? 9.898   8.292   0.096   1.00  19.01 ? 97   PHE A O   1 
ATOM   348  C CB  . PHE A 1 61  ? 8.359   6.039   2.034   1.00  21.51 ? 97   PHE A CB  1 
ATOM   349  C CG  . PHE A 1 61  ? 8.717   5.287   0.776   1.00  17.04 ? 97   PHE A CG  1 
ATOM   350  C CD1 . PHE A 1 61  ? 9.928   4.623   0.672   1.00  20.96 ? 97   PHE A CD1 1 
ATOM   351  C CD2 . PHE A 1 61  ? 7.850   5.262   -0.304  1.00  16.20 ? 97   PHE A CD2 1 
ATOM   352  C CE1 . PHE A 1 61  ? 10.272  3.937   -0.487  1.00  16.36 ? 97   PHE A CE1 1 
ATOM   353  C CE2 . PHE A 1 61  ? 8.182   4.591   -1.467  1.00  18.65 ? 97   PHE A CE2 1 
ATOM   354  C CZ  . PHE A 1 61  ? 9.401   3.922   -1.560  1.00  17.79 ? 97   PHE A CZ  1 
ATOM   355  N N   . GLU A 1 62  ? 7.728   8.615   0.612   1.00  21.57 ? 98   GLU A N   1 
ATOM   356  C CA  . GLU A 1 62  ? 7.450   9.376   -0.597  1.00  24.52 ? 98   GLU A CA  1 
ATOM   357  C C   . GLU A 1 62  ? 8.286   10.651  -0.636  1.00  22.52 ? 98   GLU A C   1 
ATOM   358  O O   . GLU A 1 62  ? 8.861   11.008  -1.667  1.00  23.15 ? 98   GLU A O   1 
ATOM   359  C CB  . GLU A 1 62  ? 5.956   9.678   -0.695  1.00  18.85 ? 98   GLU A CB  1 
ATOM   360  C CG  . GLU A 1 62  ? 5.113   8.412   -0.838  1.00  21.70 ? 98   GLU A CG  1 
ATOM   361  C CD  . GLU A 1 62  ? 3.628   8.620   -0.541  1.00  23.05 ? 98   GLU A CD  1 
ATOM   362  O OE1 . GLU A 1 62  ? 3.147   9.779   -0.503  1.00  19.11 ? 98   GLU A OE1 1 
ATOM   363  O OE2 . GLU A 1 62  ? 2.940   7.606   -0.342  1.00  16.19 ? 98   GLU A OE2 1 
ATOM   364  N N   . LEU A 1 63  ? 8.377   11.323  0.501   1.00  24.75 ? 99   LEU A N   1 
ATOM   365  C CA  . LEU A 1 63  ? 9.105   12.574  0.569   1.00  30.10 ? 99   LEU A CA  1 
ATOM   366  C C   . LEU A 1 63  ? 10.615  12.414  0.362   1.00  32.58 ? 99   LEU A C   1 
ATOM   367  O O   . LEU A 1 63  ? 11.229  13.216  -0.332  1.00  28.16 ? 99   LEU A O   1 
ATOM   368  C CB  . LEU A 1 63  ? 8.841   13.272  1.902   1.00  30.43 ? 99   LEU A CB  1 
ATOM   369  C CG  . LEU A 1 63  ? 8.964   14.793  1.802   1.00  47.13 ? 99   LEU A CG  1 
ATOM   370  C CD1 . LEU A 1 63  ? 7.674   15.366  1.216   1.00  42.03 ? 99   LEU A CD1 1 
ATOM   371  C CD2 . LEU A 1 63  ? 9.316   15.439  3.148   1.00  36.84 ? 99   LEU A CD2 1 
ATOM   372  N N   . ARG A 1 64  ? 11.209  11.382  0.957   1.00  22.71 ? 100  ARG A N   1 
ATOM   373  C CA  . ARG A 1 64  ? 12.671  11.311  1.043   1.00  29.91 ? 100  ARG A CA  1 
ATOM   374  C C   . ARG A 1 64  ? 13.333  10.112  0.353   1.00  30.40 ? 100  ARG A C   1 
ATOM   375  O O   . ARG A 1 64  ? 14.475  10.212  -0.105  1.00  29.20 ? 100  ARG A O   1 
ATOM   376  C CB  . ARG A 1 64  ? 13.118  11.315  2.510   1.00  24.67 ? 100  ARG A CB  1 
ATOM   377  C CG  . ARG A 1 64  ? 12.642  12.492  3.352   1.00  39.72 ? 100  ARG A CG  1 
ATOM   378  C CD  . ARG A 1 64  ? 13.142  13.848  2.853   1.00  42.69 ? 100  ARG A CD  1 
ATOM   379  N NE  . ARG A 1 64  ? 14.582  13.910  2.581   1.00  70.43 ? 100  ARG A NE  1 
ATOM   380  C CZ  . ARG A 1 64  ? 15.539  13.883  3.509   1.00  72.52 ? 100  ARG A CZ  1 
ATOM   381  N NH1 . ARG A 1 64  ? 15.225  13.765  4.796   1.00  72.73 ? 100  ARG A NH1 1 
ATOM   382  N NH2 . ARG A 1 64  ? 16.818  13.963  3.149   1.00  46.17 ? 100  ARG A NH2 1 
ATOM   383  N N   . TYR A 1 65  ? 12.629  8.984   0.296   1.00  29.52 ? 101  TYR A N   1 
ATOM   384  C CA  . TYR A 1 65  ? 13.247  7.701   -0.041  1.00  22.88 ? 101  TYR A CA  1 
ATOM   385  C C   . TYR A 1 65  ? 12.949  7.217   -1.448  1.00  21.81 ? 101  TYR A C   1 
ATOM   386  O O   . TYR A 1 65  ? 13.835  6.725   -2.144  1.00  28.60 ? 101  TYR A O   1 
ATOM   387  C CB  . TYR A 1 65  ? 12.781  6.623   0.947   1.00  23.13 ? 101  TYR A CB  1 
ATOM   388  C CG  . TYR A 1 65  ? 13.359  6.765   2.329   1.00  26.01 ? 101  TYR A CG  1 
ATOM   389  C CD1 . TYR A 1 65  ? 12.969  7.811   3.165   1.00  32.19 ? 101  TYR A CD1 1 
ATOM   390  C CD2 . TYR A 1 65  ? 14.299  5.856   2.808   1.00  29.28 ? 101  TYR A CD2 1 
ATOM   391  C CE1 . TYR A 1 65  ? 13.503  7.951   4.437   1.00  35.46 ? 101  TYR A CE1 1 
ATOM   392  C CE2 . TYR A 1 65  ? 14.844  5.989   4.086   1.00  28.42 ? 101  TYR A CE2 1 
ATOM   393  C CZ  . TYR A 1 65  ? 14.437  7.038   4.893   1.00  25.27 ? 101  TYR A CZ  1 
ATOM   394  O OH  . TYR A 1 65  ? 14.959  7.179   6.154   1.00  46.04 ? 101  TYR A OH  1 
ATOM   395  N N   . ARG A 1 66  ? 11.693  7.367   -1.851  1.00  23.39 ? 102  ARG A N   1 
ATOM   396  C CA  A ARG A 1 66  ? 11.178  6.781   -3.088  0.50  24.32 ? 102  ARG A CA  1 
ATOM   397  C CA  B ARG A 1 66  ? 11.181  6.776   -3.087  0.50  24.32 ? 102  ARG A CA  1 
ATOM   398  C C   . ARG A 1 66  ? 12.016  7.092   -4.332  1.00  26.75 ? 102  ARG A C   1 
ATOM   399  O O   . ARG A 1 66  ? 12.299  6.205   -5.140  1.00  23.05 ? 102  ARG A O   1 
ATOM   400  C CB  A ARG A 1 66  ? 9.726   7.223   -3.304  0.50  20.87 ? 102  ARG A CB  1 
ATOM   401  C CB  B ARG A 1 66  ? 9.723   7.194   -3.311  0.50  20.87 ? 102  ARG A CB  1 
ATOM   402  C CG  A ARG A 1 66  ? 9.047   6.591   -4.507  0.50  18.81 ? 102  ARG A CG  1 
ATOM   403  C CG  B ARG A 1 66  ? 9.096   6.627   -4.577  0.50  18.86 ? 102  ARG A CG  1 
ATOM   404  C CD  A ARG A 1 66  ? 8.361   7.660   -5.360  0.50  23.36 ? 102  ARG A CD  1 
ATOM   405  C CD  B ARG A 1 66  ? 7.815   7.381   -4.930  0.50  24.14 ? 102  ARG A CD  1 
ATOM   406  N NE  A ARG A 1 66  ? 8.968   7.775   -6.681  0.50  17.68 ? 102  ARG A NE  1 
ATOM   407  N NE  B ARG A 1 66  ? 7.968   8.818   -4.728  0.50  23.90 ? 102  ARG A NE  1 
ATOM   408  C CZ  A ARG A 1 66  ? 8.983   8.890   -7.398  0.50  21.04 ? 102  ARG A CZ  1 
ATOM   409  C CZ  B ARG A 1 66  ? 6.981   9.634   -4.374  0.50  24.02 ? 102  ARG A CZ  1 
ATOM   410  N NH1 A ARG A 1 66  ? 8.429   9.992   -6.915  0.50  14.69 ? 102  ARG A NH1 1 
ATOM   411  N NH1 B ARG A 1 66  ? 5.755   9.159   -4.200  0.50  21.78 ? 102  ARG A NH1 1 
ATOM   412  N NH2 A ARG A 1 66  ? 9.561   8.903   -8.594  0.50  20.78 ? 102  ARG A NH2 1 
ATOM   413  N NH2 B ARG A 1 66  ? 7.221   10.927  -4.199  0.50  20.79 ? 102  ARG A NH2 1 
ATOM   414  N N   . ARG A 1 67  ? 12.416  8.347   -4.485  1.00  26.17 ? 103  ARG A N   1 
ATOM   415  C CA  . ARG A 1 67  ? 13.144  8.759   -5.682  1.00  23.41 ? 103  ARG A CA  1 
ATOM   416  C C   . ARG A 1 67  ? 14.506  8.072   -5.896  1.00  21.89 ? 103  ARG A C   1 
ATOM   417  O O   . ARG A 1 67  ? 15.073  8.154   -6.976  1.00  22.52 ? 103  ARG A O   1 
ATOM   418  C CB  . ARG A 1 67  ? 13.228  10.290  -5.757  1.00  20.61 ? 103  ARG A CB  1 
ATOM   419  C CG  . ARG A 1 67  ? 11.885  10.916  -6.197  1.00  34.44 ? 103  ARG A CG  1 
ATOM   420  C CD  . ARG A 1 67  ? 11.831  12.447  -6.096  1.00  45.75 ? 103  ARG A CD  1 
ATOM   421  N NE  . ARG A 1 67  ? 10.493  12.976  -6.394  1.00  49.72 ? 103  ARG A NE  1 
ATOM   422  C CZ  . ARG A 1 67  ? 9.548   13.204  -5.481  1.00  32.39 ? 103  ARG A CZ  1 
ATOM   423  N NH1 . ARG A 1 67  ? 9.787   12.956  -4.201  0.010 30.49 ? 103  ARG A NH1 1 
ATOM   424  N NH2 . ARG A 1 67  ? 8.368   13.684  -5.849  0.010 31.52 ? 103  ARG A NH2 1 
ATOM   425  N N   . ALA A 1 68  ? 15.010  7.375   -4.881  1.00  21.99 ? 104  ALA A N   1 
ATOM   426  C CA  . ALA A 1 68  ? 16.255  6.613   -5.022  1.00  23.08 ? 104  ALA A CA  1 
ATOM   427  C C   . ALA A 1 68  ? 16.046  5.356   -5.856  1.00  24.40 ? 104  ALA A C   1 
ATOM   428  O O   . ALA A 1 68  ? 17.002  4.795   -6.392  1.00  26.82 ? 104  ALA A O   1 
ATOM   429  C CB  . ALA A 1 68  ? 16.813  6.243   -3.658  1.00  14.98 ? 104  ALA A CB  1 
ATOM   430  N N   . PHE A 1 69  ? 14.793  4.922   -5.952  1.00  20.31 ? 105  PHE A N   1 
ATOM   431  C CA  . PHE A 1 69  ? 14.438  3.691   -6.649  1.00  21.48 ? 105  PHE A CA  1 
ATOM   432  C C   . PHE A 1 69  ? 13.849  4.006   -8.012  1.00  23.86 ? 105  PHE A C   1 
ATOM   433  O O   . PHE A 1 69  ? 13.535  5.155   -8.309  1.00  24.93 ? 105  PHE A O   1 
ATOM   434  C CB  . PHE A 1 69  ? 13.419  2.901   -5.815  1.00  18.16 ? 105  PHE A CB  1 
ATOM   435  C CG  . PHE A 1 69  ? 13.901  2.578   -4.430  1.00  19.36 ? 105  PHE A CG  1 
ATOM   436  C CD1 . PHE A 1 69  ? 14.608  1.422   -4.188  1.00  17.35 ? 105  PHE A CD1 1 
ATOM   437  C CD2 . PHE A 1 69  ? 13.662  3.442   -3.377  1.00  16.79 ? 105  PHE A CD2 1 
ATOM   438  C CE1 . PHE A 1 69  ? 15.048  1.128   -2.923  1.00  17.88 ? 105  PHE A CE1 1 
ATOM   439  C CE2 . PHE A 1 69  ? 14.110  3.156   -2.118  1.00  20.40 ? 105  PHE A CE2 1 
ATOM   440  C CZ  . PHE A 1 69  ? 14.804  1.990   -1.887  1.00  16.20 ? 105  PHE A CZ  1 
ATOM   441  N N   . SER A 1 70  ? 13.704  2.987   -8.847  1.00  23.29 ? 106  SER A N   1 
ATOM   442  C CA  . SER A 1 70  ? 12.999  3.165   -10.101 1.00  22.94 ? 106  SER A CA  1 
ATOM   443  C C   . SER A 1 70  ? 11.506  3.297   -9.799  1.00  15.92 ? 106  SER A C   1 
ATOM   444  O O   . SER A 1 70  ? 11.006  2.721   -8.833  1.00  17.03 ? 106  SER A O   1 
ATOM   445  C CB  . SER A 1 70  ? 13.257  1.986   -11.026 1.00  18.24 ? 106  SER A CB  1 
ATOM   446  O OG  . SER A 1 70  ? 12.943  0.779   -10.363 1.00  22.92 ? 106  SER A OG  1 
ATOM   447  N N   . ASP A 1 71  ? 10.810  4.066   -10.627 1.00  16.75 ? 107  ASP A N   1 
ATOM   448  C CA  . ASP A 1 71  ? 9.379   4.308   -10.467 1.00  22.01 ? 107  ASP A CA  1 
ATOM   449  C C   . ASP A 1 71  ? 8.619   3.049   -10.835 1.00  17.58 ? 107  ASP A C   1 
ATOM   450  O O   . ASP A 1 71  ? 8.454   2.732   -12.000 1.00  17.67 ? 107  ASP A O   1 
ATOM   451  C CB  . ASP A 1 71  ? 8.931   5.466   -11.360 1.00  17.04 ? 107  ASP A CB  1 
ATOM   452  C CG  . ASP A 1 71  ? 7.490   5.882   -11.108 1.00  24.82 ? 107  ASP A CG  1 
ATOM   453  O OD1 . ASP A 1 71  ? 6.725   5.114   -10.489 1.00  20.95 ? 107  ASP A OD1 1 
ATOM   454  O OD2 . ASP A 1 71  ? 7.115   6.987   -11.541 1.00  33.93 ? 107  ASP A OD2 1 
ATOM   455  N N   . LEU A 1 72  ? 8.141   2.340   -9.827  1.00  19.90 ? 108  LEU A N   1 
ATOM   456  C CA  . LEU A 1 72  ? 7.517   1.061   -10.068 1.00  21.55 ? 108  LEU A CA  1 
ATOM   457  C C   . LEU A 1 72  ? 6.183   1.206   -10.818 1.00  19.27 ? 108  LEU A C   1 
ATOM   458  O O   . LEU A 1 72  ? 5.741   0.272   -11.478 1.00  18.56 ? 108  LEU A O   1 
ATOM   459  C CB  . LEU A 1 72  ? 7.364   0.289   -8.754  1.00  23.73 ? 108  LEU A CB  1 
ATOM   460  C CG  . LEU A 1 72  ? 7.072   -1.193  -8.952  1.00  25.78 ? 108  LEU A CG  1 
ATOM   461  C CD1 . LEU A 1 72  ? 8.170   -1.833  -9.790  1.00  16.31 ? 108  LEU A CD1 1 
ATOM   462  C CD2 . LEU A 1 72  ? 6.934   -1.878  -7.622  1.00  23.39 ? 108  LEU A CD2 1 
ATOM   463  N N   . THR A 1 73  ? 5.563   2.382   -10.743 1.00  22.94 ? 109  THR A N   1 
ATOM   464  C CA  . THR A 1 73  ? 4.295   2.620   -11.446 1.00  22.32 ? 109  THR A CA  1 
ATOM   465  C C   . THR A 1 73  ? 4.428   2.551   -12.967 1.00  25.52 ? 109  THR A C   1 
ATOM   466  O O   . THR A 1 73  ? 3.448   2.287   -13.660 1.00  27.04 ? 109  THR A O   1 
ATOM   467  C CB  . THR A 1 73  ? 3.635   3.985   -11.084 1.00  15.11 ? 109  THR A CB  1 
ATOM   468  O OG1 . THR A 1 73  ? 4.474   5.060   -11.512 1.00  18.85 ? 109  THR A OG1 1 
ATOM   469  C CG2 . THR A 1 73  ? 3.381   4.100   -9.591  1.00  17.42 ? 109  THR A CG2 1 
ATOM   470  N N   . SER A 1 74  ? 5.621   2.788   -13.504 1.00  23.80 ? 110  SER A N   1 
ATOM   471  C CA  . SER A 1 74  ? 5.755   2.687   -14.960 1.00  31.46 ? 110  SER A CA  1 
ATOM   472  C C   . SER A 1 74  ? 5.813   1.241   -15.458 1.00  24.94 ? 110  SER A C   1 
ATOM   473  O O   . SER A 1 74  ? 5.811   1.003   -16.654 1.00  31.15 ? 110  SER A O   1 
ATOM   474  C CB  . SER A 1 74  ? 6.915   3.534   -15.504 1.00  24.09 ? 110  SER A CB  1 
ATOM   475  O OG  . SER A 1 74  ? 8.056   3.442   -14.688 1.00  43.92 ? 110  SER A OG  1 
ATOM   476  N N   . GLN A 1 75  ? 5.834   0.282   -14.534 1.00  25.54 ? 111  GLN A N   1 
ATOM   477  C CA  . GLN A 1 75  ? 5.828   -1.134  -14.893 1.00  21.82 ? 111  GLN A CA  1 
ATOM   478  C C   . GLN A 1 75  ? 4.419   -1.709  -14.954 1.00  21.88 ? 111  GLN A C   1 
ATOM   479  O O   . GLN A 1 75  ? 4.214   -2.837  -15.391 1.00  24.16 ? 111  GLN A O   1 
ATOM   480  C CB  . GLN A 1 75  ? 6.652   -1.957  -13.898 1.00  20.11 ? 111  GLN A CB  1 
ATOM   481  C CG  . GLN A 1 75  ? 8.144   -1.641  -13.877 1.00  24.29 ? 111  GLN A CG  1 
ATOM   482  C CD  . GLN A 1 75  ? 8.751   -1.563  -15.265 1.00  27.37 ? 111  GLN A CD  1 
ATOM   483  O OE1 . GLN A 1 75  ? 9.479   -0.619  -15.574 1.00  32.34 ? 111  GLN A OE1 1 
ATOM   484  N NE2 . GLN A 1 75  ? 8.462   -2.551  -16.107 1.00  31.47 ? 111  GLN A NE2 1 
ATOM   485  N N   . LEU A 1 76  ? 3.444   -0.931  -14.510 1.00  26.69 ? 112  LEU A N   1 
ATOM   486  C CA  . LEU A 1 76  ? 2.097   -1.443  -14.371 1.00  27.00 ? 112  LEU A CA  1 
ATOM   487  C C   . LEU A 1 76  ? 1.073   -0.390  -14.781 1.00  27.60 ? 112  LEU A C   1 
ATOM   488  O O   . LEU A 1 76  ? 1.012   0.690   -14.199 1.00  24.83 ? 112  LEU A O   1 
ATOM   489  C CB  . LEU A 1 76  ? 1.874   -1.882  -12.922 1.00  20.73 ? 112  LEU A CB  1 
ATOM   490  C CG  . LEU A 1 76  ? 0.559   -2.581  -12.581 1.00  21.66 ? 112  LEU A CG  1 
ATOM   491  C CD1 . LEU A 1 76  ? 0.517   -3.981  -13.182 1.00  23.77 ? 112  LEU A CD1 1 
ATOM   492  C CD2 . LEU A 1 76  ? 0.368   -2.623  -11.069 1.00  12.88 ? 112  LEU A CD2 1 
ATOM   493  N N   . HIS A 1 77  ? 0.284   -0.699  -15.802 1.00  31.51 ? 113  HIS A N   1 
ATOM   494  C CA  . HIS A 1 77  ? -0.812  0.182   -16.189 1.00  32.30 ? 113  HIS A CA  1 
ATOM   495  C C   . HIS A 1 77  ? -2.143  -0.531  -15.992 1.00  31.01 ? 113  HIS A C   1 
ATOM   496  O O   . HIS A 1 77  ? -2.593  -1.293  -16.848 1.00  31.34 ? 113  HIS A O   1 
ATOM   497  C CB  . HIS A 1 77  ? -0.629  0.692   -17.614 1.00  38.51 ? 113  HIS A CB  1 
ATOM   498  C CG  . HIS A 1 77  ? 0.579   1.571   -17.783 1.00  73.38 ? 113  HIS A CG  1 
ATOM   499  N ND1 . HIS A 1 77  ? 0.871   2.603   -16.912 1.00  73.69 ? 113  HIS A ND1 1 
ATOM   500  C CD2 . HIS A 1 77  ? 1.567   1.561   -18.705 1.00  59.30 ? 113  HIS A CD2 1 
ATOM   501  C CE1 . HIS A 1 77  ? 1.989   3.195   -17.300 1.00  61.16 ? 113  HIS A CE1 1 
ATOM   502  N NE2 . HIS A 1 77  ? 2.433   2.587   -18.384 1.00  57.27 ? 113  HIS A NE2 1 
ATOM   503  N N   . ILE A 1 78  ? -2.751  -0.302  -14.831 1.00  26.97 ? 114  ILE A N   1 
ATOM   504  C CA  . ILE A 1 78  ? -3.977  -0.998  -14.475 1.00  25.63 ? 114  ILE A CA  1 
ATOM   505  C C   . ILE A 1 78  ? -5.154  -0.448  -15.271 1.00  28.69 ? 114  ILE A C   1 
ATOM   506  O O   . ILE A 1 78  ? -5.374  0.763   -15.335 1.00  34.80 ? 114  ILE A O   1 
ATOM   507  C CB  . ILE A 1 78  ? -4.267  -0.918  -12.958 1.00  30.40 ? 114  ILE A CB  1 
ATOM   508  C CG1 . ILE A 1 78  ? -3.038  -1.353  -12.155 1.00  29.98 ? 114  ILE A CG1 1 
ATOM   509  C CG2 . ILE A 1 78  ? -5.464  -1.782  -12.582 1.00  22.28 ? 114  ILE A CG2 1 
ATOM   510  C CD1 . ILE A 1 78  ? -3.226  -1.268  -10.657 1.00  26.41 ? 114  ILE A CD1 1 
ATOM   511  N N   . THR A 1 79  ? -5.882  -1.352  -15.907 1.00  25.03 ? 115  THR A N   1 
ATOM   512  C CA  . THR A 1 79  ? -7.159  -1.034  -16.520 1.00  22.55 ? 115  THR A CA  1 
ATOM   513  C C   . THR A 1 79  ? -8.156  -1.983  -15.867 1.00  22.79 ? 115  THR A C   1 
ATOM   514  O O   . THR A 1 79  ? -7.751  -2.848  -15.079 1.00  18.49 ? 115  THR A O   1 
ATOM   515  C CB  . THR A 1 79  ? -7.126  -1.280  -18.038 1.00  18.65 ? 115  THR A CB  1 
ATOM   516  O OG1 . THR A 1 79  ? -7.083  -2.689  -18.291 1.00  24.55 ? 115  THR A OG1 1 
ATOM   517  C CG2 . THR A 1 79  ? -5.935  -0.570  -18.694 1.00  15.10 ? 115  THR A CG2 1 
ATOM   518  N N   . PRO A 1 80  ? -9.460  -1.830  -16.172 1.00  26.56 ? 116  PRO A N   1 
ATOM   519  C CA  . PRO A 1 80  ? -10.442 -2.790  -15.647 1.00  20.66 ? 116  PRO A CA  1 
ATOM   520  C C   . PRO A 1 80  ? -10.183 -4.241  -16.068 1.00  24.64 ? 116  PRO A C   1 
ATOM   521  O O   . PRO A 1 80  ? -10.723 -5.149  -15.446 1.00  25.93 ? 116  PRO A O   1 
ATOM   522  C CB  . PRO A 1 80  ? -11.753 -2.305  -16.263 1.00  26.76 ? 116  PRO A CB  1 
ATOM   523  C CG  . PRO A 1 80  ? -11.536 -0.842  -16.476 1.00  26.51 ? 116  PRO A CG  1 
ATOM   524  C CD  . PRO A 1 80  ? -10.117 -0.708  -16.873 1.00  18.62 ? 116  PRO A CD  1 
ATOM   525  N N   . GLY A 1 81  ? -9.366  -4.454  -17.098 1.00  26.75 ? 117  GLY A N   1 
ATOM   526  C CA  . GLY A 1 81  ? -9.068  -5.799  -17.554 1.00  29.44 ? 117  GLY A CA  1 
ATOM   527  C C   . GLY A 1 81  ? -7.835  -6.437  -16.935 1.00  29.28 ? 117  GLY A C   1 
ATOM   528  O O   . GLY A 1 81  ? -7.607  -7.630  -17.105 1.00  26.56 ? 117  GLY A O   1 
ATOM   529  N N   . THR A 1 82  ? -7.037  -5.648  -16.222 1.00  26.68 ? 118  THR A N   1 
ATOM   530  C CA  . THR A 1 82  ? -5.814  -6.147  -15.590 1.00  21.14 ? 118  THR A CA  1 
ATOM   531  C C   . THR A 1 82  ? -6.104  -7.198  -14.509 1.00  20.27 ? 118  THR A C   1 
ATOM   532  O O   . THR A 1 82  ? -6.996  -7.019  -13.670 1.00  20.31 ? 118  THR A O   1 
ATOM   533  C CB  . THR A 1 82  ? -5.014  -4.980  -14.989 1.00  24.10 ? 118  THR A CB  1 
ATOM   534  O OG1 . THR A 1 82  ? -4.796  -3.992  -16.005 1.00  27.08 ? 118  THR A OG1 1 
ATOM   535  C CG2 . THR A 1 82  ? -3.682  -5.453  -14.430 1.00  18.29 ? 118  THR A CG2 1 
ATOM   536  N N   . ALA A 1 83  ? -5.361  -8.301  -14.547 1.00  21.40 ? 119  ALA A N   1 
ATOM   537  C CA  . ALA A 1 83  ? -5.532  -9.386  -13.581 1.00  24.42 ? 119  ALA A CA  1 
ATOM   538  C C   . ALA A 1 83  ? -4.636  -9.190  -12.367 1.00  23.59 ? 119  ALA A C   1 
ATOM   539  O O   . ALA A 1 83  ? -3.579  -8.566  -12.470 1.00  21.52 ? 119  ALA A O   1 
ATOM   540  C CB  . ALA A 1 83  ? -5.221  -10.721 -14.235 1.00  28.61 ? 119  ALA A CB  1 
ATOM   541  N N   . TYR A 1 84  ? -5.056  -9.745  -11.232 1.00  22.98 ? 120  TYR A N   1 
ATOM   542  C CA  . TYR A 1 84  ? -4.299  -9.654  -9.993  1.00  23.10 ? 120  TYR A CA  1 
ATOM   543  C C   . TYR A 1 84  ? -2.849  -10.078 -10.197 1.00  23.13 ? 120  TYR A C   1 
ATOM   544  O O   . TYR A 1 84  ? -1.918  -9.440  -9.691  1.00  21.31 ? 120  TYR A O   1 
ATOM   545  C CB  . TYR A 1 84  ? -4.935  -10.527 -8.900  1.00  22.07 ? 120  TYR A CB  1 
ATOM   546  C CG  . TYR A 1 84  ? -4.070  -10.657 -7.657  1.00  23.90 ? 120  TYR A CG  1 
ATOM   547  C CD1 . TYR A 1 84  ? -3.973  -9.617  -6.740  1.00  18.06 ? 120  TYR A CD1 1 
ATOM   548  C CD2 . TYR A 1 84  ? -3.348  -11.817 -7.403  1.00  21.08 ? 120  TYR A CD2 1 
ATOM   549  C CE1 . TYR A 1 84  ? -3.174  -9.728  -5.602  1.00  15.75 ? 120  TYR A CE1 1 
ATOM   550  C CE2 . TYR A 1 84  ? -2.554  -11.945 -6.267  1.00  11.80 ? 120  TYR A CE2 1 
ATOM   551  C CZ  . TYR A 1 84  ? -2.460  -10.890 -5.374  1.00  25.63 ? 120  TYR A CZ  1 
ATOM   552  O OH  . TYR A 1 84  ? -1.660  -11.004 -4.244  1.00  20.77 ? 120  TYR A OH  1 
ATOM   553  N N   . GLN A 1 85  ? -2.670  -11.144 -10.960 1.00  21.35 ? 121  GLN A N   1 
ATOM   554  C CA  . GLN A 1 85  ? -1.359  -11.741 -11.139 1.00  21.02 ? 121  GLN A CA  1 
ATOM   555  C C   . GLN A 1 85  ? -0.383  -10.761 -11.759 1.00  23.12 ? 121  GLN A C   1 
ATOM   556  O O   . GLN A 1 85  ? 0.812   -10.818 -11.484 1.00  23.56 ? 121  GLN A O   1 
ATOM   557  C CB  . GLN A 1 85  ? -1.457  -13.013 -11.982 1.00  30.15 ? 121  GLN A CB  1 
ATOM   558  C CG  . GLN A 1 85  ? -0.204  -13.868 -11.932 1.00  49.55 ? 121  GLN A CG  1 
ATOM   559  C CD  . GLN A 1 85  ? -0.411  -15.252 -12.511 1.00  75.95 ? 121  GLN A CD  1 
ATOM   560  O OE1 . GLN A 1 85  ? -1.449  -15.540 -13.109 1.00  89.16 ? 121  GLN A OE1 1 
ATOM   561  N NE2 . GLN A 1 85  ? 0.580   -16.124 -12.335 1.00  88.99 ? 121  GLN A NE2 1 
ATOM   562  N N   . SER A 1 86  ? -0.898  -9.845  -12.576 1.00  16.43 ? 122  SER A N   1 
ATOM   563  C CA  . SER A 1 86  ? -0.065  -8.800  -13.147 1.00  23.43 ? 122  SER A CA  1 
ATOM   564  C C   . SER A 1 86  ? 0.413   -7.813  -12.082 1.00  23.85 ? 122  SER A C   1 
ATOM   565  O O   . SER A 1 86  ? 1.562   -7.391  -12.099 1.00  26.32 ? 122  SER A O   1 
ATOM   566  C CB  . SER A 1 86  ? -0.823  -8.061  -14.241 1.00  21.94 ? 122  SER A CB  1 
ATOM   567  O OG  . SER A 1 86  ? -0.959  -8.894  -15.368 1.00  30.58 ? 122  SER A OG  1 
ATOM   568  N N   . PHE A 1 87  ? -0.493  -7.443  -11.179 1.00  19.71 ? 123  PHE A N   1 
ATOM   569  C CA  . PHE A 1 87  ? -0.179  -6.598  -10.032 1.00  22.65 ? 123  PHE A CA  1 
ATOM   570  C C   . PHE A 1 87  ? 0.825   -7.326  -9.168  1.00  17.15 ? 123  PHE A C   1 
ATOM   571  O O   . PHE A 1 87  ? 1.856   -6.774  -8.808  1.00  14.44 ? 123  PHE A O   1 
ATOM   572  C CB  . PHE A 1 87  ? -1.466  -6.340  -9.258  1.00  18.02 ? 123  PHE A CB  1 
ATOM   573  C CG  . PHE A 1 87  ? -1.284  -5.695  -7.910  1.00  20.16 ? 123  PHE A CG  1 
ATOM   574  C CD1 . PHE A 1 87  ? -1.159  -4.315  -7.792  1.00  16.10 ? 123  PHE A CD1 1 
ATOM   575  C CD2 . PHE A 1 87  ? -1.333  -6.460  -6.749  1.00  12.89 ? 123  PHE A CD2 1 
ATOM   576  C CE1 . PHE A 1 87  ? -1.027  -3.718  -6.542  1.00  13.38 ? 123  PHE A CE1 1 
ATOM   577  C CE2 . PHE A 1 87  ? -1.208  -5.870  -5.504  1.00  15.30 ? 123  PHE A CE2 1 
ATOM   578  C CZ  . PHE A 1 87  ? -1.056  -4.493  -5.399  1.00  14.64 ? 123  PHE A CZ  1 
ATOM   579  N N   . GLU A 1 88  ? 0.528   -8.585  -8.870  1.00  20.03 ? 124  GLU A N   1 
ATOM   580  C CA  . GLU A 1 88  ? 1.359   -9.390  -7.989  1.00  17.44 ? 124  GLU A CA  1 
ATOM   581  C C   . GLU A 1 88  ? 2.805   -9.450  -8.475  1.00  23.66 ? 124  GLU A C   1 
ATOM   582  O O   . GLU A 1 88  ? 3.734   -9.243  -7.694  1.00  22.55 ? 124  GLU A O   1 
ATOM   583  C CB  . GLU A 1 88  ? 0.778   -10.806 -7.878  1.00  16.92 ? 124  GLU A CB  1 
ATOM   584  C CG  . GLU A 1 88  ? 1.342   -11.626 -6.720  1.00  17.31 ? 124  GLU A CG  1 
ATOM   585  C CD  . GLU A 1 88  ? 0.960   -13.102 -6.800  1.00  26.91 ? 124  GLU A CD  1 
ATOM   586  O OE1 . GLU A 1 88  ? 0.231   -13.502 -7.741  1.00  23.66 ? 124  GLU A OE1 1 
ATOM   587  O OE2 . GLU A 1 88  ? 1.394   -13.869 -5.917  1.00  22.92 ? 124  GLU A OE2 1 
ATOM   588  N N   . GLN A 1 89  ? 2.992   -9.716  -9.768  1.00  18.83 ? 125  GLN A N   1 
ATOM   589  C CA  . GLN A 1 89  ? 4.331   -9.841  -10.331 1.00  26.36 ? 125  GLN A CA  1 
ATOM   590  C C   . GLN A 1 89  ? 5.123   -8.557  -10.198 1.00  23.77 ? 125  GLN A C   1 
ATOM   591  O O   . GLN A 1 89  ? 6.324   -8.590  -9.933  1.00  22.05 ? 125  GLN A O   1 
ATOM   592  C CB  . GLN A 1 89  ? 4.279   -10.246 -11.807 1.00  29.38 ? 125  GLN A CB  1 
ATOM   593  C CG  . GLN A 1 89  ? 3.914   -11.693 -12.037 1.00  44.31 ? 125  GLN A CG  1 
ATOM   594  C CD  . GLN A 1 89  ? 3.723   -12.020 -13.506 1.00  65.45 ? 125  GLN A CD  1 
ATOM   595  O OE1 . GLN A 1 89  ? 4.127   -11.253 -14.387 1.00  64.71 ? 125  GLN A OE1 1 
ATOM   596  N NE2 . GLN A 1 89  ? 3.099   -13.163 -13.779 1.00  72.88 ? 125  GLN A NE2 1 
ATOM   597  N N   . VAL A 1 90  ? 4.460   -7.425  -10.410 1.00  15.85 ? 126  VAL A N   1 
ATOM   598  C CA  . VAL A 1 90  ? 5.142   -6.148  -10.308 1.00  21.14 ? 126  VAL A CA  1 
ATOM   599  C C   . VAL A 1 90  ? 5.522   -5.823  -8.861  1.00  17.17 ? 126  VAL A C   1 
ATOM   600  O O   . VAL A 1 90  ? 6.674   -5.486  -8.582  1.00  19.06 ? 126  VAL A O   1 
ATOM   601  C CB  . VAL A 1 90  ? 4.336   -5.019  -10.949 1.00  20.46 ? 126  VAL A CB  1 
ATOM   602  C CG1 . VAL A 1 90  ? 4.924   -3.671  -10.568 1.00  16.85 ? 126  VAL A CG1 1 
ATOM   603  C CG2 . VAL A 1 90  ? 4.340   -5.197  -12.464 1.00  10.88 ? 126  VAL A CG2 1 
ATOM   604  N N   . VAL A 1 91  ? 4.571   -5.968  -7.939  1.00  19.91 ? 127  VAL A N   1 
ATOM   605  C CA  . VAL A 1 91  ? 4.839   -5.730  -6.518  1.00  17.25 ? 127  VAL A CA  1 
ATOM   606  C C   . VAL A 1 91  ? 5.974   -6.627  -6.022  1.00  19.81 ? 127  VAL A C   1 
ATOM   607  O O   . VAL A 1 91  ? 6.781   -6.227  -5.175  1.00  20.10 ? 127  VAL A O   1 
ATOM   608  C CB  . VAL A 1 91  ? 3.576   -5.940  -5.670  1.00  18.63 ? 127  VAL A CB  1 
ATOM   609  C CG1 . VAL A 1 91  ? 3.924   -5.976  -4.199  1.00  16.47 ? 127  VAL A CG1 1 
ATOM   610  C CG2 . VAL A 1 91  ? 2.564   -4.822  -5.948  1.00  18.79 ? 127  VAL A CG2 1 
ATOM   611  N N   . ASN A 1 92  ? 6.052   -7.827  -6.593  1.00  15.15 ? 128  ASN A N   1 
ATOM   612  C CA  . ASN A 1 92  ? 7.105   -8.769  -6.257  1.00  19.80 ? 128  ASN A CA  1 
ATOM   613  C C   . ASN A 1 92  ? 8.499   -8.157  -6.304  1.00  19.90 ? 128  ASN A C   1 
ATOM   614  O O   . ASN A 1 92  ? 9.371   -8.560  -5.544  1.00  18.22 ? 128  ASN A O   1 
ATOM   615  C CB  . ASN A 1 92  ? 7.041   -10.002 -7.159  1.00  14.67 ? 128  ASN A CB  1 
ATOM   616  C CG  . ASN A 1 92  ? 6.070   -11.054 -6.646  1.00  20.90 ? 128  ASN A CG  1 
ATOM   617  O OD1 . ASN A 1 92  ? 5.519   -10.928 -5.556  1.00  16.07 ? 128  ASN A OD1 1 
ATOM   618  N ND2 . ASN A 1 92  ? 5.866   -12.105 -7.433  1.00  17.69 ? 128  ASN A ND2 1 
ATOM   619  N N   . GLU A 1 93  ? 8.706   -7.191  -7.194  1.00  20.59 ? 129  GLU A N   1 
ATOM   620  C CA  . GLU A 1 93  ? 10.006  -6.508  -7.302  1.00  23.97 ? 129  GLU A CA  1 
ATOM   621  C C   . GLU A 1 93  ? 10.414  -5.743  -6.026  1.00  21.27 ? 129  GLU A C   1 
ATOM   622  O O   . GLU A 1 93  ? 11.595  -5.662  -5.691  1.00  20.95 ? 129  GLU A O   1 
ATOM   623  C CB  . GLU A 1 93  ? 10.061  -5.594  -8.544  1.00  20.99 ? 129  GLU A CB  1 
ATOM   624  C CG  . GLU A 1 93  ? 10.493  -6.304  -9.843  1.00  35.10 ? 129  GLU A CG  1 
ATOM   625  C CD  . GLU A 1 93  ? 11.930  -6.851  -9.788  1.00  26.71 ? 129  GLU A CD  1 
ATOM   626  O OE1 . GLU A 1 93  ? 12.835  -6.108  -9.351  0.010 24.68 ? 129  GLU A OE1 1 
ATOM   627  O OE2 . GLU A 1 93  ? 12.139  -8.019  -10.178 0.010 26.47 ? 129  GLU A OE2 1 
ATOM   628  N N   . LEU A 1 94  ? 9.436   -5.215  -5.299  1.00  16.80 ? 130  LEU A N   1 
ATOM   629  C CA  . LEU A 1 94  ? 9.712   -4.557  -4.029  1.00  21.33 ? 130  LEU A CA  1 
ATOM   630  C C   . LEU A 1 94  ? 10.313  -5.542  -3.045  1.00  22.72 ? 130  LEU A C   1 
ATOM   631  O O   . LEU A 1 94  ? 10.982  -5.162  -2.071  1.00  19.97 ? 130  LEU A O   1 
ATOM   632  C CB  . LEU A 1 94  ? 8.425   -4.023  -3.414  1.00  21.22 ? 130  LEU A CB  1 
ATOM   633  C CG  . LEU A 1 94  ? 7.647   -2.944  -4.143  1.00  28.45 ? 130  LEU A CG  1 
ATOM   634  C CD1 . LEU A 1 94  ? 6.431   -2.582  -3.301  1.00  19.43 ? 130  LEU A CD1 1 
ATOM   635  C CD2 . LEU A 1 94  ? 8.532   -1.736  -4.384  1.00  20.09 ? 130  LEU A CD2 1 
ATOM   636  N N   . PHE A 1 95  ? 10.044  -6.817  -3.290  1.00  17.53 ? 131  PHE A N   1 
ATOM   637  C CA  . PHE A 1 95  ? 10.426  -7.851  -2.355  1.00  15.71 ? 131  PHE A CA  1 
ATOM   638  C C   . PHE A 1 95  ? 11.396  -8.831  -3.001  1.00  20.63 ? 131  PHE A C   1 
ATOM   639  O O   . PHE A 1 95  ? 11.465  -10.006 -2.622  1.00  16.80 ? 131  PHE A O   1 
ATOM   640  C CB  . PHE A 1 95  ? 9.171   -8.527  -1.800  1.00  16.08 ? 131  PHE A CB  1 
ATOM   641  C CG  . PHE A 1 95  ? 8.213   -7.561  -1.156  1.00  15.38 ? 131  PHE A CG  1 
ATOM   642  C CD1 . PHE A 1 95  ? 8.517   -6.969  0.060   1.00  18.46 ? 131  PHE A CD1 1 
ATOM   643  C CD2 . PHE A 1 95  ? 7.024   -7.224  -1.776  1.00  15.16 ? 131  PHE A CD2 1 
ATOM   644  C CE1 . PHE A 1 95  ? 7.644   -6.064  0.650   1.00  16.19 ? 131  PHE A CE1 1 
ATOM   645  C CE2 . PHE A 1 95  ? 6.145   -6.323  -1.185  1.00  15.01 ? 131  PHE A CE2 1 
ATOM   646  C CZ  . PHE A 1 95  ? 6.454   -5.747  0.027   1.00  13.18 ? 131  PHE A CZ  1 
ATOM   647  N N   . ARG A 1 96  ? 12.167  -8.315  -3.958  1.00  20.03 ? 132  ARG A N   1 
ATOM   648  C CA  . ARG A 1 96  ? 13.214  -9.092  -4.616  1.00  23.07 ? 132  ARG A CA  1 
ATOM   649  C C   . ARG A 1 96  ? 14.230  -9.624  -3.607  1.00  21.43 ? 132  ARG A C   1 
ATOM   650  O O   . ARG A 1 96  ? 14.809  -10.695 -3.801  1.00  19.71 ? 132  ARG A O   1 
ATOM   651  C CB  . ARG A 1 96  ? 13.921  -8.245  -5.680  1.00  16.79 ? 132  ARG A CB  1 
ATOM   652  C CG  . ARG A 1 96  ? 14.646  -7.016  -5.129  1.00  26.62 ? 132  ARG A CG  1 
ATOM   653  C CD  . ARG A 1 96  ? 15.060  -6.051  -6.239  1.00  15.45 ? 132  ARG A CD  1 
ATOM   654  N NE  . ARG A 1 96  ? 15.672  -4.824  -5.714  1.00  29.14 ? 132  ARG A NE  1 
ATOM   655  C CZ  . ARG A 1 96  ? 15.915  -3.740  -6.450  1.00  25.92 ? 132  ARG A CZ  1 
ATOM   656  N NH1 . ARG A 1 96  ? 15.595  -3.730  -7.740  1.00  24.92 ? 132  ARG A NH1 1 
ATOM   657  N NH2 . ARG A 1 96  ? 16.479  -2.669  -5.906  1.00  24.90 ? 132  ARG A NH2 1 
ATOM   658  N N   . ASP A 1 97  ? 14.433  -8.879  -2.523  1.00  16.85 ? 133  ASP A N   1 
ATOM   659  C CA  . ASP A 1 97  ? 15.367  -9.273  -1.478  1.00  17.31 ? 133  ASP A CA  1 
ATOM   660  C C   . ASP A 1 97  ? 14.644  -9.724  -0.212  1.00  15.41 ? 133  ASP A C   1 
ATOM   661  O O   . ASP A 1 97  ? 15.198  -9.665  0.890   1.00  15.04 ? 133  ASP A O   1 
ATOM   662  C CB  . ASP A 1 97  ? 16.331  -8.125  -1.177  1.00  19.47 ? 133  ASP A CB  1 
ATOM   663  C CG  . ASP A 1 97  ? 17.355  -7.936  -2.276  1.00  16.51 ? 133  ASP A CG  1 
ATOM   664  O OD1 . ASP A 1 97  ? 17.811  -8.958  -2.825  1.00  26.47 ? 133  ASP A OD1 1 
ATOM   665  O OD2 . ASP A 1 97  ? 17.685  -6.780  -2.609  1.00  22.18 ? 133  ASP A OD2 1 
ATOM   666  N N   . GLY A 1 98  ? 13.410  -10.194 -0.379  1.00  15.73 ? 134  GLY A N   1 
ATOM   667  C CA  . GLY A 1 98  ? 12.558  -10.516 0.754   1.00  15.01 ? 134  GLY A CA  1 
ATOM   668  C C   . GLY A 1 98  ? 11.887  -9.300  1.378   1.00  24.03 ? 134  GLY A C   1 
ATOM   669  O O   . GLY A 1 98  ? 11.906  -8.195  0.814   1.00  17.83 ? 134  GLY A O   1 
ATOM   670  N N   . VAL A 1 99  ? 11.304  -9.502  2.559   1.00  17.08 ? 135  VAL A N   1 
ATOM   671  C CA  . VAL A 1 99  ? 10.508  -8.477  3.212   1.00  21.20 ? 135  VAL A CA  1 
ATOM   672  C C   . VAL A 1 99  ? 11.282  -7.769  4.328   1.00  25.45 ? 135  VAL A C   1 
ATOM   673  O O   . VAL A 1 99  ? 12.065  -8.393  5.039   1.00  19.32 ? 135  VAL A O   1 
ATOM   674  C CB  . VAL A 1 99  ? 9.215   -9.084  3.814   1.00  20.53 ? 135  VAL A CB  1 
ATOM   675  C CG1 . VAL A 1 99  ? 8.371   -8.010  4.462   1.00  11.94 ? 135  VAL A CG1 1 
ATOM   676  C CG2 . VAL A 1 99  ? 8.414   -9.828  2.746   1.00  12.99 ? 135  VAL A CG2 1 
ATOM   677  N N   . ASN A 1 100 ? 11.080  -6.456  4.449   1.00  21.22 ? 136  ASN A N   1 
ATOM   678  C CA  . ASN A 1 100 ? 11.407  -5.718  5.667   1.00  19.75 ? 136  ASN A CA  1 
ATOM   679  C C   . ASN A 1 100 ? 10.367  -4.602  5.808   1.00  19.57 ? 136  ASN A C   1 
ATOM   680  O O   . ASN A 1 100 ? 9.587   -4.383  4.886   1.00  18.58 ? 136  ASN A O   1 
ATOM   681  C CB  . ASN A 1 100 ? 12.869  -5.210  5.675   1.00  15.12 ? 136  ASN A CB  1 
ATOM   682  C CG  . ASN A 1 100 ? 13.149  -4.137  4.615   1.00  16.26 ? 136  ASN A CG  1 
ATOM   683  O OD1 . ASN A 1 100 ? 12.241  -3.455  4.130   1.00  18.86 ? 136  ASN A OD1 1 
ATOM   684  N ND2 . ASN A 1 100 ? 14.422  -3.976  4.272   1.00  14.23 ? 136  ASN A ND2 1 
ATOM   685  N N   . TRP A 1 101 ? 10.338  -3.907  6.940   1.00  15.99 ? 137  TRP A N   1 
ATOM   686  C CA  . TRP A 1 101 ? 9.306   -2.892  7.149   1.00  19.25 ? 137  TRP A CA  1 
ATOM   687  C C   . TRP A 1 101 ? 9.312   -1.784  6.098   1.00  18.52 ? 137  TRP A C   1 
ATOM   688  O O   . TRP A 1 101 ? 8.259   -1.303  5.690   1.00  16.34 ? 137  TRP A O   1 
ATOM   689  C CB  . TRP A 1 101 ? 9.423   -2.262  8.534   1.00  24.55 ? 137  TRP A CB  1 
ATOM   690  C CG  . TRP A 1 101 ? 9.184   -3.204  9.665   1.00  23.70 ? 137  TRP A CG  1 
ATOM   691  C CD1 . TRP A 1 101 ? 10.092  -3.605  10.606  1.00  14.66 ? 137  TRP A CD1 1 
ATOM   692  C CD2 . TRP A 1 101 ? 7.953   -3.856  9.990   1.00  16.24 ? 137  TRP A CD2 1 
ATOM   693  N NE1 . TRP A 1 101 ? 9.501   -4.459  11.498  1.00  15.72 ? 137  TRP A NE1 1 
ATOM   694  C CE2 . TRP A 1 101 ? 8.190   -4.637  11.143  1.00  19.29 ? 137  TRP A CE2 1 
ATOM   695  C CE3 . TRP A 1 101 ? 6.679   -3.859  9.419   1.00  16.97 ? 137  TRP A CE3 1 
ATOM   696  C CZ2 . TRP A 1 101 ? 7.194   -5.424  11.734  1.00  17.85 ? 137  TRP A CZ2 1 
ATOM   697  C CZ3 . TRP A 1 101 ? 5.689   -4.641  10.004  1.00  14.29 ? 137  TRP A CZ3 1 
ATOM   698  C CH2 . TRP A 1 101 ? 5.953   -5.405  11.156  1.00  19.09 ? 137  TRP A CH2 1 
ATOM   699  N N   . GLY A 1 102 ? 10.501  -1.373  5.673   1.00  19.43 ? 138  GLY A N   1 
ATOM   700  C CA  . GLY A 1 102 ? 10.624  -0.293  4.713   1.00  18.58 ? 138  GLY A CA  1 
ATOM   701  C C   . GLY A 1 102 ? 9.997   -0.616  3.370   1.00  17.71 ? 138  GLY A C   1 
ATOM   702  O O   . GLY A 1 102 ? 9.465   0.260   2.699   1.00  23.14 ? 138  GLY A O   1 
ATOM   703  N N   . ARG A 1 103 ? 10.064  -1.879  2.970   1.00  14.63 ? 139  ARG A N   1 
ATOM   704  C CA  . ARG A 1 103 ? 9.489   -2.296  1.698   1.00  17.51 ? 139  ARG A CA  1 
ATOM   705  C C   . ARG A 1 103 ? 7.984   -2.477  1.850   1.00  16.69 ? 139  ARG A C   1 
ATOM   706  O O   . ARG A 1 103 ? 7.221   -2.274  0.906   1.00  18.62 ? 139  ARG A O   1 
ATOM   707  C CB  . ARG A 1 103 ? 10.156  -3.587  1.203   1.00  16.51 ? 139  ARG A CB  1 
ATOM   708  C CG  . ARG A 1 103 ? 11.659  -3.449  0.998   1.00  13.89 ? 139  ARG A CG  1 
ATOM   709  C CD  . ARG A 1 103 ? 12.365  -4.805  0.916   1.00  14.86 ? 139  ARG A CD  1 
ATOM   710  N NE  . ARG A 1 103 ? 13.814  -4.636  0.841   1.00  17.26 ? 139  ARG A NE  1 
ATOM   711  C CZ  . ARG A 1 103 ? 14.713  -5.570  1.148   1.00  16.34 ? 139  ARG A CZ  1 
ATOM   712  N NH1 . ARG A 1 103 ? 14.333  -6.777  1.559   1.00  12.29 ? 139  ARG A NH1 1 
ATOM   713  N NH2 . ARG A 1 103 ? 16.004  -5.283  1.062   1.00  17.42 ? 139  ARG A NH2 1 
ATOM   714  N N   . ILE A 1 104 ? 7.559   -2.837  3.054   1.00  13.64 ? 140  ILE A N   1 
ATOM   715  C CA  . ILE A 1 104 ? 6.135   -2.912  3.362   1.00  18.34 ? 140  ILE A CA  1 
ATOM   716  C C   . ILE A 1 104 ? 5.497   -1.533  3.271   1.00  15.99 ? 140  ILE A C   1 
ATOM   717  O O   . ILE A 1 104 ? 4.418   -1.371  2.686   1.00  16.46 ? 140  ILE A O   1 
ATOM   718  C CB  . ILE A 1 104 ? 5.888   -3.545  4.755   1.00  19.17 ? 140  ILE A CB  1 
ATOM   719  C CG1 . ILE A 1 104 ? 6.044   -5.068  4.673   1.00  12.18 ? 140  ILE A CG1 1 
ATOM   720  C CG2 . ILE A 1 104 ? 4.501   -3.202  5.299   1.00  8.27  ? 140  ILE A CG2 1 
ATOM   721  C CD1 . ILE A 1 104 ? 6.038   -5.730  6.046   1.00  10.13 ? 140  ILE A CD1 1 
ATOM   722  N N   . VAL A 1 105 ? 6.172   -0.542  3.843   1.00  16.78 ? 141  VAL A N   1 
ATOM   723  C CA  . VAL A 1 105 ? 5.740   0.849   3.716   1.00  16.34 ? 141  VAL A CA  1 
ATOM   724  C C   . VAL A 1 105 ? 5.683   1.267   2.241   1.00  12.83 ? 141  VAL A C   1 
ATOM   725  O O   . VAL A 1 105 ? 4.673   1.798   1.804   1.00  18.44 ? 141  VAL A O   1 
ATOM   726  C CB  . VAL A 1 105 ? 6.639   1.808   4.538   1.00  17.23 ? 141  VAL A CB  1 
ATOM   727  C CG1 . VAL A 1 105 ? 6.419   3.271   4.122   1.00  12.85 ? 141  VAL A CG1 1 
ATOM   728  C CG2 . VAL A 1 105 ? 6.358   1.634   6.024   1.00  22.75 ? 141  VAL A CG2 1 
ATOM   729  N N   . ALA A 1 106 ? 6.749   0.992   1.478   1.00  14.95 ? 142  ALA A N   1 
ATOM   730  C CA  . ALA A 1 106 ? 6.774   1.269   0.027   1.00  17.26 ? 142  ALA A CA  1 
ATOM   731  C C   . ALA A 1 106 ? 5.610   0.617   -0.697  1.00  16.50 ? 142  ALA A C   1 
ATOM   732  O O   . ALA A 1 106 ? 5.065   1.178   -1.648  1.00  19.71 ? 142  ALA A O   1 
ATOM   733  C CB  . ALA A 1 106 ? 8.078   0.815   -0.599  1.00  10.04 ? 142  ALA A CB  1 
ATOM   734  N N   . PHE A 1 107 ? 5.248   -0.577  -0.244  1.00  19.44 ? 143  PHE A N   1 
ATOM   735  C CA  . PHE A 1 107 ? 4.131   -1.327  -0.803  1.00  18.30 ? 143  PHE A CA  1 
ATOM   736  C C   . PHE A 1 107 ? 2.841   -0.519  -0.680  1.00  16.32 ? 143  PHE A C   1 
ATOM   737  O O   . PHE A 1 107 ? 2.103   -0.398  -1.652  1.00  16.53 ? 143  PHE A O   1 
ATOM   738  C CB  . PHE A 1 107 ? 4.034   -2.697  -0.112  1.00  20.90 ? 143  PHE A CB  1 
ATOM   739  C CG  . PHE A 1 107 ? 2.703   -3.368  -0.247  1.00  13.69 ? 143  PHE A CG  1 
ATOM   740  C CD1 . PHE A 1 107 ? 2.358   -4.024  -1.415  1.00  15.68 ? 143  PHE A CD1 1 
ATOM   741  C CD2 . PHE A 1 107 ? 1.806   -3.366  0.809   1.00  16.41 ? 143  PHE A CD2 1 
ATOM   742  C CE1 . PHE A 1 107 ? 1.126   -4.655  -1.542  1.00  12.05 ? 143  PHE A CE1 1 
ATOM   743  C CE2 . PHE A 1 107 ? 0.567   -3.999  0.694   1.00  14.85 ? 143  PHE A CE2 1 
ATOM   744  C CZ  . PHE A 1 107 ? 0.232   -4.642  -0.486  1.00  20.18 ? 143  PHE A CZ  1 
ATOM   745  N N   . PHE A 1 108 ? 2.592   0.055   0.496   1.00  14.70 ? 144  PHE A N   1 
ATOM   746  C CA  . PHE A 1 108 ? 1.400   0.879   0.719   1.00  12.88 ? 144  PHE A CA  1 
ATOM   747  C C   . PHE A 1 108 ? 1.412   2.128   -0.160  1.00  15.80 ? 144  PHE A C   1 
ATOM   748  O O   . PHE A 1 108 ? 0.414   2.432   -0.825  1.00  14.81 ? 144  PHE A O   1 
ATOM   749  C CB  . PHE A 1 108 ? 1.258   1.256   2.201   1.00  19.05 ? 144  PHE A CB  1 
ATOM   750  C CG  . PHE A 1 108 ? 0.644   0.168   3.044   1.00  11.82 ? 144  PHE A CG  1 
ATOM   751  C CD1 . PHE A 1 108 ? 1.428   -0.828  3.604   1.00  12.36 ? 144  PHE A CD1 1 
ATOM   752  C CD2 . PHE A 1 108 ? -0.734  0.128   3.245   1.00  16.91 ? 144  PHE A CD2 1 
ATOM   753  C CE1 . PHE A 1 108 ? 0.849   -1.847  4.374   1.00  15.07 ? 144  PHE A CE1 1 
ATOM   754  C CE2 . PHE A 1 108 ? -1.323  -0.873  4.005   1.00  13.46 ? 144  PHE A CE2 1 
ATOM   755  C CZ  . PHE A 1 108 ? -0.526  -1.872  4.572   1.00  19.81 ? 144  PHE A CZ  1 
ATOM   756  N N   . SER A 1 109 ? 2.544   2.835   -0.176  1.00  14.97 ? 145  SER A N   1 
ATOM   757  C CA  . SER A 1 109 ? 2.709   4.021   -1.020  1.00  18.20 ? 145  SER A CA  1 
ATOM   758  C C   . SER A 1 109 ? 2.449   3.690   -2.475  1.00  14.96 ? 145  SER A C   1 
ATOM   759  O O   . SER A 1 109 ? 1.838   4.478   -3.201  1.00  17.06 ? 145  SER A O   1 
ATOM   760  C CB  . SER A 1 109 ? 4.122   4.614   -0.893  1.00  11.81 ? 145  SER A CB  1 
ATOM   761  O OG  . SER A 1 109 ? 4.302   5.233   0.367   1.00  29.15 ? 145  SER A OG  1 
ATOM   762  N N   . PHE A 1 110 ? 2.929   2.527   -2.900  1.00  14.67 ? 146  PHE A N   1 
ATOM   763  C CA  . PHE A 1 110 ? 2.787   2.107   -4.285  1.00  13.88 ? 146  PHE A CA  1 
ATOM   764  C C   . PHE A 1 110 ? 1.311   1.896   -4.606  1.00  12.57 ? 146  PHE A C   1 
ATOM   765  O O   . PHE A 1 110 ? 0.834   2.318   -5.656  1.00  13.73 ? 146  PHE A O   1 
ATOM   766  C CB  . PHE A 1 110 ? 3.621   0.848   -4.552  1.00  11.83 ? 146  PHE A CB  1 
ATOM   767  C CG  . PHE A 1 110 ? 3.464   0.288   -5.946  1.00  15.35 ? 146  PHE A CG  1 
ATOM   768  C CD1 . PHE A 1 110 ? 3.922   0.994   -7.053  1.00  11.85 ? 146  PHE A CD1 1 
ATOM   769  C CD2 . PHE A 1 110 ? 2.878   -0.960  -6.144  1.00  12.69 ? 146  PHE A CD2 1 
ATOM   770  C CE1 . PHE A 1 110 ? 3.781   0.475   -8.341  1.00  12.85 ? 146  PHE A CE1 1 
ATOM   771  C CE2 . PHE A 1 110 ? 2.738   -1.490  -7.429  1.00  14.02 ? 146  PHE A CE2 1 
ATOM   772  C CZ  . PHE A 1 110 ? 3.195   -0.766  -8.533  1.00  12.54 ? 146  PHE A CZ  1 
ATOM   773  N N   . GLY A 1 111 ? 0.586   1.250   -3.699  1.00  10.20 ? 147  GLY A N   1 
ATOM   774  C CA  . GLY A 1 111 ? -0.858  1.149   -3.833  1.00  15.69 ? 147  GLY A CA  1 
ATOM   775  C C   . GLY A 1 111 ? -1.538  2.512   -3.926  1.00  19.61 ? 147  GLY A C   1 
ATOM   776  O O   . GLY A 1 111 ? -2.353  2.745   -4.823  1.00  17.13 ? 147  GLY A O   1 
ATOM   777  N N   . GLY A 1 112 ? -1.197  3.415   -3.004  1.00  13.96 ? 148  GLY A N   1 
ATOM   778  C CA  . GLY A 1 112 ? -1.721  4.768   -3.032  1.00  15.67 ? 148  GLY A CA  1 
ATOM   779  C C   . GLY A 1 112 ? -1.459  5.481   -4.345  1.00  20.12 ? 148  GLY A C   1 
ATOM   780  O O   . GLY A 1 112 ? -2.335  6.152   -4.890  1.00  23.71 ? 148  GLY A O   1 
ATOM   781  N N   . ALA A 1 113 ? -0.248  5.347   -4.861  1.00  13.63 ? 149  ALA A N   1 
ATOM   782  C CA  . ALA A 1 113 ? 0.084   5.988   -6.119  1.00  18.13 ? 149  ALA A CA  1 
ATOM   783  C C   . ALA A 1 113 ? -0.771  5.415   -7.264  1.00  18.20 ? 149  ALA A C   1 
ATOM   784  O O   . ALA A 1 113 ? -1.233  6.154   -8.124  1.00  18.33 ? 149  ALA A O   1 
ATOM   785  C CB  . ALA A 1 113 ? 1.576   5.847   -6.409  1.00  12.49 ? 149  ALA A CB  1 
ATOM   786  N N   . LEU A 1 114 ? -0.981  4.099   -7.249  1.00  18.40 ? 150  LEU A N   1 
ATOM   787  C CA  . LEU A 1 114 ? -1.801  3.405   -8.239  1.00  16.66 ? 150  LEU A CA  1 
ATOM   788  C C   . LEU A 1 114 ? -3.235  3.891   -8.189  1.00  17.55 ? 150  LEU A C   1 
ATOM   789  O O   . LEU A 1 114 ? -3.897  4.043   -9.221  1.00  15.77 ? 150  LEU A O   1 
ATOM   790  C CB  . LEU A 1 114 ? -1.777  1.887   -7.995  1.00  13.39 ? 150  LEU A CB  1 
ATOM   791  C CG  . LEU A 1 114 ? -0.495  1.135   -8.368  1.00  17.96 ? 150  LEU A CG  1 
ATOM   792  C CD1 . LEU A 1 114 ? -0.573  -0.338  -7.976  1.00  14.35 ? 150  LEU A CD1 1 
ATOM   793  C CD2 . LEU A 1 114 ? -0.172  1.286   -9.859  1.00  15.24 ? 150  LEU A CD2 1 
ATOM   794  N N   . CYS A 1 115 ? -3.714  4.131   -6.977  1.00  20.31 ? 151  CYS A N   1 
ATOM   795  C CA  . CYS A 1 115 ? -5.065  4.624   -6.779  1.00  17.81 ? 151  CYS A CA  1 
ATOM   796  C C   . CYS A 1 115 ? -5.228  6.065   -7.238  1.00  21.40 ? 151  CYS A C   1 
ATOM   797  O O   . CYS A 1 115 ? -6.231  6.410   -7.866  1.00  20.93 ? 151  CYS A O   1 
ATOM   798  C CB  . CYS A 1 115 ? -5.475  4.482   -5.319  1.00  17.62 ? 151  CYS A CB  1 
ATOM   799  S SG  . CYS A 1 115 ? -5.835  2.790   -4.869  1.00  18.15 ? 151  CYS A SG  1 
ATOM   800  N N   . VAL A 1 116 ? -4.252  6.907   -6.914  1.00  17.24 ? 152  VAL A N   1 
ATOM   801  C CA  . VAL A 1 116 ? -4.294  8.307   -7.316  1.00  19.68 ? 152  VAL A CA  1 
ATOM   802  C C   . VAL A 1 116 ? -4.340  8.398   -8.835  1.00  22.80 ? 152  VAL A C   1 
ATOM   803  O O   . VAL A 1 116 ? -5.162  9.113   -9.410  1.00  18.16 ? 152  VAL A O   1 
ATOM   804  C CB  . VAL A 1 116 ? -3.067  9.085   -6.788  1.00  18.80 ? 152  VAL A CB  1 
ATOM   805  C CG1 . VAL A 1 116 ? -2.840  10.363  -7.590  1.00  16.03 ? 152  VAL A CG1 1 
ATOM   806  C CG2 . VAL A 1 116 ? -3.237  9.396   -5.307  1.00  18.14 ? 152  VAL A CG2 1 
ATOM   807  N N   . GLU A 1 117 ? -3.463  7.642   -9.482  1.00  23.55 ? 153  GLU A N   1 
ATOM   808  C CA  . GLU A 1 117 ? -3.399  7.620   -10.931 1.00  20.50 ? 153  GLU A CA  1 
ATOM   809  C C   . GLU A 1 117 ? -4.722  7.113   -11.521 1.00  25.41 ? 153  GLU A C   1 
ATOM   810  O O   . GLU A 1 117 ? -5.176  7.599   -12.555 1.00  27.07 ? 153  GLU A O   1 
ATOM   811  C CB  . GLU A 1 117 ? -2.236  6.728   -11.385 1.00  19.73 ? 153  GLU A CB  1 
ATOM   812  C CG  . GLU A 1 117 ? -1.942  6.800   -12.869 1.00  28.07 ? 153  GLU A CG  1 
ATOM   813  C CD  . GLU A 1 117 ? -1.840  5.431   -13.515 1.00  37.97 ? 153  GLU A CD  1 
ATOM   814  O OE1 . GLU A 1 117 ? -2.311  4.447   -12.906 0.010 29.78 ? 153  GLU A OE1 1 
ATOM   815  O OE2 . GLU A 1 117 ? -1.286  5.338   -14.632 0.010 35.06 ? 153  GLU A OE2 1 
ATOM   816  N N   . SER A 1 118 ? -5.335  6.129   -10.864 1.00  24.09 ? 154  SER A N   1 
ATOM   817  C CA  . SER A 1 118 ? -6.605  5.575   -11.334 1.00  19.91 ? 154  SER A CA  1 
ATOM   818  C C   . SER A 1 118 ? -7.720  6.627   -11.313 1.00  22.54 ? 154  SER A C   1 
ATOM   819  O O   . SER A 1 118 ? -8.413  6.823   -12.304 1.00  18.37 ? 154  SER A O   1 
ATOM   820  C CB  . SER A 1 118 ? -7.005  4.369   -10.480 1.00  23.64 ? 154  SER A CB  1 
ATOM   821  O OG  . SER A 1 118 ? -6.185  3.252   -10.771 1.00  25.06 ? 154  SER A OG  1 
ATOM   822  N N   . VAL A 1 119 ? -7.885  7.294   -10.173 1.00  20.24 ? 155  VAL A N   1 
ATOM   823  C CA  . VAL A 1 119 ? -8.880  8.345   -10.049 1.00  26.02 ? 155  VAL A CA  1 
ATOM   824  C C   . VAL A 1 119 ? -8.600  9.448   -11.061 1.00  19.10 ? 155  VAL A C   1 
ATOM   825  O O   . VAL A 1 119 ? -9.511  10.007  -11.659 1.00  24.36 ? 155  VAL A O   1 
ATOM   826  C CB  . VAL A 1 119 ? -8.920  8.923   -8.624  1.00  20.09 ? 155  VAL A CB  1 
ATOM   827  C CG1 . VAL A 1 119 ? -9.942  10.034  -8.534  1.00  19.92 ? 155  VAL A CG1 1 
ATOM   828  C CG2 . VAL A 1 119 ? -9.285  7.827   -7.630  1.00  24.00 ? 155  VAL A CG2 1 
ATOM   829  N N   . ASP A 1 120 ? -7.328  9.717   -11.292 1.00  26.44 ? 156  ASP A N   1 
ATOM   830  C CA  . ASP A 1 120 ? -6.952  10.819  -12.158 1.00  23.86 ? 156  ASP A CA  1 
ATOM   831  C C   . ASP A 1 120 ? -7.350  10.551  -13.595 1.00  18.60 ? 156  ASP A C   1 
ATOM   832  O O   . ASP A 1 120 ? -7.775  11.451  -14.303 1.00  24.87 ? 156  ASP A O   1 
ATOM   833  C CB  . ASP A 1 120 ? -5.451  11.087  -12.068 1.00  29.48 ? 156  ASP A CB  1 
ATOM   834  C CG  . ASP A 1 120 ? -5.077  12.446  -12.612 1.00  31.23 ? 156  ASP A CG  1 
ATOM   835  O OD1 . ASP A 1 120 ? -5.394  13.451  -11.947 1.00  36.37 ? 156  ASP A OD1 1 
ATOM   836  O OD2 . ASP A 1 120 ? -4.476  12.511  -13.704 1.00  36.91 ? 156  ASP A OD2 1 
ATOM   837  N N   . LYS A 1 121 ? -7.208  9.311   -14.040 1.00  30.16 ? 157  LYS A N   1 
ATOM   838  C CA  . LYS A 1 121 ? -7.546  9.011   -15.422 1.00  26.46 ? 157  LYS A CA  1 
ATOM   839  C C   . LYS A 1 121 ? -8.966  8.446   -15.559 1.00  19.96 ? 157  LYS A C   1 
ATOM   840  O O   . LYS A 1 121 ? -9.257  7.666   -16.463 1.00  20.68 ? 157  LYS A O   1 
ATOM   841  C CB  . LYS A 1 121 ? -6.474  8.141   -16.092 1.00  23.98 ? 157  LYS A CB  1 
ATOM   842  C CG  . LYS A 1 121 ? -6.421  6.686   -15.680 1.00  33.80 ? 157  LYS A CG  1 
ATOM   843  C CD  . LYS A 1 121 ? -5.265  5.976   -16.404 1.00  49.56 ? 157  LYS A CD  1 
ATOM   844  C CE  . LYS A 1 121 ? -5.051  4.554   -15.905 1.00  48.57 ? 157  LYS A CE  1 
ATOM   845  N NZ  . LYS A 1 121 ? -6.253  3.690   -16.110 1.00  49.46 ? 157  LYS A NZ  1 
ATOM   846  N N   . GLU A 1 122 ? -9.841  8.878   -14.651 1.00  16.95 ? 158  GLU A N   1 
ATOM   847  C CA  . GLU A 1 122 ? -11.261 8.554   -14.702 1.00  20.77 ? 158  GLU A CA  1 
ATOM   848  C C   . GLU A 1 122 ? -11.483 7.034   -14.643 1.00  26.53 ? 158  GLU A C   1 
ATOM   849  O O   . GLU A 1 122 ? -12.350 6.486   -15.334 1.00  21.13 ? 158  GLU A O   1 
ATOM   850  C CB  . GLU A 1 122 ? -11.927 9.207   -15.933 1.00  19.45 ? 158  GLU A CB  1 
ATOM   851  C CG  . GLU A 1 122 ? -11.789 10.750  -15.974 1.00  18.72 ? 158  GLU A CG  1 
ATOM   852  C CD  . GLU A 1 122 ? -12.251 11.396  -17.293 1.00  27.18 ? 158  GLU A CD  1 
ATOM   853  O OE1 . GLU A 1 122 ? -12.676 10.677  -18.227 1.00  19.17 ? 158  GLU A OE1 1 
ATOM   854  O OE2 . GLU A 1 122 ? -12.190 12.643  -17.398 1.00  25.41 ? 158  GLU A OE2 1 
ATOM   855  N N   A MET A 1 123 ? -10.683 6.345   -13.835 0.50  22.13 ? 159  MET A N   1 
ATOM   856  N N   B MET A 1 123 ? -10.682 6.382   -13.800 0.50  22.10 ? 159  MET A N   1 
ATOM   857  C CA  A MET A 1 123 ? -10.933 4.927   -13.575 0.50  21.24 ? 159  MET A CA  1 
ATOM   858  C CA  B MET A 1 123 ? -10.791 4.948   -13.525 0.50  21.26 ? 159  MET A CA  1 
ATOM   859  C C   A MET A 1 123 ? -11.034 4.693   -12.073 0.50  23.31 ? 159  MET A C   1 
ATOM   860  C C   B MET A 1 123 ? -11.010 4.698   -12.044 0.50  23.00 ? 159  MET A C   1 
ATOM   861  O O   A MET A 1 123 ? -10.441 3.753   -11.536 0.50  20.24 ? 159  MET A O   1 
ATOM   862  O O   B MET A 1 123 ? -10.472 3.739   -11.487 0.50  20.02 ? 159  MET A O   1 
ATOM   863  C CB  A MET A 1 123 ? -9.862  4.036   -14.213 0.50  21.36 ? 159  MET A CB  1 
ATOM   864  C CB  B MET A 1 123 ? -9.516  4.228   -13.947 0.50  22.22 ? 159  MET A CB  1 
ATOM   865  C CG  A MET A 1 123 ? -9.721  4.227   -15.725 0.50  23.92 ? 159  MET A CG  1 
ATOM   866  C CG  B MET A 1 123 ? -9.499  3.845   -15.390 0.50  24.09 ? 159  MET A CG  1 
ATOM   867  S SD  A MET A 1 123 ? -8.778  2.925   -16.550 0.50  29.15 ? 159  MET A SD  1 
ATOM   868  S SD  B MET A 1 123 ? -10.888 2.769   -15.712 0.50  26.90 ? 159  MET A SD  1 
ATOM   869  C CE  A MET A 1 123 ? -8.791  3.493   -18.252 0.50  27.16 ? 159  MET A CE  1 
ATOM   870  C CE  B MET A 1 123 ? -10.786 2.673   -17.491 0.50  31.98 ? 159  MET A CE  1 
ATOM   871  N N   . GLN A 1 124 ? -11.797 5.566   -11.412 1.00  17.73 ? 160  GLN A N   1 
ATOM   872  C CA  . GLN A 1 124 ? -11.999 5.519   -9.972  1.00  19.68 ? 160  GLN A CA  1 
ATOM   873  C C   . GLN A 1 124 ? -12.579 4.195   -9.468  1.00  28.08 ? 160  GLN A C   1 
ATOM   874  O O   . GLN A 1 124 ? -12.451 3.878   -8.282  1.00  24.49 ? 160  GLN A O   1 
ATOM   875  C CB  . GLN A 1 124 ? -12.844 6.723   -9.491  1.00  23.82 ? 160  GLN A CB  1 
ATOM   876  C CG  . GLN A 1 124 ? -14.237 6.880   -10.145 1.00  29.81 ? 160  GLN A CG  1 
ATOM   877  C CD  . GLN A 1 124 ? -14.223 7.574   -11.523 1.00  25.34 ? 160  GLN A CD  1 
ATOM   878  O OE1 . GLN A 1 124 ? -13.282 7.439   -12.297 1.00  23.90 ? 160  GLN A OE1 1 
ATOM   879  N NE2 . GLN A 1 124 ? -15.284 8.312   -11.822 1.00  19.32 ? 160  GLN A NE2 1 
ATOM   880  N N   . VAL A 1 125 ? -13.196 3.422   -10.360 1.00  22.49 ? 161  VAL A N   1 
ATOM   881  C CA  . VAL A 1 125 ? -13.736 2.121   -9.975  1.00  28.38 ? 161  VAL A CA  1 
ATOM   882  C C   . VAL A 1 125 ? -12.640 1.155   -9.568  1.00  23.19 ? 161  VAL A C   1 
ATOM   883  O O   . VAL A 1 125 ? -12.897 0.214   -8.824  1.00  23.02 ? 161  VAL A O   1 
ATOM   884  C CB  . VAL A 1 125 ? -14.584 1.450   -11.095 1.00  28.09 ? 161  VAL A CB  1 
ATOM   885  C CG1 . VAL A 1 125 ? -15.839 2.267   -11.374 1.00  30.50 ? 161  VAL A CG1 1 
ATOM   886  C CG2 . VAL A 1 125 ? -13.760 1.238   -12.361 1.00  20.50 ? 161  VAL A CG2 1 
ATOM   887  N N   . LEU A 1 126 ? -11.424 1.387   -10.060 1.00  21.03 ? 162  LEU A N   1 
ATOM   888  C CA  . LEU A 1 126 ? -10.310 0.476   -9.803  1.00  21.35 ? 162  LEU A CA  1 
ATOM   889  C C   . LEU A 1 126 ? -9.761  0.605   -8.391  1.00  25.72 ? 162  LEU A C   1 
ATOM   890  O O   . LEU A 1 126 ? -8.975  -0.240  -7.964  1.00  19.98 ? 162  LEU A O   1 
ATOM   891  C CB  . LEU A 1 126 ? -9.167  0.695   -10.805 1.00  14.85 ? 162  LEU A CB  1 
ATOM   892  C CG  . LEU A 1 126 ? -9.486  0.421   -12.275 1.00  26.37 ? 162  LEU A CG  1 
ATOM   893  C CD1 . LEU A 1 126 ? -8.277  0.701   -13.150 1.00  20.26 ? 162  LEU A CD1 1 
ATOM   894  C CD2 . LEU A 1 126 ? -9.998  -1.007  -12.479 1.00  18.81 ? 162  LEU A CD2 1 
ATOM   895  N N   . VAL A 1 127 ? -10.156 1.655   -7.671  1.00  17.63 ? 163  VAL A N   1 
ATOM   896  C CA  . VAL A 1 127 ? -9.592  1.899   -6.349  1.00  17.48 ? 163  VAL A CA  1 
ATOM   897  C C   . VAL A 1 127 ? -9.949  0.786   -5.369  1.00  19.20 ? 163  VAL A C   1 
ATOM   898  O O   . VAL A 1 127 ? -9.093  0.300   -4.640  1.00  19.25 ? 163  VAL A O   1 
ATOM   899  C CB  . VAL A 1 127 ? -10.012 3.274   -5.765  1.00  23.21 ? 163  VAL A CB  1 
ATOM   900  C CG1 . VAL A 1 127 ? -9.589  3.385   -4.310  1.00  17.60 ? 163  VAL A CG1 1 
ATOM   901  C CG2 . VAL A 1 127 ? -9.387  4.391   -6.554  1.00  14.15 ? 163  VAL A CG2 1 
ATOM   902  N N   . SER A 1 128 ? -11.209 0.373   -5.357  1.00  19.78 ? 164  SER A N   1 
ATOM   903  C CA  . SER A 1 128 ? -11.627 -0.692  -4.455  1.00  26.98 ? 164  SER A CA  1 
ATOM   904  C C   . SER A 1 128 ? -11.002 -2.026  -4.851  1.00  17.56 ? 164  SER A C   1 
ATOM   905  O O   . SER A 1 128 ? -10.808 -2.899  -4.004  1.00  20.97 ? 164  SER A O   1 
ATOM   906  C CB  . SER A 1 128 ? -13.154 -0.821  -4.414  1.00  24.63 ? 164  SER A CB  1 
ATOM   907  O OG  . SER A 1 128 ? -13.648 -1.300  -5.649  1.00  30.42 ? 164  SER A OG  1 
ATOM   908  N N   . ARG A 1 129 ? -10.700 -2.188  -6.135  1.00  17.00 ? 165  ARG A N   1 
ATOM   909  C CA  . ARG A 1 129 ? -10.088 -3.419  -6.600  1.00  17.43 ? 165  ARG A CA  1 
ATOM   910  C C   . ARG A 1 129 ? -8.636  -3.480  -6.137  1.00  20.49 ? 165  ARG A C   1 
ATOM   911  O O   . ARG A 1 129 ? -8.198  -4.504  -5.607  1.00  18.70 ? 165  ARG A O   1 
ATOM   912  C CB  . ARG A 1 129 ? -10.195 -3.568  -8.123  1.00  21.78 ? 165  ARG A CB  1 
ATOM   913  C CG  . ARG A 1 129 ? -9.530  -4.844  -8.649  1.00  22.43 ? 165  ARG A CG  1 
ATOM   914  C CD  . ARG A 1 129 ? -9.769  -5.066  -10.124 1.00  21.79 ? 165  ARG A CD  1 
ATOM   915  N NE  . ARG A 1 129 ? -11.110 -5.581  -10.400 1.00  16.17 ? 165  ARG A NE  1 
ATOM   916  C CZ  . ARG A 1 129 ? -11.611 -5.711  -11.626 1.00  21.82 ? 165  ARG A CZ  1 
ATOM   917  N NH1 . ARG A 1 129 ? -10.873 -5.364  -12.680 1.00  14.57 ? 165  ARG A NH1 1 
ATOM   918  N NH2 . ARG A 1 129 ? -12.840 -6.187  -11.801 1.00  19.94 ? 165  ARG A NH2 1 
ATOM   919  N N   . ILE A 1 130 ? -7.902  -2.379  -6.319  1.00  15.86 ? 166  ILE A N   1 
ATOM   920  C CA  . ILE A 1 130 ? -6.531  -2.268  -5.809  1.00  12.58 ? 166  ILE A CA  1 
ATOM   921  C C   . ILE A 1 130 ? -6.480  -2.518  -4.303  1.00  16.95 ? 166  ILE A C   1 
ATOM   922  O O   . ILE A 1 130 ? -5.626  -3.271  -3.821  1.00  18.39 ? 166  ILE A O   1 
ATOM   923  C CB  . ILE A 1 130 ? -5.916  -0.884  -6.117  1.00  24.62 ? 166  ILE A CB  1 
ATOM   924  C CG1 . ILE A 1 130 ? -5.814  -0.659  -7.624  1.00  15.99 ? 166  ILE A CG1 1 
ATOM   925  C CG2 . ILE A 1 130 ? -4.531  -0.737  -5.471  1.00  13.63 ? 166  ILE A CG2 1 
ATOM   926  C CD1 . ILE A 1 130 ? -5.914  0.822   -8.004  1.00  19.09 ? 166  ILE A CD1 1 
ATOM   927  N N   . ALA A 1 131 ? -7.401  -1.892  -3.561  1.00  12.97 ? 167  ALA A N   1 
ATOM   928  C CA  . ALA A 1 131 ? -7.564  -2.181  -2.136  1.00  14.70 ? 167  ALA A CA  1 
ATOM   929  C C   . ALA A 1 131 ? -7.659  -3.683  -1.862  1.00  17.89 ? 167  ALA A C   1 
ATOM   930  O O   . ALA A 1 131 ? -6.913  -4.218  -1.036  1.00  18.37 ? 167  ALA A O   1 
ATOM   931  C CB  . ALA A 1 131 ? -8.799  -1.460  -1.576  1.00  15.86 ? 167  ALA A CB  1 
ATOM   932  N N   . ALA A 1 132 ? -8.572  -4.359  -2.556  1.00  14.77 ? 168  ALA A N   1 
ATOM   933  C CA  . ALA A 1 132 ? -8.728  -5.812  -2.412  1.00  23.24 ? 168  ALA A CA  1 
ATOM   934  C C   . ALA A 1 132 ? -7.433  -6.547  -2.758  1.00  17.16 ? 168  ALA A C   1 
ATOM   935  O O   . ALA A 1 132 ? -6.974  -7.404  -2.011  1.00  14.99 ? 168  ALA A O   1 
ATOM   936  C CB  . ALA A 1 132 ? -9.856  -6.304  -3.286  1.00  18.22 ? 168  ALA A CB  1 
ATOM   937  N N   . TRP A 1 133 ? -6.850  -6.198  -3.898  1.00  13.56 ? 169  TRP A N   1 
ATOM   938  C CA  . TRP A 1 133 ? -5.557  -6.736  -4.299  1.00  17.60 ? 169  TRP A CA  1 
ATOM   939  C C   . TRP A 1 133 ? -4.482  -6.537  -3.217  1.00  21.71 ? 169  TRP A C   1 
ATOM   940  O O   . TRP A 1 133 ? -3.688  -7.441  -2.951  1.00  23.36 ? 169  TRP A O   1 
ATOM   941  C CB  . TRP A 1 133 ? -5.090  -6.073  -5.598  1.00  19.35 ? 169  TRP A CB  1 
ATOM   942  C CG  . TRP A 1 133 ? -5.801  -6.531  -6.815  1.00  16.87 ? 169  TRP A CG  1 
ATOM   943  C CD1 . TRP A 1 133 ? -6.782  -7.473  -6.886  1.00  17.45 ? 169  TRP A CD1 1 
ATOM   944  C CD2 . TRP A 1 133 ? -5.594  -6.061  -8.157  1.00  17.07 ? 169  TRP A CD2 1 
ATOM   945  N NE1 . TRP A 1 133 ? -7.189  -7.636  -8.194  1.00  19.70 ? 169  TRP A NE1 1 
ATOM   946  C CE2 . TRP A 1 133 ? -6.480  -6.777  -8.991  1.00  16.71 ? 169  TRP A CE2 1 
ATOM   947  C CE3 . TRP A 1 133 ? -4.740  -5.114  -8.730  1.00  18.54 ? 169  TRP A CE3 1 
ATOM   948  C CZ2 . TRP A 1 133 ? -6.540  -6.571  -10.367 1.00  17.11 ? 169  TRP A CZ2 1 
ATOM   949  C CZ3 . TRP A 1 133 ? -4.803  -4.908  -10.097 1.00  26.22 ? 169  TRP A CZ3 1 
ATOM   950  C CH2 . TRP A 1 133 ? -5.698  -5.639  -10.902 1.00  22.33 ? 169  TRP A CH2 1 
ATOM   951  N N   . MET A 1 134 ? -4.441  -5.352  -2.609  1.00  13.79 ? 170  MET A N   1 
ATOM   952  C CA  . MET A 1 134 ? -3.434  -5.084  -1.589  1.00  16.42 ? 170  MET A CA  1 
ATOM   953  C C   . MET A 1 134 ? -3.665  -5.932  -0.354  1.00  20.06 ? 170  MET A C   1 
ATOM   954  O O   . MET A 1 134 ? -2.708  -6.406  0.263   1.00  14.58 ? 170  MET A O   1 
ATOM   955  C CB  . MET A 1 134 ? -3.400  -3.600  -1.209  1.00  13.28 ? 170  MET A CB  1 
ATOM   956  C CG  . MET A 1 134 ? -2.764  -2.700  -2.272  1.00  9.12  ? 170  MET A CG  1 
ATOM   957  S SD  . MET A 1 134 ? -3.075  -0.951  -1.925  1.00  18.89 ? 170  MET A SD  1 
ATOM   958  C CE  . MET A 1 134 ? -1.921  -0.628  -0.599  1.00  8.85  ? 170  MET A CE  1 
ATOM   959  N N   . ALA A 1 135 ? -4.929  -6.122  0.017   1.00  14.74 ? 171  ALA A N   1 
ATOM   960  C CA  . ALA A 1 135 ? -5.223  -6.937  1.187   1.00  24.45 ? 171  ALA A CA  1 
ATOM   961  C C   . ALA A 1 135 ? -4.840  -8.398  0.902   1.00  19.86 ? 171  ALA A C   1 
ATOM   962  O O   . ALA A 1 135 ? -4.219  -9.054  1.727   1.00  20.85 ? 171  ALA A O   1 
ATOM   963  C CB  . ALA A 1 135 ? -6.696  -6.794  1.616   1.00  11.44 ? 171  ALA A CB  1 
ATOM   964  N N   . THR A 1 136 ? -5.171  -8.878  -0.287  1.00  18.05 ? 172  THR A N   1 
ATOM   965  C CA  . THR A 1 136 ? -4.785  -10.215 -0.710  1.00  19.47 ? 172  THR A CA  1 
ATOM   966  C C   . THR A 1 136 ? -3.271  -10.407 -0.691  1.00  25.10 ? 172  THR A C   1 
ATOM   967  O O   . THR A 1 136 ? -2.767  -11.366 -0.120  1.00  17.47 ? 172  THR A O   1 
ATOM   968  C CB  . THR A 1 136 ? -5.339  -10.522 -2.103  1.00  17.85 ? 172  THR A CB  1 
ATOM   969  O OG1 . THR A 1 136 ? -6.767  -10.610 -2.021  1.00  23.79 ? 172  THR A OG1 1 
ATOM   970  C CG2 . THR A 1 136 ? -4.779  -11.840 -2.632  1.00  19.51 ? 172  THR A CG2 1 
ATOM   971  N N   . TYR A 1 137 ? -2.542  -9.480  -1.295  1.00  23.96 ? 173  TYR A N   1 
ATOM   972  C CA  . TYR A 1 137 ? -1.091  -9.592  -1.330  1.00  22.32 ? 173  TYR A CA  1 
ATOM   973  C C   . TYR A 1 137 ? -0.501  -9.538  0.078   1.00  25.59 ? 173  TYR A C   1 
ATOM   974  O O   . TYR A 1 137 ? 0.390   -10.318 0.425   1.00  20.34 ? 173  TYR A O   1 
ATOM   975  C CB  . TYR A 1 137 ? -0.499  -8.495  -2.208  1.00  16.30 ? 173  TYR A CB  1 
ATOM   976  C CG  . TYR A 1 137 ? 0.957   -8.709  -2.567  1.00  18.06 ? 173  TYR A CG  1 
ATOM   977  C CD1 . TYR A 1 137 ? 1.970   -8.443  -1.650  1.00  18.20 ? 173  TYR A CD1 1 
ATOM   978  C CD2 . TYR A 1 137 ? 1.319   -9.157  -3.829  1.00  15.60 ? 173  TYR A CD2 1 
ATOM   979  C CE1 . TYR A 1 137 ? 3.303   -8.628  -1.979  1.00  17.32 ? 173  TYR A CE1 1 
ATOM   980  C CE2 . TYR A 1 137 ? 2.643   -9.345  -4.164  1.00  18.78 ? 173  TYR A CE2 1 
ATOM   981  C CZ  . TYR A 1 137 ? 3.630   -9.083  -3.237  1.00  18.63 ? 173  TYR A CZ  1 
ATOM   982  O OH  . TYR A 1 137 ? 4.953   -9.257  -3.582  1.00  14.72 ? 173  TYR A OH  1 
ATOM   983  N N   . LEU A 1 138 ? -1.002  -8.607  0.881   1.00  18.99 ? 174  LEU A N   1 
ATOM   984  C CA  . LEU A 1 138 ? -0.585  -8.472  2.273   1.00  21.69 ? 174  LEU A CA  1 
ATOM   985  C C   . LEU A 1 138 ? -0.843  -9.752  3.088   1.00  22.62 ? 174  LEU A C   1 
ATOM   986  O O   . LEU A 1 138 ? 0.023   -10.222 3.824   1.00  21.04 ? 174  LEU A O   1 
ATOM   987  C CB  . LEU A 1 138 ? -1.313  -7.284  2.904   1.00  19.37 ? 174  LEU A CB  1 
ATOM   988  C CG  . LEU A 1 138 ? -1.087  -6.970  4.375   1.00  31.74 ? 174  LEU A CG  1 
ATOM   989  C CD1 . LEU A 1 138 ? 0.397   -6.853  4.658   1.00  27.80 ? 174  LEU A CD1 1 
ATOM   990  C CD2 . LEU A 1 138 ? -1.819  -5.676  4.731   1.00  29.68 ? 174  LEU A CD2 1 
ATOM   991  N N   . ASN A 1 139 ? -2.035  -10.321 2.943   1.00  25.32 ? 175  ASN A N   1 
ATOM   992  C CA  . ASN A 1 139 ? -2.415  -11.506 3.705   1.00  21.16 ? 175  ASN A CA  1 
ATOM   993  C C   . ASN A 1 139 ? -1.582  -12.760 3.388   1.00  25.16 ? 175  ASN A C   1 
ATOM   994  O O   . ASN A 1 139 ? -1.280  -13.544 4.284   1.00  26.78 ? 175  ASN A O   1 
ATOM   995  C CB  . ASN A 1 139 ? -3.920  -11.792 3.571   1.00  29.16 ? 175  ASN A CB  1 
ATOM   996  C CG  . ASN A 1 139 ? -4.800  -10.764 4.323   1.00  31.90 ? 175  ASN A CG  1 
ATOM   997  O OD1 . ASN A 1 139 ? -4.403  -10.203 5.346   1.00  33.68 ? 175  ASN A OD1 1 
ATOM   998  N ND2 . ASN A 1 139 ? -6.003  -10.537 3.811   1.00  31.81 ? 175  ASN A ND2 1 
ATOM   999  N N   . ASP A 1 140 ? -1.182  -12.966 2.138   1.00  23.55 ? 176  ASP A N   1 
ATOM   1000 C CA  . ASP A 1 140 ? -0.361  -14.155 1.901   1.00  32.66 ? 176  ASP A CA  1 
ATOM   1001 C C   . ASP A 1 140 ? 1.154   -13.972 1.784   1.00  21.42 ? 176  ASP A C   1 
ATOM   1002 O O   . ASP A 1 140 ? 1.895   -14.838 2.227   1.00  24.06 ? 176  ASP A O   1 
ATOM   1003 C CB  . ASP A 1 140 ? -0.934  -15.100 0.827   1.00  40.42 ? 176  ASP A CB  1 
ATOM   1004 C CG  . ASP A 1 140 ? -1.248  -14.407 -0.464  1.00  45.26 ? 176  ASP A CG  1 
ATOM   1005 O OD1 . ASP A 1 140 ? -0.407  -13.604 -0.903  1.00  57.02 ? 176  ASP A OD1 1 
ATOM   1006 O OD2 . ASP A 1 140 ? -2.321  -14.688 -1.056  1.00  37.95 ? 176  ASP A OD2 1 
ATOM   1007 N N   . HIS A 1 141 ? 1.623   -12.856 1.240   1.00  22.29 ? 177  HIS A N   1 
ATOM   1008 C CA  . HIS A 1 141 ? 3.069   -12.681 1.055   1.00  24.73 ? 177  HIS A CA  1 
ATOM   1009 C C   . HIS A 1 141 ? 3.769   -11.928 2.181   1.00  15.61 ? 177  HIS A C   1 
ATOM   1010 O O   . HIS A 1 141 ? 4.934   -12.170 2.457   1.00  23.71 ? 177  HIS A O   1 
ATOM   1011 C CB  . HIS A 1 141 ? 3.382   -11.988 -0.276  1.00  20.64 ? 177  HIS A CB  1 
ATOM   1012 C CG  . HIS A 1 141 ? 3.007   -12.791 -1.483  1.00  24.63 ? 177  HIS A CG  1 
ATOM   1013 N ND1 . HIS A 1 141 ? 3.420   -14.095 -1.671  1.00  20.95 ? 177  HIS A ND1 1 
ATOM   1014 C CD2 . HIS A 1 141 ? 2.263   -12.471 -2.570  1.00  18.03 ? 177  HIS A CD2 1 
ATOM   1015 C CE1 . HIS A 1 141 ? 2.948   -14.541 -2.821  1.00  25.43 ? 177  HIS A CE1 1 
ATOM   1016 N NE2 . HIS A 1 141 ? 2.239   -13.579 -3.384  1.00  27.24 ? 177  HIS A NE2 1 
ATOM   1017 N N   . LEU A 1 142 ? 3.082   -11.000 2.827   1.00  20.89 ? 178  LEU A N   1 
ATOM   1018 C CA  . LEU A 1 142 ? 3.770   -10.139 3.789   1.00  21.28 ? 178  LEU A CA  1 
ATOM   1019 C C   . LEU A 1 142 ? 3.520   -10.552 5.234   1.00  18.94 ? 178  LEU A C   1 
ATOM   1020 O O   . LEU A 1 142 ? 4.431   -10.536 6.069   1.00  20.44 ? 178  LEU A O   1 
ATOM   1021 C CB  . LEU A 1 142 ? 3.385   -8.672  3.553   1.00  16.91 ? 178  LEU A CB  1 
ATOM   1022 C CG  . LEU A 1 142 ? 3.680   -8.230  2.119   1.00  13.96 ? 178  LEU A CG  1 
ATOM   1023 C CD1 . LEU A 1 142 ? 3.282   -6.779  1.918   1.00  19.69 ? 178  LEU A CD1 1 
ATOM   1024 C CD2 . LEU A 1 142 ? 5.148   -8.445  1.783   1.00  13.65 ? 178  LEU A CD2 1 
ATOM   1025 N N   . GLU A 1 143 ? 2.279   -10.929 5.512   1.00  15.90 ? 179  GLU A N   1 
ATOM   1026 C CA  . GLU A 1 143 ? 1.851   -11.343 6.852   1.00  19.35 ? 179  GLU A CA  1 
ATOM   1027 C C   . GLU A 1 143 ? 2.716   -12.428 7.538   1.00  19.56 ? 179  GLU A C   1 
ATOM   1028 O O   . GLU A 1 143 ? 2.938   -12.360 8.749   1.00  19.15 ? 179  GLU A O   1 
ATOM   1029 C CB  . GLU A 1 143 ? 0.370   -11.754 6.809   1.00  25.47 ? 179  GLU A CB  1 
ATOM   1030 C CG  . GLU A 1 143 ? -0.282  -12.005 8.151   1.00  39.22 ? 179  GLU A CG  1 
ATOM   1031 C CD  . GLU A 1 143 ? -0.308  -10.781 9.048   1.00  33.90 ? 179  GLU A CD  1 
ATOM   1032 O OE1 . GLU A 1 143 ? -0.434  -9.639  8.545   1.00  31.15 ? 179  GLU A OE1 1 
ATOM   1033 O OE2 . GLU A 1 143 ? -0.211  -10.976 10.275  1.00  40.87 ? 179  GLU A OE2 1 
ATOM   1034 N N   . PRO A 1 144 ? 3.202   -13.433 6.783   1.00  21.18 ? 180  PRO A N   1 
ATOM   1035 C CA  . PRO A 1 144 ? 4.079   -14.395 7.464   1.00  19.11 ? 180  PRO A CA  1 
ATOM   1036 C C   . PRO A 1 144 ? 5.357   -13.755 8.009   1.00  16.58 ? 180  PRO A C   1 
ATOM   1037 O O   . PRO A 1 144 ? 5.800   -14.123 9.090   1.00  20.33 ? 180  PRO A O   1 
ATOM   1038 C CB  . PRO A 1 144 ? 4.418   -15.398 6.357   1.00  18.73 ? 180  PRO A CB  1 
ATOM   1039 C CG  . PRO A 1 144 ? 3.236   -15.336 5.450   1.00  19.59 ? 180  PRO A CG  1 
ATOM   1040 C CD  . PRO A 1 144 ? 2.881   -13.878 5.414   1.00  18.25 ? 180  PRO A CD  1 
ATOM   1041 N N   . TRP A 1 145 ? 5.940   -12.816 7.272   1.00  20.00 ? 181  TRP A N   1 
ATOM   1042 C CA  . TRP A 1 145 ? 7.131   -12.124 7.755   1.00  23.42 ? 181  TRP A CA  1 
ATOM   1043 C C   . TRP A 1 145 ? 6.790   -11.210 8.939   1.00  18.66 ? 181  TRP A C   1 
ATOM   1044 O O   . TRP A 1 145 ? 7.548   -11.132 9.909   1.00  15.72 ? 181  TRP A O   1 
ATOM   1045 C CB  . TRP A 1 145 ? 7.803   -11.321 6.637   1.00  13.97 ? 181  TRP A CB  1 
ATOM   1046 C CG  . TRP A 1 145 ? 9.063   -10.630 7.106   1.00  20.09 ? 181  TRP A CG  1 
ATOM   1047 C CD1 . TRP A 1 145 ? 10.339  -11.123 7.061   1.00  18.09 ? 181  TRP A CD1 1 
ATOM   1048 C CD2 . TRP A 1 145 ? 9.159   -9.326  7.704   1.00  21.00 ? 181  TRP A CD2 1 
ATOM   1049 N NE1 . TRP A 1 145 ? 11.221  -10.206 7.591   1.00  21.02 ? 181  TRP A NE1 1 
ATOM   1050 C CE2 . TRP A 1 145 ? 10.522  -9.097  7.995   1.00  17.39 ? 181  TRP A CE2 1 
ATOM   1051 C CE3 . TRP A 1 145 ? 8.224   -8.333  8.024   1.00  20.52 ? 181  TRP A CE3 1 
ATOM   1052 C CZ2 . TRP A 1 145 ? 10.969  -7.915  8.589   1.00  17.95 ? 181  TRP A CZ2 1 
ATOM   1053 C CZ3 . TRP A 1 145 ? 8.671   -7.162  8.628   1.00  17.41 ? 181  TRP A CZ3 1 
ATOM   1054 C CH2 . TRP A 1 145 ? 10.028  -6.965  8.905   1.00  18.08 ? 181  TRP A CH2 1 
ATOM   1055 N N   . ILE A 1 146 ? 5.655   -10.521 8.839   1.00  17.08 ? 182  ILE A N   1 
ATOM   1056 C CA  . ILE A 1 146 ? 5.157   -9.644  9.912   1.00  24.07 ? 182  ILE A CA  1 
ATOM   1057 C C   . ILE A 1 146 ? 4.988   -10.385 11.248  1.00  21.42 ? 182  ILE A C   1 
ATOM   1058 O O   . ILE A 1 146 ? 5.444   -9.916  12.286  1.00  22.13 ? 182  ILE A O   1 
ATOM   1059 C CB  . ILE A 1 146 ? 3.830   -8.933  9.492   1.00  19.62 ? 182  ILE A CB  1 
ATOM   1060 C CG1 . ILE A 1 146 ? 4.124   -7.866  8.430   1.00  13.96 ? 182  ILE A CG1 1 
ATOM   1061 C CG2 . ILE A 1 146 ? 3.141   -8.274  10.689  1.00  24.26 ? 182  ILE A CG2 1 
ATOM   1062 C CD1 . ILE A 1 146 ? 2.909   -7.461  7.619   1.00  14.33 ? 182  ILE A CD1 1 
ATOM   1063 N N   . GLN A 1 147 ? 4.363   -11.558 11.213  1.00  19.25 ? 183  GLN A N   1 
ATOM   1064 C CA  . GLN A 1 147 ? 4.173   -12.351 12.424  1.00  26.06 ? 183  GLN A CA  1 
ATOM   1065 C C   . GLN A 1 147 ? 5.481   -12.857 13.000  1.00  20.53 ? 183  GLN A C   1 
ATOM   1066 O O   . GLN A 1 147 ? 5.610   -13.047 14.205  1.00  29.04 ? 183  GLN A O   1 
ATOM   1067 C CB  . GLN A 1 147 ? 3.270   -13.538 12.137  1.00  23.28 ? 183  GLN A CB  1 
ATOM   1068 C CG  . GLN A 1 147 ? 1.857   -13.153 11.768  1.00  23.50 ? 183  GLN A CG  1 
ATOM   1069 C CD  . GLN A 1 147 ? 1.231   -12.312 12.854  1.00  35.01 ? 183  GLN A CD  1 
ATOM   1070 O OE1 . GLN A 1 147 ? 1.103   -12.758 14.000  1.00  38.06 ? 183  GLN A OE1 1 
ATOM   1071 N NE2 . GLN A 1 147 ? 0.868   -11.075 12.515  1.00  27.46 ? 183  GLN A NE2 1 
ATOM   1072 N N   . GLU A 1 148 ? 6.444   -13.083 12.121  1.00  19.02 ? 184  GLU A N   1 
ATOM   1073 C CA  . GLU A 1 148 ? 7.737   -13.623 12.501  1.00  19.30 ? 184  GLU A CA  1 
ATOM   1074 C C   . GLU A 1 148 ? 8.587   -12.513 13.109  1.00  20.25 ? 184  GLU A C   1 
ATOM   1075 O O   . GLU A 1 148 ? 9.523   -12.771 13.864  1.00  21.59 ? 184  GLU A O   1 
ATOM   1076 C CB  . GLU A 1 148 ? 8.433   -14.224 11.264  1.00  15.32 ? 184  GLU A CB  1 
ATOM   1077 C CG  . GLU A 1 148 ? 9.889   -14.683 11.486  1.00  19.60 ? 184  GLU A CG  1 
ATOM   1078 C CD  . GLU A 1 148 ? 10.006  -16.148 11.919  1.00  23.56 ? 184  GLU A CD  1 
ATOM   1079 O OE1 . GLU A 1 148 ? 8.997   -16.738 12.365  1.00  19.51 ? 184  GLU A OE1 1 
ATOM   1080 O OE2 . GLU A 1 148 ? 11.114  -16.716 11.798  1.00  27.86 ? 184  GLU A OE2 1 
ATOM   1081 N N   . ASN A 1 149 ? 8.262   -11.267 12.783  1.00  18.34 ? 185  ASN A N   1 
ATOM   1082 C CA  . ASN A 1 149 ? 9.124   -10.163 13.179  1.00  15.17 ? 185  ASN A CA  1 
ATOM   1083 C C   . ASN A 1 149 ? 8.501   -9.167  14.165  1.00  23.97 ? 185  ASN A C   1 
ATOM   1084 O O   . ASN A 1 149 ? 8.861   -7.991  14.197  1.00  24.71 ? 185  ASN A O   1 
ATOM   1085 C CB  . ASN A 1 149 ? 9.713   -9.481  11.946  1.00  14.47 ? 185  ASN A CB  1 
ATOM   1086 C CG  . ASN A 1 149 ? 10.767  -10.341 11.267  1.00  23.02 ? 185  ASN A CG  1 
ATOM   1087 O OD1 . ASN A 1 149 ? 11.953  -10.204 11.537  1.00  31.02 ? 185  ASN A OD1 1 
ATOM   1088 N ND2 . ASN A 1 149 ? 10.333  -11.257 10.404  1.00  19.61 ? 185  ASN A ND2 1 
ATOM   1089 N N   . GLY A 1 150 ? 7.574   -9.666  14.976  1.00  24.04 ? 186  GLY A N   1 
ATOM   1090 C CA  . GLY A 1 150 ? 7.031   -8.910  16.086  1.00  24.86 ? 186  GLY A CA  1 
ATOM   1091 C C   . GLY A 1 150 ? 5.639   -8.361  15.853  1.00  30.85 ? 186  GLY A C   1 
ATOM   1092 O O   . GLY A 1 150 ? 5.085   -7.726  16.739  1.00  28.89 ? 186  GLY A O   1 
ATOM   1093 N N   . GLY A 1 151 ? 5.077   -8.593  14.668  1.00  24.25 ? 187  GLY A N   1 
ATOM   1094 C CA  . GLY A 1 151 ? 3.752   -8.092  14.343  1.00  18.54 ? 187  GLY A CA  1 
ATOM   1095 C C   . GLY A 1 151 ? 3.717   -6.585  14.204  1.00  19.30 ? 187  GLY A C   1 
ATOM   1096 O O   . GLY A 1 151 ? 4.751   -5.916  14.301  1.00  18.54 ? 187  GLY A O   1 
ATOM   1097 N N   . TRP A 1 152 ? 2.530   -6.038  13.986  1.00  15.70 ? 188  TRP A N   1 
ATOM   1098 C CA  . TRP A 1 152 ? 2.400   -4.599  13.772  1.00  27.95 ? 188  TRP A CA  1 
ATOM   1099 C C   . TRP A 1 152 ? 2.763   -3.748  14.988  1.00  29.35 ? 188  TRP A C   1 
ATOM   1100 O O   . TRP A 1 152 ? 3.134   -2.584  14.834  1.00  25.08 ? 188  TRP A O   1 
ATOM   1101 C CB  . TRP A 1 152 ? 0.999   -4.237  13.286  1.00  24.80 ? 188  TRP A CB  1 
ATOM   1102 C CG  . TRP A 1 152 ? 0.752   -4.639  11.877  1.00  27.28 ? 188  TRP A CG  1 
ATOM   1103 C CD1 . TRP A 1 152 ? 0.030   -5.718  11.442  1.00  25.08 ? 188  TRP A CD1 1 
ATOM   1104 C CD2 . TRP A 1 152 ? 1.224   -3.968  10.704  1.00  16.75 ? 188  TRP A CD2 1 
ATOM   1105 N NE1 . TRP A 1 152 ? 0.025   -5.751  10.067  1.00  28.35 ? 188  TRP A NE1 1 
ATOM   1106 C CE2 . TRP A 1 152 ? 0.756   -4.691  9.592   1.00  19.53 ? 188  TRP A CE2 1 
ATOM   1107 C CE3 . TRP A 1 152 ? 2.001   -2.829  10.487  1.00  17.55 ? 188  TRP A CE3 1 
ATOM   1108 C CZ2 . TRP A 1 152 ? 1.032   -4.304  8.282   1.00  22.44 ? 188  TRP A CZ2 1 
ATOM   1109 C CZ3 . TRP A 1 152 ? 2.285   -2.453  9.191   1.00  17.39 ? 188  TRP A CZ3 1 
ATOM   1110 C CH2 . TRP A 1 152 ? 1.796   -3.184  8.105   1.00  23.31 ? 188  TRP A CH2 1 
ATOM   1111 N N   . ASP A 1 153 ? 2.658   -4.315  16.190  1.00  28.72 ? 189  ASP A N   1 
ATOM   1112 C CA  . ASP A 1 153 ? 3.030   -3.566  17.396  1.00  30.66 ? 189  ASP A CA  1 
ATOM   1113 C C   . ASP A 1 153 ? 4.501   -3.225  17.352  1.00  26.20 ? 189  ASP A C   1 
ATOM   1114 O O   . ASP A 1 153 ? 4.913   -2.185  17.857  1.00  29.61 ? 189  ASP A O   1 
ATOM   1115 C CB  . ASP A 1 153 ? 2.719   -4.340  18.679  1.00  35.69 ? 189  ASP A CB  1 
ATOM   1116 C CG  . ASP A 1 153 ? 1.233   -4.442  18.949  1.00  43.21 ? 189  ASP A CG  1 
ATOM   1117 O OD1 . ASP A 1 153 ? 0.478   -3.519  18.557  1.00  48.38 ? 189  ASP A OD1 1 
ATOM   1118 O OD2 . ASP A 1 153 ? 0.821   -5.452  19.555  1.00  49.20 ? 189  ASP A OD2 1 
ATOM   1119 N N   . THR A 1 154 ? 5.293   -4.099  16.739  1.00  27.34 ? 190  THR A N   1 
ATOM   1120 C CA  . THR A 1 154 ? 6.731   -3.867  16.645  1.00  23.94 ? 190  THR A CA  1 
ATOM   1121 C C   . THR A 1 154 ? 6.995   -2.755  15.637  1.00  28.31 ? 190  THR A C   1 
ATOM   1122 O O   . THR A 1 154 ? 7.871   -1.911  15.839  1.00  28.80 ? 190  THR A O   1 
ATOM   1123 C CB  . THR A 1 154 ? 7.498   -5.170  16.317  1.00  26.70 ? 190  THR A CB  1 
ATOM   1124 O OG1 . THR A 1 154 ? 7.355   -6.094  17.406  1.00  32.92 ? 190  THR A OG1 1 
ATOM   1125 C CG2 . THR A 1 154 ? 8.966   -4.896  16.121  1.00  24.06 ? 190  THR A CG2 1 
ATOM   1126 N N   . PHE A 1 155 ? 6.201   -2.733  14.570  1.00  30.88 ? 191  PHE A N   1 
ATOM   1127 C CA  . PHE A 1 155 ? 6.253   -1.644  13.607  1.00  27.56 ? 191  PHE A CA  1 
ATOM   1128 C C   . PHE A 1 155 ? 6.019   -0.289  14.286  1.00  24.71 ? 191  PHE A C   1 
ATOM   1129 O O   . PHE A 1 155 ? 6.750   0.666   14.036  1.00  23.63 ? 191  PHE A O   1 
ATOM   1130 C CB  . PHE A 1 155 ? 5.238   -1.857  12.488  1.00  23.08 ? 191  PHE A CB  1 
ATOM   1131 C CG  . PHE A 1 155 ? 5.201   -0.735  11.486  1.00  20.22 ? 191  PHE A CG  1 
ATOM   1132 C CD1 . PHE A 1 155 ? 6.211   -0.588  10.557  1.00  22.36 ? 191  PHE A CD1 1 
ATOM   1133 C CD2 . PHE A 1 155 ? 4.151   0.177   11.484  1.00  24.27 ? 191  PHE A CD2 1 
ATOM   1134 C CE1 . PHE A 1 155 ? 6.177   0.439   9.635   1.00  23.05 ? 191  PHE A CE1 1 
ATOM   1135 C CE2 . PHE A 1 155 ? 4.107   1.198   10.580  1.00  17.76 ? 191  PHE A CE2 1 
ATOM   1136 C CZ  . PHE A 1 155 ? 5.124   1.340   9.647   1.00  24.21 ? 191  PHE A CZ  1 
ATOM   1137 N N   . VAL A 1 156 ? 5.013   -0.215  15.153  1.00  25.96 ? 192  VAL A N   1 
ATOM   1138 C CA  . VAL A 1 156 ? 4.752   1.013   15.912  1.00  30.30 ? 192  VAL A CA  1 
ATOM   1139 C C   . VAL A 1 156 ? 5.929   1.413   16.816  1.00  31.36 ? 192  VAL A C   1 
ATOM   1140 O O   . VAL A 1 156 ? 6.279   2.591   16.887  1.00  33.18 ? 192  VAL A O   1 
ATOM   1141 C CB  . VAL A 1 156 ? 3.459   0.923   16.749  1.00  32.96 ? 192  VAL A CB  1 
ATOM   1142 C CG1 . VAL A 1 156 ? 3.319   2.147   17.659  1.00  30.37 ? 192  VAL A CG1 1 
ATOM   1143 C CG2 . VAL A 1 156 ? 2.246   0.794   15.844  1.00  19.29 ? 192  VAL A CG2 1 
ATOM   1144 N N   . GLU A 1 157 ? 6.543   0.437   17.488  1.00  26.81 ? 193  GLU A N   1 
ATOM   1145 C CA  . GLU A 1 157 ? 7.720   0.699   18.313  1.00  29.48 ? 193  GLU A CA  1 
ATOM   1146 C C   . GLU A 1 157 ? 8.821   1.339   17.493  1.00  32.10 ? 193  GLU A C   1 
ATOM   1147 O O   . GLU A 1 157 ? 9.486   2.263   17.952  1.00  33.95 ? 193  GLU A O   1 
ATOM   1148 C CB  . GLU A 1 157 ? 8.253   -0.588  18.957  1.00  34.58 ? 193  GLU A CB  1 
ATOM   1149 C CG  . GLU A 1 157 ? 7.326   -1.205  19.998  1.00  35.99 ? 193  GLU A CG  1 
ATOM   1150 C CD  . GLU A 1 157 ? 7.854   -2.541  20.513  1.00  55.94 ? 193  GLU A CD  1 
ATOM   1151 O OE1 . GLU A 1 157 ? 9.076   -2.778  20.362  1.00  59.48 ? 193  GLU A OE1 1 
ATOM   1152 O OE2 . GLU A 1 157 ? 7.058   -3.356  21.059  1.00  50.18 ? 193  GLU A OE2 1 
ATOM   1153 N N   . LEU A 1 158 ? 9.004   0.847   16.273  1.00  30.47 ? 194  LEU A N   1 
ATOM   1154 C CA  . LEU A 1 158 ? 10.083  1.324   15.418  1.00  32.86 ? 194  LEU A CA  1 
ATOM   1155 C C   . LEU A 1 158 ? 9.749   2.634   14.698  1.00  32.81 ? 194  LEU A C   1 
ATOM   1156 O O   . LEU A 1 158 ? 10.580  3.534   14.637  1.00  42.13 ? 194  LEU A O   1 
ATOM   1157 C CB  . LEU A 1 158 ? 10.478  0.249   14.399  1.00  33.64 ? 194  LEU A CB  1 
ATOM   1158 C CG  . LEU A 1 158 ? 11.092  -1.059  14.906  1.00  34.64 ? 194  LEU A CG  1 
ATOM   1159 C CD1 . LEU A 1 158 ? 11.053  -2.129  13.812  1.00  26.81 ? 194  LEU A CD1 1 
ATOM   1160 C CD2 . LEU A 1 158 ? 12.520  -0.849  15.380  1.00  29.67 ? 194  LEU A CD2 1 
ATOM   1161 N N   . TYR A 1 159 ? 8.530   2.743   14.170  1.00  35.63 ? 195  TYR A N   1 
ATOM   1162 C CA  . TYR A 1 159 ? 8.152   3.854   13.288  1.00  36.71 ? 195  TYR A CA  1 
ATOM   1163 C C   . TYR A 1 159 ? 7.183   4.893   13.881  1.00  37.04 ? 195  TYR A C   1 
ATOM   1164 O O   . TYR A 1 159 ? 6.833   5.863   13.211  1.00  40.32 ? 195  TYR A O   1 
ATOM   1165 C CB  . TYR A 1 159 ? 7.533   3.303   11.997  1.00  35.64 ? 195  TYR A CB  1 
ATOM   1166 C CG  . TYR A 1 159 ? 8.517   2.701   11.020  1.00  35.71 ? 195  TYR A CG  1 
ATOM   1167 C CD1 . TYR A 1 159 ? 9.034   1.429   11.219  1.00  36.93 ? 195  TYR A CD1 1 
ATOM   1168 C CD2 . TYR A 1 159 ? 8.912   3.401   9.882   1.00  38.06 ? 195  TYR A CD2 1 
ATOM   1169 C CE1 . TYR A 1 159 ? 9.930   0.875   10.323  1.00  43.25 ? 195  TYR A CE1 1 
ATOM   1170 C CE2 . TYR A 1 159 ? 9.800   2.854   8.976   1.00  33.98 ? 195  TYR A CE2 1 
ATOM   1171 C CZ  . TYR A 1 159 ? 10.305  1.591   9.202   1.00  34.93 ? 195  TYR A CZ  1 
ATOM   1172 O OH  . TYR A 1 159 ? 11.197  1.043   8.311   1.00  43.79 ? 195  TYR A OH  1 
ATOM   1173 N N   . GLY A 1 160 ? 6.732   4.684   15.113  1.00  36.41 ? 196  GLY A N   1 
ATOM   1174 C CA  . GLY A 1 160 ? 5.726   5.553   15.704  1.00  44.18 ? 196  GLY A CA  1 
ATOM   1175 C C   . GLY A 1 160 ? 6.279   6.823   16.337  1.00  65.22 ? 196  GLY A C   1 
ATOM   1176 O O   . GLY A 1 160 ? 5.522   7.747   16.656  1.00  67.06 ? 196  GLY A O   1 
ATOM   1177 N N   . ASN A 1 161 ? 7.490   6.969   16.553  1.00  51.91 ? 197  ASN A N   1 
HETATM 1178 O O82 . H0Y B 2 .   ? 15.434  -2.258  1.480   1.00  22.92 ? 1197 H0Y A O82 1 
HETATM 1179 C C28 . H0Y B 2 .   ? 14.851  -1.199  1.830   1.00  22.08 ? 1197 H0Y A C28 1 
HETATM 1180 O O81 . H0Y B 2 .   ? 15.121  -0.626  2.908   1.00  22.51 ? 1197 H0Y A O81 1 
HETATM 1181 C C24 . H0Y B 2 .   ? 13.764  -0.634  0.952   1.00  18.97 ? 1197 H0Y A C24 1 
HETATM 1182 N N23 . H0Y B 2 .   ? 13.649  -1.060  -0.314  1.00  20.35 ? 1197 H0Y A N23 1 
HETATM 1183 C C25 . H0Y B 2 .   ? 12.869  0.305   1.455   1.00  14.57 ? 1197 H0Y A C25 1 
HETATM 1184 C C26 . H0Y B 2 .   ? 11.862  0.780   0.627   1.00  15.03 ? 1197 H0Y A C26 1 
HETATM 1185 C C27 . H0Y B 2 .   ? 11.765  0.319   -0.677  1.00  12.98 ? 1197 H0Y A C27 1 
HETATM 1186 C C22 . H0Y B 2 .   ? 12.677  -0.629  -1.124  1.00  18.83 ? 1197 H0Y A C22 1 
HETATM 1187 C C19 . H0Y B 2 .   ? 12.635  -1.111  -2.424  1.00  18.04 ? 1197 H0Y A C19 1 
HETATM 1188 C C20 . H0Y B 2 .   ? 13.291  -2.293  -2.740  1.00  19.02 ? 1197 H0Y A C20 1 
HETATM 1189 C C21 . H0Y B 2 .   ? 13.270  -2.764  -4.058  1.00  18.69 ? 1197 H0Y A C21 1 
HETATM 1190 C C16 . H0Y B 2 .   ? 12.597  -2.056  -5.054  1.00  17.77 ? 1197 H0Y A C16 1 
HETATM 1191 C C15 . H0Y B 2 .   ? 12.581  -2.573  -6.482  1.00  15.00 ? 1197 H0Y A C15 1 
HETATM 1192 C C14 . H0Y B 2 .   ? 12.523  -1.400  -7.447  1.00  16.29 ? 1197 H0Y A C14 1 
HETATM 1193 C C13 . H0Y B 2 .   ? 11.226  -0.632  -7.225  1.00  24.66 ? 1197 H0Y A C13 1 
HETATM 1194 C C18 . H0Y B 2 .   ? 11.972  -0.400  -3.424  1.00  15.48 ? 1197 H0Y A C18 1 
HETATM 1195 C C17 . H0Y B 2 .   ? 11.950  -0.871  -4.734  1.00  14.80 ? 1197 H0Y A C17 1 
HETATM 1196 C C12 . H0Y B 2 .   ? 11.238  -0.101  -5.813  1.00  18.51 ? 1197 H0Y A C12 1 
HETATM 1197 N N11 . H0Y B 2 .   ? 10.601  0.963   -5.571  1.00  21.89 ? 1197 H0Y A N11 1 
HETATM 1198 N N10 . H0Y B 2 .   ? 9.960   1.624   -6.524  1.00  16.56 ? 1197 H0Y A N10 1 
HETATM 1199 C C8  . H0Y B 2 .   ? 8.849   2.334   -6.182  1.00  13.67 ? 1197 H0Y A C8  1 
HETATM 1200 S S9  . H0Y B 2 .   ? 8.108   2.213   -4.601  1.00  16.24 ? 1197 H0Y A S9  1 
HETATM 1201 C C4  . H0Y B 2 .   ? 7.003   3.327   -5.238  1.00  13.85 ? 1197 H0Y A C4  1 
HETATM 1202 C C3  . H0Y B 2 .   ? 5.956   3.806   -4.469  1.00  11.44 ? 1197 H0Y A C3  1 
HETATM 1203 C C2  . H0Y B 2 .   ? 5.059   4.719   -5.013  1.00  20.79 ? 1197 H0Y A C2  1 
HETATM 1204 N N7  . H0Y B 2 .   ? 8.254   3.138   -7.089  1.00  17.21 ? 1197 H0Y A N7  1 
HETATM 1205 C C5  . H0Y B 2 .   ? 7.166   3.755   -6.550  1.00  20.26 ? 1197 H0Y A C5  1 
HETATM 1206 C C6  . H0Y B 2 .   ? 6.269   4.678   -7.090  1.00  17.33 ? 1197 H0Y A C6  1 
HETATM 1207 C C1  . H0Y B 2 .   ? 5.215   5.156   -6.326  1.00  17.04 ? 1197 H0Y A C1  1 
HETATM 1208 S S   . SO4 C 3 .   ? 16.023  -0.138  -9.104  1.00  31.38 ? 1198 SO4 A S   1 
HETATM 1209 O O1  . SO4 C 3 .   ? 15.350  0.531   -8.005  1.00  31.21 ? 1198 SO4 A O1  1 
HETATM 1210 O O2  . SO4 C 3 .   ? 16.807  -1.265  -8.588  1.00  44.43 ? 1198 SO4 A O2  1 
HETATM 1211 O O3  . SO4 C 3 .   ? 15.048  -0.638  -10.081 1.00  35.70 ? 1198 SO4 A O3  1 
HETATM 1212 O O4  . SO4 C 3 .   ? 16.908  0.831   -9.741  1.00  43.19 ? 1198 SO4 A O4  1 
HETATM 1213 C C1  . EDO D 4 .   ? 4.213   12.660  0.228   1.00  31.04 ? 1199 EDO A C1  1 
HETATM 1214 O O1  . EDO D 4 .   ? 3.497   12.420  -0.998  1.00  29.03 ? 1199 EDO A O1  1 
HETATM 1215 C C2  . EDO D 4 .   ? 3.449   13.609  1.149   1.00  22.42 ? 1199 EDO A C2  1 
HETATM 1216 O O2  . EDO D 4 .   ? 3.456   14.929  0.588   1.00  23.59 ? 1199 EDO A O2  1 
HETATM 1217 C C1  . EDO E 4 .   ? 13.006  -2.838  9.028   1.00  24.86 ? 1200 EDO A C1  1 
HETATM 1218 O O1  . EDO E 4 .   ? 12.625  -4.165  8.621   1.00  26.08 ? 1200 EDO A O1  1 
HETATM 1219 C C2  . EDO E 4 .   ? 13.987  -2.268  8.026   1.00  28.32 ? 1200 EDO A C2  1 
HETATM 1220 O O2  . EDO E 4 .   ? 13.238  -1.624  6.983   1.00  32.29 ? 1200 EDO A O2  1 
HETATM 1221 C C1  . EDO F 4 .   ? -1.298  11.118  9.916   1.00  26.35 ? 1201 EDO A C1  1 
HETATM 1222 O O1  . EDO F 4 .   ? -2.379  10.845  10.817  1.00  27.15 ? 1201 EDO A O1  1 
HETATM 1223 C C2  . EDO F 4 .   ? -0.588  12.398  10.336  1.00  25.65 ? 1201 EDO A C2  1 
HETATM 1224 O O2  . EDO F 4 .   ? -0.133  12.273  11.693  1.00  35.78 ? 1201 EDO A O2  1 
HETATM 1225 C C1  . EDO G 4 .   ? -0.795  15.273  6.521   1.00  33.02 ? 1202 EDO A C1  1 
HETATM 1226 O O1  . EDO G 4 .   ? -0.849  14.116  7.354   1.00  32.87 ? 1202 EDO A O1  1 
HETATM 1227 C C2  . EDO G 4 .   ? -0.814  14.948  5.030   1.00  28.49 ? 1202 EDO A C2  1 
HETATM 1228 O O2  . EDO G 4 .   ? -0.154  15.965  4.254   1.00  38.92 ? 1202 EDO A O2  1 
HETATM 1229 C C1  . EDO H 4 .   ? -5.069  12.814  10.245  1.00  42.20 ? 1203 EDO A C1  1 
HETATM 1230 O O1  . EDO H 4 .   ? -3.965  12.958  9.345   1.00  32.25 ? 1203 EDO A O1  1 
HETATM 1231 C C2  . EDO H 4 .   ? -5.812  11.512  9.951   1.00  45.13 ? 1203 EDO A C2  1 
HETATM 1232 O O2  . EDO H 4 .   ? -6.255  11.513  8.589   1.00  40.49 ? 1203 EDO A O2  1 
HETATM 1233 O O   . HOH I 5 .   ? -3.094  -12.013 12.701  1.00  46.85 ? 2001 HOH A O   1 
HETATM 1234 O O   . HOH I 5 .   ? -6.922  -2.118  11.218  1.00  36.65 ? 2002 HOH A O   1 
HETATM 1235 O O   . HOH I 5 .   ? -3.597  -4.611  11.177  1.00  32.70 ? 2003 HOH A O   1 
HETATM 1236 O O   . HOH I 5 .   ? -8.774  -8.993  -0.720  1.00  36.13 ? 2004 HOH A O   1 
HETATM 1237 O O   . HOH I 5 .   ? -10.708 -4.208  0.666   1.00  35.80 ? 2005 HOH A O   1 
HETATM 1238 O O   . HOH I 5 .   ? -7.646  -11.964 1.581   1.00  22.42 ? 2006 HOH A O   1 
HETATM 1239 O O   . HOH I 5 .   ? -1.184  10.338  -10.541 1.00  39.37 ? 2007 HOH A O   1 
HETATM 1240 O O   . HOH I 5 .   ? -1.127  14.068  -12.238 1.00  49.98 ? 2008 HOH A O   1 
HETATM 1241 O O   . HOH I 5 .   ? -10.423 1.728   7.396   1.00  26.88 ? 2009 HOH A O   1 
HETATM 1242 O O   . HOH I 5 .   ? -10.602 -4.702  12.950  1.00  48.50 ? 2010 HOH A O   1 
HETATM 1243 O O   . HOH I 5 .   ? -15.040 0.020   3.218   1.00  51.33 ? 2011 HOH A O   1 
HETATM 1244 O O   . HOH I 5 .   ? -2.608  3.555   7.496   1.00  25.00 ? 2012 HOH A O   1 
HETATM 1245 O O   . HOH I 5 .   ? -7.515  8.287   7.064   1.00  30.39 ? 2013 HOH A O   1 
HETATM 1246 O O   . HOH I 5 .   ? -11.765 5.661   5.902   1.00  45.75 ? 2014 HOH A O   1 
HETATM 1247 O O   . HOH I 5 .   ? -12.885 6.261   3.119   1.00  31.81 ? 2015 HOH A O   1 
HETATM 1248 O O   . HOH I 5 .   ? 1.108   7.957   3.447   1.00  20.35 ? 2016 HOH A O   1 
HETATM 1249 O O   . HOH I 5 .   ? -9.031  15.404  -1.269  1.00  12.36 ? 2017 HOH A O   1 
HETATM 1250 O O   . HOH I 5 .   ? -2.011  15.570  -6.010  1.00  29.98 ? 2018 HOH A O   1 
HETATM 1251 O O   . HOH I 5 .   ? -2.056  13.054  -9.837  1.00  43.25 ? 2019 HOH A O   1 
HETATM 1252 O O   . HOH I 5 .   ? -16.688 0.442   -4.825  1.00  42.87 ? 2020 HOH A O   1 
HETATM 1253 O O   . HOH I 5 .   ? -13.414 2.104   -6.242  1.00  19.39 ? 2021 HOH A O   1 
HETATM 1254 O O   . HOH I 5 .   ? -15.667 4.617   -7.593  1.00  33.60 ? 2022 HOH A O   1 
HETATM 1255 O O   . HOH I 5 .   ? -13.768 10.010  -7.986  1.00  34.34 ? 2023 HOH A O   1 
HETATM 1256 O O   . HOH I 5 .   ? -16.374 4.590   0.869   1.00  27.83 ? 2024 HOH A O   1 
HETATM 1257 O O   . HOH I 5 .   ? -19.123 0.345   1.516   1.00  49.66 ? 2025 HOH A O   1 
HETATM 1258 O O   . HOH I 5 .   ? -18.420 -1.265  -0.008  1.00  44.90 ? 2026 HOH A O   1 
HETATM 1259 O O   . HOH I 5 .   ? -15.780 -1.043  -1.384  1.00  51.04 ? 2027 HOH A O   1 
HETATM 1260 O O   . HOH I 5 .   ? -6.479  -3.020  19.907  1.00  54.75 ? 2028 HOH A O   1 
HETATM 1261 O O   . HOH I 5 .   ? -7.780  -1.190  18.438  1.00  58.09 ? 2029 HOH A O   1 
HETATM 1262 O O   . HOH I 5 .   ? 3.382   5.456   18.729  1.00  51.44 ? 2030 HOH A O   1 
HETATM 1263 O O   . HOH I 5 .   ? -8.838  2.278   14.151  1.00  48.24 ? 2031 HOH A O   1 
HETATM 1264 O O   . HOH I 5 .   ? 7.953   9.160   9.899   1.00  37.94 ? 2032 HOH A O   1 
HETATM 1265 O O   . HOH I 5 .   ? 1.250   5.497   16.125  1.00  30.67 ? 2033 HOH A O   1 
HETATM 1266 O O   . HOH I 5 .   ? 10.186  16.029  7.744   1.00  59.92 ? 2034 HOH A O   1 
HETATM 1267 O O   . HOH I 5 .   ? 1.410   9.003   -4.149  1.00  20.94 ? 2035 HOH A O   1 
HETATM 1268 O O   . HOH I 5 .   ? -2.530  7.260   17.765  1.00  46.64 ? 2036 HOH A O   1 
HETATM 1269 O O   . HOH I 5 .   ? 6.541   6.654   10.974  1.00  42.44 ? 2037 HOH A O   1 
HETATM 1270 O O   . HOH I 5 .   ? 11.110  -3.097  -12.162 1.00  27.75 ? 2038 HOH A O   1 
HETATM 1271 O O   . HOH I 5 .   ? 6.010   11.657  8.343   1.00  28.39 ? 2039 HOH A O   1 
HETATM 1272 O O   . HOH I 5 .   ? 3.414   11.398  15.384  1.00  46.12 ? 2040 HOH A O   1 
HETATM 1273 O O   . HOH I 5 .   ? 2.704   7.696   14.991  1.00  34.61 ? 2041 HOH A O   1 
HETATM 1274 O O   . HOH I 5 .   ? 9.538   4.760   5.791   1.00  32.67 ? 2042 HOH A O   1 
HETATM 1275 O O   . HOH I 5 .   ? -3.783  -15.611 -4.454  1.00  44.51 ? 2043 HOH A O   1 
HETATM 1276 O O   . HOH I 5 .   ? 3.077   12.370  7.972   1.00  25.82 ? 2044 HOH A O   1 
HETATM 1277 O O   . HOH I 5 .   ? 3.110   14.990  5.075   1.00  26.46 ? 2045 HOH A O   1 
HETATM 1278 O O   . HOH I 5 .   ? 7.383   13.064  6.408   1.00  29.92 ? 2046 HOH A O   1 
HETATM 1279 O O   . HOH I 5 .   ? 10.239  13.881  5.889   1.00  53.76 ? 2047 HOH A O   1 
HETATM 1280 O O   . HOH I 5 .   ? 11.541  8.937   9.106   1.00  58.12 ? 2048 HOH A O   1 
HETATM 1281 O O   . HOH I 5 .   ? 11.596  10.700  -2.799  1.00  28.49 ? 2049 HOH A O   1 
HETATM 1282 O O   . HOH I 5 .   ? 3.753   10.785  -3.939  1.00  40.96 ? 2050 HOH A O   1 
HETATM 1283 O O   . HOH I 5 .   ? 1.121   6.974   -2.193  1.00  12.86 ? 2051 HOH A O   1 
HETATM 1284 O O   . HOH I 5 .   ? 13.699  12.487  -2.728  1.00  32.02 ? 2052 HOH A O   1 
HETATM 1285 O O   . HOH I 5 .   ? 13.356  -6.810  11.296  1.00  41.11 ? 2053 HOH A O   1 
HETATM 1286 O O   . HOH I 5 .   ? 12.508  2.860   4.130   0.50  15.13 ? 2054 HOH A O   1 
HETATM 1287 O O   . HOH I 5 .   ? 16.518  10.312  6.158   1.00  55.11 ? 2055 HOH A O   1 
HETATM 1288 O O   . HOH I 5 .   ? 11.577  6.844   -8.753  1.00  31.36 ? 2056 HOH A O   1 
HETATM 1289 O O   . HOH I 5 .   ? 9.551   11.499  -9.810  1.00  46.31 ? 2057 HOH A O   1 
HETATM 1290 O O   . HOH I 5 .   ? 3.637   8.468   -4.205  1.00  32.71 ? 2058 HOH A O   1 
HETATM 1291 O O   . HOH I 5 .   ? 6.122   13.055  -3.019  1.00  40.57 ? 2059 HOH A O   1 
HETATM 1292 O O   . HOH I 5 .   ? 17.353  3.498   -8.678  1.00  22.14 ? 2060 HOH A O   1 
HETATM 1293 O O   . HOH I 5 .   ? 16.225  5.313   -10.728 1.00  31.08 ? 2061 HOH A O   1 
HETATM 1294 O O   . HOH I 5 .   ? 10.794  -0.277  -11.763 1.00  27.31 ? 2062 HOH A O   1 
HETATM 1295 O O   . HOH I 5 .   ? -12.875 -5.985  -5.326  1.00  39.56 ? 2063 HOH A O   1 
HETATM 1296 O O   . HOH I 5 .   ? 12.152  5.317   -12.988 1.00  24.86 ? 2064 HOH A O   1 
HETATM 1297 O O   . HOH I 5 .   ? 10.378  1.467   -13.695 1.00  25.22 ? 2065 HOH A O   1 
HETATM 1298 O O   . HOH I 5 .   ? 4.853   8.216   -8.854  1.00  26.91 ? 2066 HOH A O   1 
HETATM 1299 O O   . HOH I 5 .   ? 0.319   3.291   -13.205 1.00  34.35 ? 2067 HOH A O   1 
HETATM 1300 O O   . HOH I 5 .   ? 1.819   7.240   -10.837 1.00  32.45 ? 2068 HOH A O   1 
HETATM 1301 O O   . HOH I 5 .   ? 4.626   5.893   -14.401 1.00  34.10 ? 2069 HOH A O   1 
HETATM 1302 O O   . HOH I 5 .   ? 3.824   -1.064  -18.538 1.00  54.15 ? 2070 HOH A O   1 
HETATM 1303 O O   . HOH I 5 .   ? 5.730   3.148   -19.018 1.00  42.23 ? 2071 HOH A O   1 
HETATM 1304 O O   . HOH I 5 .   ? 10.366  5.468   -14.805 1.00  35.15 ? 2072 HOH A O   1 
HETATM 1305 O O   . HOH I 5 .   ? 11.814  -5.279  -13.644 1.00  49.02 ? 2073 HOH A O   1 
HETATM 1306 O O   . HOH I 5 .   ? -2.308  1.928   -13.336 1.00  30.10 ? 2074 HOH A O   1 
HETATM 1307 O O   . HOH I 5 .   ? 6.701   -11.461 18.909  1.00  54.01 ? 2075 HOH A O   1 
HETATM 1308 O O   . HOH I 5 .   ? 0.519   -3.597  -17.149 1.00  28.64 ? 2076 HOH A O   1 
HETATM 1309 O O   . HOH I 5 .   ? -4.809  3.034   -13.200 1.00  36.98 ? 2077 HOH A O   1 
HETATM 1310 O O   . HOH I 5 .   ? -8.200  -4.603  -13.049 1.00  22.28 ? 2078 HOH A O   1 
HETATM 1311 O O   . HOH I 5 .   ? -5.640  -4.302  -20.870 1.00  38.53 ? 2079 HOH A O   1 
HETATM 1312 O O   . HOH I 5 .   ? -5.157  0.025   -21.980 1.00  45.88 ? 2080 HOH A O   1 
HETATM 1313 O O   . HOH I 5 .   ? -12.949 -6.790  -14.490 1.00  18.60 ? 2081 HOH A O   1 
HETATM 1314 O O   . HOH I 5 .   ? -9.684  -8.923  -13.707 1.00  35.90 ? 2082 HOH A O   1 
HETATM 1315 O O   . HOH I 5 .   ? -3.584  -5.276  -18.487 1.00  42.37 ? 2083 HOH A O   1 
HETATM 1316 O O   . HOH I 5 .   ? -3.375  -8.612  -16.673 1.00  27.86 ? 2084 HOH A O   1 
HETATM 1317 O O   . HOH I 5 .   ? -7.842  -11.371 -11.003 1.00  38.45 ? 2085 HOH A O   1 
HETATM 1318 O O   . HOH I 5 .   ? -4.724  -13.320 -11.489 1.00  36.07 ? 2086 HOH A O   1 
HETATM 1319 O O   . HOH I 5 .   ? -1.013  -13.355 -3.686  1.00  31.00 ? 2087 HOH A O   1 
HETATM 1320 O O   . HOH I 5 .   ? 2.949   -7.350  -14.933 1.00  37.51 ? 2088 HOH A O   1 
HETATM 1321 O O   . HOH I 5 .   ? 0.184   -12.319 -15.238 1.00  49.65 ? 2089 HOH A O   1 
HETATM 1322 O O   . HOH I 5 .   ? 1.468   -9.439  -16.671 1.00  44.02 ? 2090 HOH A O   1 
HETATM 1323 O O   . HOH I 5 .   ? -1.617  -15.476 -7.931  1.00  29.15 ? 2091 HOH A O   1 
HETATM 1324 O O   . HOH I 5 .   ? 0.072   -16.399 -4.958  1.00  38.40 ? 2092 HOH A O   1 
HETATM 1325 O O   . HOH I 5 .   ? 4.156   -14.252 -6.557  1.00  32.12 ? 2093 HOH A O   1 
HETATM 1326 O O   . HOH I 5 .   ? 10.014  -11.187 -5.428  1.00  34.56 ? 2094 HOH A O   1 
HETATM 1327 O O   . HOH I 5 .   ? 3.891   -14.390 -9.476  1.00  43.30 ? 2095 HOH A O   1 
HETATM 1328 O O   . HOH I 5 .   ? 7.420   -12.225 -9.788  1.00  30.71 ? 2096 HOH A O   1 
HETATM 1329 O O   . HOH I 5 .   ? 11.770  -10.844 -8.021  1.00  40.08 ? 2097 HOH A O   1 
HETATM 1330 O O   . HOH I 5 .   ? 13.674  -6.130  -1.915  1.00  14.58 ? 2098 HOH A O   1 
HETATM 1331 O O   . HOH I 5 .   ? 13.846  -12.848 -6.329  1.00  38.77 ? 2099 HOH A O   1 
HETATM 1332 O O   . HOH I 5 .   ? 15.835  -4.715  -2.699  1.00  18.66 ? 2100 HOH A O   1 
HETATM 1333 O O   . HOH I 5 .   ? 17.979  -2.040  -3.333  1.00  25.81 ? 2101 HOH A O   1 
HETATM 1334 O O   . HOH I 5 .   ? 14.556  -9.646  4.482   1.00  18.18 ? 2102 HOH A O   1 
HETATM 1335 O O   . HOH I 5 .   ? 18.168  -8.883  -5.514  1.00  39.34 ? 2103 HOH A O   1 
HETATM 1336 O O   . HOH I 5 .   ? 16.396  -5.905  5.666   1.00  18.10 ? 2104 HOH A O   1 
HETATM 1337 O O   . HOH I 5 .   ? 11.138  -6.368  13.136  1.00  27.43 ? 2105 HOH A O   1 
HETATM 1338 O O   . HOH I 5 .   ? 10.355  2.932   3.424   0.50  10.23 ? 2106 HOH A O   1 
HETATM 1339 O O   . HOH I 5 .   ? 0.172   8.410   -8.974  1.00  19.71 ? 2107 HOH A O   1 
HETATM 1340 O O   . HOH I 5 .   ? 1.092   5.878   -13.244 1.00  37.14 ? 2108 HOH A O   1 
HETATM 1341 O O   . HOH I 5 .   ? -12.832 10.919  -11.721 1.00  37.57 ? 2109 HOH A O   1 
HETATM 1342 O O   . HOH I 5 .   ? -4.524  10.703  -16.244 1.00  48.75 ? 2110 HOH A O   1 
HETATM 1343 O O   . HOH I 5 .   ? -1.502  9.728   -13.499 1.00  49.75 ? 2111 HOH A O   1 
HETATM 1344 O O   . HOH I 5 .   ? -10.872 6.078   -18.607 1.00  23.30 ? 2112 HOH A O   1 
HETATM 1345 O O   . HOH I 5 .   ? -12.218 11.154  -20.608 1.00  18.32 ? 2113 HOH A O   1 
HETATM 1346 O O   . HOH I 5 .   ? -13.761 13.997  -18.864 1.00  23.43 ? 2114 HOH A O   1 
HETATM 1347 O O   . HOH I 5 .   ? -11.338 14.139  -15.123 1.00  30.89 ? 2115 HOH A O   1 
HETATM 1348 O O   . HOH I 5 .   ? -17.405 7.939   -9.802  1.00  23.63 ? 2116 HOH A O   1 
HETATM 1349 O O   . HOH I 5 .   ? -13.633 -2.327  -9.467  1.00  26.39 ? 2117 HOH A O   1 
HETATM 1350 O O   . HOH I 5 .   ? -15.671 0.170   -7.212  1.00  30.85 ? 2118 HOH A O   1 
HETATM 1351 O O   . HOH I 5 .   ? -12.015 -3.242  -1.506  1.00  33.45 ? 2119 HOH A O   1 
HETATM 1352 O O   . HOH I 5 .   ? -12.113 -7.097  -7.610  1.00  46.05 ? 2120 HOH A O   1 
HETATM 1353 O O   . HOH I 5 .   ? -9.699  -9.334  -9.153  1.00  38.56 ? 2121 HOH A O   1 
HETATM 1354 O O   . HOH I 5 .   ? -4.636  -14.058 0.452   1.00  41.14 ? 2122 HOH A O   1 
HETATM 1355 O O   . HOH I 5 .   ? -8.083  -12.746 -0.764  1.00  36.38 ? 2123 HOH A O   1 
HETATM 1356 O O   . HOH I 5 .   ? 4.516   -15.937 0.077   1.00  27.92 ? 2124 HOH A O   1 
HETATM 1357 O O   . HOH I 5 .   ? 0.283   -16.150 -2.064  1.00  47.11 ? 2125 HOH A O   1 
HETATM 1358 O O   . HOH I 5 .   ? -4.783  -15.645 -1.900  1.00  37.92 ? 2126 HOH A O   1 
HETATM 1359 O O   . HOH I 5 .   ? -1.469  -8.699  11.173  1.00  34.16 ? 2127 HOH A O   1 
HETATM 1360 O O   . HOH I 5 .   ? 14.222  -10.281 7.395   1.00  32.44 ? 2128 HOH A O   1 
HETATM 1361 O O   . HOH I 5 .   ? 4.002   -11.568 16.852  1.00  45.92 ? 2129 HOH A O   1 
HETATM 1362 O O   . HOH I 5 .   ? 0.354   -7.961  13.782  1.00  29.36 ? 2130 HOH A O   1 
HETATM 1363 O O   . HOH I 5 .   ? 8.033   -15.511 15.943  1.00  43.13 ? 2131 HOH A O   1 
HETATM 1364 O O   . HOH I 5 .   ? 13.245  -15.381 10.967  1.00  27.16 ? 2132 HOH A O   1 
HETATM 1365 O O   . HOH I 5 .   ? 12.827  -17.640 14.506  1.00  46.57 ? 2133 HOH A O   1 
HETATM 1366 O O   . HOH I 5 .   ? 14.342  -11.277 10.500  1.00  45.81 ? 2134 HOH A O   1 
HETATM 1367 O O   . HOH I 5 .   ? 12.275  -13.363 9.237   1.00  21.38 ? 2135 HOH A O   1 
HETATM 1368 O O   . HOH I 5 .   ? 1.535   -7.094  16.940  1.00  30.96 ? 2136 HOH A O   1 
HETATM 1369 O O   . HOH I 5 .   ? 3.503   -0.807  20.031  1.00  33.45 ? 2137 HOH A O   1 
HETATM 1370 O O   . HOH I 5 .   ? -1.521  -3.996  16.891  1.00  51.37 ? 2138 HOH A O   1 
HETATM 1371 O O   . HOH I 5 .   ? 10.029  5.182   17.336  1.00  46.48 ? 2139 HOH A O   1 
HETATM 1372 O O   . HOH I 5 .   ? 13.722  1.651   6.909   1.00  42.11 ? 2140 HOH A O   1 
HETATM 1373 O O   . HOH I 5 .   ? 5.398   7.616   19.724  1.00  47.24 ? 2141 HOH A O   1 
HETATM 1374 O O   . HOH I 5 .   ? 6.561   9.823   16.342  1.00  52.76 ? 2142 HOH A O   1 
HETATM 1375 O O   . HOH I 5 .   ? 16.249  -2.225  -1.338  1.00  16.07 ? 2143 HOH A O   1 
HETATM 1376 O O   . HOH I 5 .   ? 15.052  2.587   3.165   0.50  12.12 ? 2144 HOH A O   1 
HETATM 1377 O O   . HOH I 5 .   ? -3.167  15.118  8.666   1.00  28.80 ? 2145 HOH A O   1 
HETATM 1378 O O   . HOH I 5 .   ? -5.664  -5.146  20.980  1.00  55.00 ? 2146 HOH A O   1 
# 
loop_
_pdbx_poly_seq_scheme.asym_id 
_pdbx_poly_seq_scheme.entity_id 
_pdbx_poly_seq_scheme.seq_id 
_pdbx_poly_seq_scheme.mon_id 
_pdbx_poly_seq_scheme.ndb_seq_num 
_pdbx_poly_seq_scheme.pdb_seq_num 
_pdbx_poly_seq_scheme.auth_seq_num 
_pdbx_poly_seq_scheme.pdb_mon_id 
_pdbx_poly_seq_scheme.auth_mon_id 
_pdbx_poly_seq_scheme.pdb_strand_id 
_pdbx_poly_seq_scheme.pdb_ins_code 
_pdbx_poly_seq_scheme.hetero 
A 1 1   MET 1   -3  ?   ?   ?   A . n 
A 1 2   SER 2   -2  ?   ?   ?   A . n 
A 1 3   MET 3   -1  ?   ?   ?   A . n 
A 1 4   ALA 4   0   ?   ?   ?   A . n 
A 1 5   MET 5   1   1   MET MET A . n 
A 1 6   SER 6   2   2   SER SER A . n 
A 1 7   GLN 7   3   3   GLN GLN A . n 
A 1 8   SER 8   4   4   SER SER A . n 
A 1 9   ASN 9   5   5   ASN ASN A . n 
A 1 10  ARG 10  6   6   ARG ARG A . n 
A 1 11  GLU 11  7   7   GLU GLU A . n 
A 1 12  LEU 12  8   8   LEU LEU A . n 
A 1 13  VAL 13  9   9   VAL VAL A . n 
A 1 14  VAL 14  10  10  VAL VAL A . n 
A 1 15  ASP 15  11  11  ASP ASP A . n 
A 1 16  PHE 16  12  12  PHE PHE A . n 
A 1 17  LEU 17  13  13  LEU LEU A . n 
A 1 18  SER 18  14  14  SER SER A . n 
A 1 19  TYR 19  15  15  TYR TYR A . n 
A 1 20  LYS 20  16  16  LYS LYS A . n 
A 1 21  LEU 21  17  17  LEU LEU A . n 
A 1 22  SER 22  18  18  SER SER A . n 
A 1 23  GLN 23  19  19  GLN GLN A . n 
A 1 24  LYS 24  20  20  LYS LYS A . n 
A 1 25  GLY 25  21  21  GLY GLY A . n 
A 1 26  TYR 26  22  22  TYR TYR A . n 
A 1 27  SER 27  23  23  SER SER A . n 
A 1 28  TRP 28  24  24  TRP TRP A . n 
A 1 29  SER 29  25  25  SER SER A . n 
A 1 30  GLN 30  26  26  GLN GLN A . n 
A 1 31  PHE 31  27  27  PHE PHE A . n 
A 1 32  SER 32  28  ?   ?   ?   A . n 
A 1 33  ASP 33  29  ?   ?   ?   A . n 
A 1 34  VAL 34  30  ?   ?   ?   A . n 
A 1 35  GLU 35  31  ?   ?   ?   A . n 
A 1 36  GLU 36  32  ?   ?   ?   A . n 
A 1 37  ASN 37  33  ?   ?   ?   A . n 
A 1 38  ARG 38  34  ?   ?   ?   A . n 
A 1 39  THR 39  35  ?   ?   ?   A . n 
A 1 40  GLU 40  36  ?   ?   ?   A . n 
A 1 41  ALA 41  37  ?   ?   ?   A . n 
A 1 42  PRO 42  38  ?   ?   ?   A . n 
A 1 43  GLU 43  39  ?   ?   ?   A . n 
A 1 44  GLY 44  40  ?   ?   ?   A . n 
A 1 45  THR 45  41  41  THR THR A . n 
A 1 46  GLU 46  42  42  GLU GLU A . n 
A 1 47  SER 47  43  43  SER SER A . n 
A 1 48  GLU 48  44  44  GLU GLU A . n 
A 1 49  ALA 49  85  85  ALA ALA A . n 
A 1 50  VAL 50  86  86  VAL VAL A . n 
A 1 51  LYS 51  87  87  LYS LYS A . n 
A 1 52  GLN 52  88  88  GLN GLN A . n 
A 1 53  ALA 53  89  89  ALA ALA A . n 
A 1 54  LEU 54  90  90  LEU LEU A . n 
A 1 55  ARG 55  91  91  ARG ARG A . n 
A 1 56  GLU 56  92  92  GLU GLU A . n 
A 1 57  ALA 57  93  93  ALA ALA A . n 
A 1 58  GLY 58  94  94  GLY GLY A . n 
A 1 59  ASP 59  95  95  ASP ASP A . n 
A 1 60  GLU 60  96  96  GLU GLU A . n 
A 1 61  PHE 61  97  97  PHE PHE A . n 
A 1 62  GLU 62  98  98  GLU GLU A . n 
A 1 63  LEU 63  99  99  LEU LEU A . n 
A 1 64  ARG 64  100 100 ARG ARG A . n 
A 1 65  TYR 65  101 101 TYR TYR A . n 
A 1 66  ARG 66  102 102 ARG ARG A . n 
A 1 67  ARG 67  103 103 ARG ARG A . n 
A 1 68  ALA 68  104 104 ALA ALA A . n 
A 1 69  PHE 69  105 105 PHE PHE A . n 
A 1 70  SER 70  106 106 SER SER A . n 
A 1 71  ASP 71  107 107 ASP ASP A . n 
A 1 72  LEU 72  108 108 LEU LEU A . n 
A 1 73  THR 73  109 109 THR THR A . n 
A 1 74  SER 74  110 110 SER SER A . n 
A 1 75  GLN 75  111 111 GLN GLN A . n 
A 1 76  LEU 76  112 112 LEU LEU A . n 
A 1 77  HIS 77  113 113 HIS HIS A . n 
A 1 78  ILE 78  114 114 ILE ILE A . n 
A 1 79  THR 79  115 115 THR THR A . n 
A 1 80  PRO 80  116 116 PRO PRO A . n 
A 1 81  GLY 81  117 117 GLY GLY A . n 
A 1 82  THR 82  118 118 THR THR A . n 
A 1 83  ALA 83  119 119 ALA ALA A . n 
A 1 84  TYR 84  120 120 TYR TYR A . n 
A 1 85  GLN 85  121 121 GLN GLN A . n 
A 1 86  SER 86  122 122 SER SER A . n 
A 1 87  PHE 87  123 123 PHE PHE A . n 
A 1 88  GLU 88  124 124 GLU GLU A . n 
A 1 89  GLN 89  125 125 GLN GLN A . n 
A 1 90  VAL 90  126 126 VAL VAL A . n 
A 1 91  VAL 91  127 127 VAL VAL A . n 
A 1 92  ASN 92  128 128 ASN ASN A . n 
A 1 93  GLU 93  129 129 GLU GLU A . n 
A 1 94  LEU 94  130 130 LEU LEU A . n 
A 1 95  PHE 95  131 131 PHE PHE A . n 
A 1 96  ARG 96  132 132 ARG ARG A . n 
A 1 97  ASP 97  133 133 ASP ASP A . n 
A 1 98  GLY 98  134 134 GLY GLY A . n 
A 1 99  VAL 99  135 135 VAL VAL A . n 
A 1 100 ASN 100 136 136 ASN ASN A . n 
A 1 101 TRP 101 137 137 TRP TRP A . n 
A 1 102 GLY 102 138 138 GLY GLY A . n 
A 1 103 ARG 103 139 139 ARG ARG A . n 
A 1 104 ILE 104 140 140 ILE ILE A . n 
A 1 105 VAL 105 141 141 VAL VAL A . n 
A 1 106 ALA 106 142 142 ALA ALA A . n 
A 1 107 PHE 107 143 143 PHE PHE A . n 
A 1 108 PHE 108 144 144 PHE PHE A . n 
A 1 109 SER 109 145 145 SER SER A . n 
A 1 110 PHE 110 146 146 PHE PHE A . n 
A 1 111 GLY 111 147 147 GLY GLY A . n 
A 1 112 GLY 112 148 148 GLY GLY A . n 
A 1 113 ALA 113 149 149 ALA ALA A . n 
A 1 114 LEU 114 150 150 LEU LEU A . n 
A 1 115 CYS 115 151 151 CYS CYS A . n 
A 1 116 VAL 116 152 152 VAL VAL A . n 
A 1 117 GLU 117 153 153 GLU GLU A . n 
A 1 118 SER 118 154 154 SER SER A . n 
A 1 119 VAL 119 155 155 VAL VAL A . n 
A 1 120 ASP 120 156 156 ASP ASP A . n 
A 1 121 LYS 121 157 157 LYS LYS A . n 
A 1 122 GLU 122 158 158 GLU GLU A . n 
A 1 123 MET 123 159 159 MET MET A . n 
A 1 124 GLN 124 160 160 GLN GLN A . n 
A 1 125 VAL 125 161 161 VAL VAL A . n 
A 1 126 LEU 126 162 162 LEU LEU A . n 
A 1 127 VAL 127 163 163 VAL VAL A . n 
A 1 128 SER 128 164 164 SER SER A . n 
A 1 129 ARG 129 165 165 ARG ARG A . n 
A 1 130 ILE 130 166 166 ILE ILE A . n 
A 1 131 ALA 131 167 167 ALA ALA A . n 
A 1 132 ALA 132 168 168 ALA ALA A . n 
A 1 133 TRP 133 169 169 TRP TRP A . n 
A 1 134 MET 134 170 170 MET MET A . n 
A 1 135 ALA 135 171 171 ALA ALA A . n 
A 1 136 THR 136 172 172 THR THR A . n 
A 1 137 TYR 137 173 173 TYR TYR A . n 
A 1 138 LEU 138 174 174 LEU LEU A . n 
A 1 139 ASN 139 175 175 ASN ASN A . n 
A 1 140 ASP 140 176 176 ASP ASP A . n 
A 1 141 HIS 141 177 177 HIS HIS A . n 
A 1 142 LEU 142 178 178 LEU LEU A . n 
A 1 143 GLU 143 179 179 GLU GLU A . n 
A 1 144 PRO 144 180 180 PRO PRO A . n 
A 1 145 TRP 145 181 181 TRP TRP A . n 
A 1 146 ILE 146 182 182 ILE ILE A . n 
A 1 147 GLN 147 183 183 GLN GLN A . n 
A 1 148 GLU 148 184 184 GLU GLU A . n 
A 1 149 ASN 149 185 185 ASN ASN A . n 
A 1 150 GLY 150 186 186 GLY GLY A . n 
A 1 151 GLY 151 187 187 GLY GLY A . n 
A 1 152 TRP 152 188 188 TRP TRP A . n 
A 1 153 ASP 153 189 189 ASP ASP A . n 
A 1 154 THR 154 190 190 THR THR A . n 
A 1 155 PHE 155 191 191 PHE PHE A . n 
A 1 156 VAL 156 192 192 VAL VAL A . n 
A 1 157 GLU 157 193 193 GLU GLU A . n 
A 1 158 LEU 158 194 194 LEU LEU A . n 
A 1 159 TYR 159 195 195 TYR TYR A . n 
A 1 160 GLY 160 196 196 GLY GLY A . n 
A 1 161 ASN 161 197 197 ASN ASN A . n 
A 1 162 ASN 162 198 ?   ?   ?   A . n 
A 1 163 ALA 163 199 ?   ?   ?   A . n 
A 1 164 ALA 164 200 ?   ?   ?   A . n 
A 1 165 ALA 165 201 ?   ?   ?   A . n 
A 1 166 GLU 166 202 ?   ?   ?   A . n 
A 1 167 SER 167 203 ?   ?   ?   A . n 
A 1 168 ARG 168 204 ?   ?   ?   A . n 
A 1 169 LYS 169 205 ?   ?   ?   A . n 
A 1 170 GLY 170 206 ?   ?   ?   A . n 
A 1 171 GLN 171 207 ?   ?   ?   A . n 
A 1 172 GLU 172 208 ?   ?   ?   A . n 
A 1 173 ARG 173 209 ?   ?   ?   A . n 
A 1 174 LEU 174 210 ?   ?   ?   A . n 
A 1 175 GLU 175 211 ?   ?   ?   A . n 
A 1 176 HIS 176 212 ?   ?   ?   A . n 
A 1 177 HIS 177 213 ?   ?   ?   A . n 
A 1 178 HIS 178 214 ?   ?   ?   A . n 
A 1 179 HIS 179 215 ?   ?   ?   A . n 
A 1 180 HIS 180 216 ?   ?   ?   A . n 
A 1 181 HIS 181 217 ?   ?   ?   A . n 
# 
loop_
_pdbx_nonpoly_scheme.asym_id 
_pdbx_nonpoly_scheme.entity_id 
_pdbx_nonpoly_scheme.mon_id 
_pdbx_nonpoly_scheme.ndb_seq_num 
_pdbx_nonpoly_scheme.pdb_seq_num 
_pdbx_nonpoly_scheme.auth_seq_num 
_pdbx_nonpoly_scheme.pdb_mon_id 
_pdbx_nonpoly_scheme.auth_mon_id 
_pdbx_nonpoly_scheme.pdb_strand_id 
_pdbx_nonpoly_scheme.pdb_ins_code 
B 2 H0Y 1   1197 1197 H0Y H0Y A . 
C 3 SO4 1   1198 1198 SO4 SO4 A . 
D 4 EDO 1   1199 1199 EDO EDO A . 
E 4 EDO 1   1200 1200 EDO EDO A . 
F 4 EDO 1   1201 1201 EDO EDO A . 
G 4 EDO 1   1202 1202 EDO EDO A . 
H 4 EDO 1   1203 1203 EDO EDO A . 
I 5 HOH 1   2001 2001 HOH HOH A . 
I 5 HOH 2   2002 2002 HOH HOH A . 
I 5 HOH 3   2003 2003 HOH HOH A . 
I 5 HOH 4   2004 2004 HOH HOH A . 
I 5 HOH 5   2005 2005 HOH HOH A . 
I 5 HOH 6   2006 2006 HOH HOH A . 
I 5 HOH 7   2007 2007 HOH HOH A . 
I 5 HOH 8   2008 2008 HOH HOH A . 
I 5 HOH 9   2009 2009 HOH HOH A . 
I 5 HOH 10  2010 2010 HOH HOH A . 
I 5 HOH 11  2011 2011 HOH HOH A . 
I 5 HOH 12  2012 2012 HOH HOH A . 
I 5 HOH 13  2013 2013 HOH HOH A . 
I 5 HOH 14  2014 2014 HOH HOH A . 
I 5 HOH 15  2015 2015 HOH HOH A . 
I 5 HOH 16  2016 2016 HOH HOH A . 
I 5 HOH 17  2017 2017 HOH HOH A . 
I 5 HOH 18  2018 2018 HOH HOH A . 
I 5 HOH 19  2019 2019 HOH HOH A . 
I 5 HOH 20  2020 2020 HOH HOH A . 
I 5 HOH 21  2021 2021 HOH HOH A . 
I 5 HOH 22  2022 2022 HOH HOH A . 
I 5 HOH 23  2023 2023 HOH HOH A . 
I 5 HOH 24  2024 2024 HOH HOH A . 
I 5 HOH 25  2025 2025 HOH HOH A . 
I 5 HOH 26  2026 2026 HOH HOH A . 
I 5 HOH 27  2027 2027 HOH HOH A . 
I 5 HOH 28  2028 2028 HOH HOH A . 
I 5 HOH 29  2029 2029 HOH HOH A . 
I 5 HOH 30  2030 2030 HOH HOH A . 
I 5 HOH 31  2031 2031 HOH HOH A . 
I 5 HOH 32  2032 2032 HOH HOH A . 
I 5 HOH 33  2033 2033 HOH HOH A . 
I 5 HOH 34  2034 2034 HOH HOH A . 
I 5 HOH 35  2035 2035 HOH HOH A . 
I 5 HOH 36  2036 2036 HOH HOH A . 
I 5 HOH 37  2037 2037 HOH HOH A . 
I 5 HOH 38  2038 2038 HOH HOH A . 
I 5 HOH 39  2039 2039 HOH HOH A . 
I 5 HOH 40  2040 2040 HOH HOH A . 
I 5 HOH 41  2041 2041 HOH HOH A . 
I 5 HOH 42  2042 2042 HOH HOH A . 
I 5 HOH 43  2043 2043 HOH HOH A . 
I 5 HOH 44  2044 2044 HOH HOH A . 
I 5 HOH 45  2045 2045 HOH HOH A . 
I 5 HOH 46  2046 2046 HOH HOH A . 
I 5 HOH 47  2047 2047 HOH HOH A . 
I 5 HOH 48  2048 2048 HOH HOH A . 
I 5 HOH 49  2049 2049 HOH HOH A . 
I 5 HOH 50  2050 2050 HOH HOH A . 
I 5 HOH 51  2051 2051 HOH HOH A . 
I 5 HOH 52  2052 2052 HOH HOH A . 
I 5 HOH 53  2053 2053 HOH HOH A . 
I 5 HOH 54  2054 2054 HOH HOH A . 
I 5 HOH 55  2055 2055 HOH HOH A . 
I 5 HOH 56  2056 2056 HOH HOH A . 
I 5 HOH 57  2057 2057 HOH HOH A . 
I 5 HOH 58  2058 2058 HOH HOH A . 
I 5 HOH 59  2059 2059 HOH HOH A . 
I 5 HOH 60  2060 2060 HOH HOH A . 
I 5 HOH 61  2061 2061 HOH HOH A . 
I 5 HOH 62  2062 2062 HOH HOH A . 
I 5 HOH 63  2063 2063 HOH HOH A . 
I 5 HOH 64  2064 2064 HOH HOH A . 
I 5 HOH 65  2065 2065 HOH HOH A . 
I 5 HOH 66  2066 2066 HOH HOH A . 
I 5 HOH 67  2067 2067 HOH HOH A . 
I 5 HOH 68  2068 2068 HOH HOH A . 
I 5 HOH 69  2069 2069 HOH HOH A . 
I 5 HOH 70  2070 2070 HOH HOH A . 
I 5 HOH 71  2071 2071 HOH HOH A . 
I 5 HOH 72  2072 2072 HOH HOH A . 
I 5 HOH 73  2073 2073 HOH HOH A . 
I 5 HOH 74  2074 2074 HOH HOH A . 
I 5 HOH 75  2075 2075 HOH HOH A . 
I 5 HOH 76  2076 2076 HOH HOH A . 
I 5 HOH 77  2077 2077 HOH HOH A . 
I 5 HOH 78  2078 2078 HOH HOH A . 
I 5 HOH 79  2079 2079 HOH HOH A . 
I 5 HOH 80  2080 2080 HOH HOH A . 
I 5 HOH 81  2081 2081 HOH HOH A . 
I 5 HOH 82  2082 2082 HOH HOH A . 
I 5 HOH 83  2083 2083 HOH HOH A . 
I 5 HOH 84  2084 2084 HOH HOH A . 
I 5 HOH 85  2085 2085 HOH HOH A . 
I 5 HOH 86  2086 2086 HOH HOH A . 
I 5 HOH 87  2087 2087 HOH HOH A . 
I 5 HOH 88  2088 2088 HOH HOH A . 
I 5 HOH 89  2089 2089 HOH HOH A . 
I 5 HOH 90  2090 2090 HOH HOH A . 
I 5 HOH 91  2091 2091 HOH HOH A . 
I 5 HOH 92  2092 2092 HOH HOH A . 
I 5 HOH 93  2093 2093 HOH HOH A . 
I 5 HOH 94  2094 2094 HOH HOH A . 
I 5 HOH 95  2095 2095 HOH HOH A . 
I 5 HOH 96  2096 2096 HOH HOH A . 
I 5 HOH 97  2097 2097 HOH HOH A . 
I 5 HOH 98  2098 2098 HOH HOH A . 
I 5 HOH 99  2099 2099 HOH HOH A . 
I 5 HOH 100 2100 2100 HOH HOH A . 
I 5 HOH 101 2101 2101 HOH HOH A . 
I 5 HOH 102 2102 2102 HOH HOH A . 
I 5 HOH 103 2103 2103 HOH HOH A . 
I 5 HOH 104 2104 2104 HOH HOH A . 
I 5 HOH 105 2105 2105 HOH HOH A . 
I 5 HOH 106 2106 2106 HOH HOH A . 
I 5 HOH 107 2107 2107 HOH HOH A . 
I 5 HOH 108 2108 2108 HOH HOH A . 
I 5 HOH 109 2109 2109 HOH HOH A . 
I 5 HOH 110 2110 2110 HOH HOH A . 
I 5 HOH 111 2111 2111 HOH HOH A . 
I 5 HOH 112 2112 2112 HOH HOH A . 
I 5 HOH 113 2113 2113 HOH HOH A . 
I 5 HOH 114 2114 2114 HOH HOH A . 
I 5 HOH 115 2115 2115 HOH HOH A . 
I 5 HOH 116 2116 2116 HOH HOH A . 
I 5 HOH 117 2117 2117 HOH HOH A . 
I 5 HOH 118 2118 2118 HOH HOH A . 
I 5 HOH 119 2119 2119 HOH HOH A . 
I 5 HOH 120 2120 2120 HOH HOH A . 
I 5 HOH 121 2121 2121 HOH HOH A . 
I 5 HOH 122 2122 2122 HOH HOH A . 
I 5 HOH 123 2123 2123 HOH HOH A . 
I 5 HOH 124 2124 2124 HOH HOH A . 
I 5 HOH 125 2125 2125 HOH HOH A . 
I 5 HOH 126 2126 2126 HOH HOH A . 
I 5 HOH 127 2127 2127 HOH HOH A . 
I 5 HOH 128 2128 2128 HOH HOH A . 
I 5 HOH 129 2129 2129 HOH HOH A . 
I 5 HOH 130 2130 2130 HOH HOH A . 
I 5 HOH 131 2131 2131 HOH HOH A . 
I 5 HOH 132 2132 2132 HOH HOH A . 
I 5 HOH 133 2133 2133 HOH HOH A . 
I 5 HOH 134 2134 2134 HOH HOH A . 
I 5 HOH 135 2135 2135 HOH HOH A . 
I 5 HOH 136 2136 2136 HOH HOH A . 
I 5 HOH 137 2137 2137 HOH HOH A . 
I 5 HOH 138 2138 2138 HOH HOH A . 
I 5 HOH 139 2139 2139 HOH HOH A . 
I 5 HOH 140 2140 2140 HOH HOH A . 
I 5 HOH 141 2141 2141 HOH HOH A . 
I 5 HOH 142 2142 2142 HOH HOH A . 
I 5 HOH 143 2143 2143 HOH HOH A . 
I 5 HOH 144 2144 2144 HOH HOH A . 
I 5 HOH 145 2145 2145 HOH HOH A . 
I 5 HOH 146 2146 2146 HOH HOH A . 
# 
_pdbx_struct_assembly.id                   1 
_pdbx_struct_assembly.details              author_and_software_defined_assembly 
_pdbx_struct_assembly.method_details       PISA 
_pdbx_struct_assembly.oligomeric_details   monomeric 
_pdbx_struct_assembly.oligomeric_count     1 
# 
_pdbx_struct_assembly_gen.assembly_id       1 
_pdbx_struct_assembly_gen.oper_expression   1 
_pdbx_struct_assembly_gen.asym_id_list      A,B,C,D,E,F,G,H,I 
# 
_pdbx_struct_oper_list.id                   1 
_pdbx_struct_oper_list.type                 'identity operation' 
_pdbx_struct_oper_list.name                 1_555 
_pdbx_struct_oper_list.symmetry_operation   x,y,z 
_pdbx_struct_oper_list.matrix[1][1]         1.0000000000 
_pdbx_struct_oper_list.matrix[1][2]         0.0000000000 
_pdbx_struct_oper_list.matrix[1][3]         0.0000000000 
_pdbx_struct_oper_list.vector[1]            0.0000000000 
_pdbx_struct_oper_list.matrix[2][1]         0.0000000000 
_pdbx_struct_oper_list.matrix[2][2]         1.0000000000 
_pdbx_struct_oper_list.matrix[2][3]         0.0000000000 
_pdbx_struct_oper_list.vector[2]            0.0000000000 
_pdbx_struct_oper_list.matrix[3][1]         0.0000000000 
_pdbx_struct_oper_list.matrix[3][2]         0.0000000000 
_pdbx_struct_oper_list.matrix[3][3]         1.0000000000 
_pdbx_struct_oper_list.vector[3]            0.0000000000 
# 
loop_
_pdbx_audit_revision_history.ordinal 
_pdbx_audit_revision_history.data_content_type 
_pdbx_audit_revision_history.major_revision 
_pdbx_audit_revision_history.minor_revision 
_pdbx_audit_revision_history.revision_date 
1 'Structure model' 1 0 2013-04-24 
2 'Structure model' 1 1 2013-05-08 
3 'Structure model' 1 2 2013-06-05 
4 'Structure model' 1 3 2018-06-13 
5 'Structure model' 1 4 2023-12-20 
# 
_pdbx_audit_revision_details.ordinal             1 
_pdbx_audit_revision_details.revision_ordinal    1 
_pdbx_audit_revision_details.data_content_type   'Structure model' 
_pdbx_audit_revision_details.provider            repository 
_pdbx_audit_revision_details.type                'Initial release' 
_pdbx_audit_revision_details.description         ? 
_pdbx_audit_revision_details.details             ? 
# 
loop_
_pdbx_audit_revision_group.ordinal 
_pdbx_audit_revision_group.revision_ordinal 
_pdbx_audit_revision_group.data_content_type 
_pdbx_audit_revision_group.group 
1  2 'Structure model' 'Database references'    
2  3 'Structure model' 'Database references'    
3  4 'Structure model' 'Data collection'        
4  4 'Structure model' 'Database references'    
5  4 'Structure model' 'Structure summary'      
6  5 'Structure model' 'Data collection'        
7  5 'Structure model' 'Database references'    
8  5 'Structure model' 'Derived calculations'   
9  5 'Structure model' Other                    
10 5 'Structure model' 'Refinement description' 
# 
loop_
_pdbx_audit_revision_category.ordinal 
_pdbx_audit_revision_category.revision_ordinal 
_pdbx_audit_revision_category.data_content_type 
_pdbx_audit_revision_category.category 
1 4 'Structure model' citation                      
2 4 'Structure model' struct                        
3 5 'Structure model' chem_comp_atom                
4 5 'Structure model' chem_comp_bond                
5 5 'Structure model' database_2                    
6 5 'Structure model' pdbx_database_status          
7 5 'Structure model' pdbx_initial_refinement_model 
8 5 'Structure model' struct_site                   
# 
loop_
_pdbx_audit_revision_item.ordinal 
_pdbx_audit_revision_item.revision_ordinal 
_pdbx_audit_revision_item.data_content_type 
_pdbx_audit_revision_item.item 
1 4 'Structure model' '_citation.page_last'                  
2 4 'Structure model' '_struct.title'                        
3 5 'Structure model' '_database_2.pdbx_DOI'                 
4 5 'Structure model' '_database_2.pdbx_database_accession'  
5 5 'Structure model' '_pdbx_database_status.status_code_sf' 
6 5 'Structure model' '_struct_site.pdbx_auth_asym_id'       
7 5 'Structure model' '_struct_site.pdbx_auth_comp_id'       
8 5 'Structure model' '_struct_site.pdbx_auth_seq_id'        
# 
loop_
_software.name 
_software.classification 
_software.version 
_software.citation_id 
_software.pdbx_ordinal 
_software.date 
_software.type 
_software.location 
_software.language 
PHENIX    refinement       '(PHENIX.REFINE: 1.8.1_1168)' ? 1 ? ? ? ? 
DENZO     'data reduction' .                             ? 2 ? ? ? ? 
SCALEPACK 'data scaling'   .                             ? 3 ? ? ? ? 
PHASER    phasing          .                             ? 4 ? ? ? ? 
# 
_pdbx_entry_details.entry_id                 3ZLN 
_pdbx_entry_details.compound_details         ? 
_pdbx_entry_details.source_details           ? 
_pdbx_entry_details.nonpolymer_details       ? 
_pdbx_entry_details.sequence_details         'RESIDUES 45 TO 84 REMOVED, LAST 25 RESIDUES TRUNCATED' 
_pdbx_entry_details.has_ligand_of_interest   ? 
# 
_pdbx_validate_torsion.id              1 
_pdbx_validate_torsion.PDB_model_num   1 
_pdbx_validate_torsion.auth_comp_id    LYS 
_pdbx_validate_torsion.auth_asym_id    A 
_pdbx_validate_torsion.auth_seq_id     157 
_pdbx_validate_torsion.PDB_ins_code    ? 
_pdbx_validate_torsion.label_alt_id    ? 
_pdbx_validate_torsion.phi             -96.50 
_pdbx_validate_torsion.psi             30.43 
# 
loop_
_pdbx_unobs_or_zero_occ_atoms.id 
_pdbx_unobs_or_zero_occ_atoms.PDB_model_num 
_pdbx_unobs_or_zero_occ_atoms.polymer_flag 
_pdbx_unobs_or_zero_occ_atoms.occupancy_flag 
_pdbx_unobs_or_zero_occ_atoms.auth_asym_id 
_pdbx_unobs_or_zero_occ_atoms.auth_comp_id 
_pdbx_unobs_or_zero_occ_atoms.auth_seq_id 
_pdbx_unobs_or_zero_occ_atoms.PDB_ins_code 
_pdbx_unobs_or_zero_occ_atoms.auth_atom_id 
_pdbx_unobs_or_zero_occ_atoms.label_alt_id 
_pdbx_unobs_or_zero_occ_atoms.label_asym_id 
_pdbx_unobs_or_zero_occ_atoms.label_comp_id 
_pdbx_unobs_or_zero_occ_atoms.label_seq_id 
_pdbx_unobs_or_zero_occ_atoms.label_atom_id 
1  1 Y 1 A GLU 42  ? CG  ? A GLU 46  CG  
2  1 Y 1 A GLU 42  ? CD  ? A GLU 46  CD  
3  1 Y 1 A GLU 42  ? OE1 ? A GLU 46  OE1 
4  1 Y 1 A GLU 42  ? OE2 ? A GLU 46  OE2 
5  1 Y 1 A ASN 197 ? CA  ? A ASN 161 CA  
6  1 Y 1 A ASN 197 ? C   ? A ASN 161 C   
7  1 Y 1 A ASN 197 ? O   ? A ASN 161 O   
8  1 Y 1 A ASN 197 ? CB  ? A ASN 161 CB  
9  1 Y 1 A ASN 197 ? CG  ? A ASN 161 CG  
10 1 Y 1 A ASN 197 ? OD1 ? A ASN 161 OD1 
11 1 Y 1 A ASN 197 ? ND2 ? A ASN 161 ND2 
# 
loop_
_pdbx_unobs_or_zero_occ_residues.id 
_pdbx_unobs_or_zero_occ_residues.PDB_model_num 
_pdbx_unobs_or_zero_occ_residues.polymer_flag 
_pdbx_unobs_or_zero_occ_residues.occupancy_flag 
_pdbx_unobs_or_zero_occ_residues.auth_asym_id 
_pdbx_unobs_or_zero_occ_residues.auth_comp_id 
_pdbx_unobs_or_zero_occ_residues.auth_seq_id 
_pdbx_unobs_or_zero_occ_residues.PDB_ins_code 
_pdbx_unobs_or_zero_occ_residues.label_asym_id 
_pdbx_unobs_or_zero_occ_residues.label_comp_id 
_pdbx_unobs_or_zero_occ_residues.label_seq_id 
1  1 Y 1 A MET -3  ? A MET 1   
2  1 Y 1 A SER -2  ? A SER 2   
3  1 Y 1 A MET -1  ? A MET 3   
4  1 Y 1 A ALA 0   ? A ALA 4   
5  1 Y 1 A SER 28  ? A SER 32  
6  1 Y 1 A ASP 29  ? A ASP 33  
7  1 Y 1 A VAL 30  ? A VAL 34  
8  1 Y 1 A GLU 31  ? A GLU 35  
9  1 Y 1 A GLU 32  ? A GLU 36  
10 1 Y 1 A ASN 33  ? A ASN 37  
11 1 Y 1 A ARG 34  ? A ARG 38  
12 1 Y 1 A THR 35  ? A THR 39  
13 1 Y 1 A GLU 36  ? A GLU 40  
14 1 Y 1 A ALA 37  ? A ALA 41  
15 1 Y 1 A PRO 38  ? A PRO 42  
16 1 Y 1 A GLU 39  ? A GLU 43  
17 1 Y 1 A GLY 40  ? A GLY 44  
18 1 Y 1 A ASN 198 ? A ASN 162 
19 1 Y 1 A ALA 199 ? A ALA 163 
20 1 Y 1 A ALA 200 ? A ALA 164 
21 1 Y 1 A ALA 201 ? A ALA 165 
22 1 Y 1 A GLU 202 ? A GLU 166 
23 1 Y 1 A SER 203 ? A SER 167 
24 1 Y 1 A ARG 204 ? A ARG 168 
25 1 Y 1 A LYS 205 ? A LYS 169 
26 1 Y 1 A GLY 206 ? A GLY 170 
27 1 Y 1 A GLN 207 ? A GLN 171 
28 1 Y 1 A GLU 208 ? A GLU 172 
29 1 Y 1 A ARG 209 ? A ARG 173 
30 1 Y 1 A LEU 210 ? A LEU 174 
31 1 Y 1 A GLU 211 ? A GLU 175 
32 1 Y 1 A HIS 212 ? A HIS 176 
33 1 Y 1 A HIS 213 ? A HIS 177 
34 1 Y 1 A HIS 214 ? A HIS 178 
35 1 Y 1 A HIS 215 ? A HIS 179 
36 1 Y 1 A HIS 216 ? A HIS 180 
37 1 Y 1 A HIS 217 ? A HIS 181 
# 
loop_
_chem_comp_atom.comp_id 
_chem_comp_atom.atom_id 
_chem_comp_atom.type_symbol 
_chem_comp_atom.pdbx_aromatic_flag 
_chem_comp_atom.pdbx_stereo_config 
_chem_comp_atom.pdbx_ordinal 
ALA N    N N N 1   
ALA CA   C N S 2   
ALA C    C N N 3   
ALA O    O N N 4   
ALA CB   C N N 5   
ALA OXT  O N N 6   
ALA H    H N N 7   
ALA H2   H N N 8   
ALA HA   H N N 9   
ALA HB1  H N N 10  
ALA HB2  H N N 11  
ALA HB3  H N N 12  
ALA HXT  H N N 13  
ARG N    N N N 14  
ARG CA   C N S 15  
ARG C    C N N 16  
ARG O    O N N 17  
ARG CB   C N N 18  
ARG CG   C N N 19  
ARG CD   C N N 20  
ARG NE   N N N 21  
ARG CZ   C N N 22  
ARG NH1  N N N 23  
ARG NH2  N N N 24  
ARG OXT  O N N 25  
ARG H    H N N 26  
ARG H2   H N N 27  
ARG HA   H N N 28  
ARG HB2  H N N 29  
ARG HB3  H N N 30  
ARG HG2  H N N 31  
ARG HG3  H N N 32  
ARG HD2  H N N 33  
ARG HD3  H N N 34  
ARG HE   H N N 35  
ARG HH11 H N N 36  
ARG HH12 H N N 37  
ARG HH21 H N N 38  
ARG HH22 H N N 39  
ARG HXT  H N N 40  
ASN N    N N N 41  
ASN CA   C N S 42  
ASN C    C N N 43  
ASN O    O N N 44  
ASN CB   C N N 45  
ASN CG   C N N 46  
ASN OD1  O N N 47  
ASN ND2  N N N 48  
ASN OXT  O N N 49  
ASN H    H N N 50  
ASN H2   H N N 51  
ASN HA   H N N 52  
ASN HB2  H N N 53  
ASN HB3  H N N 54  
ASN HD21 H N N 55  
ASN HD22 H N N 56  
ASN HXT  H N N 57  
ASP N    N N N 58  
ASP CA   C N S 59  
ASP C    C N N 60  
ASP O    O N N 61  
ASP CB   C N N 62  
ASP CG   C N N 63  
ASP OD1  O N N 64  
ASP OD2  O N N 65  
ASP OXT  O N N 66  
ASP H    H N N 67  
ASP H2   H N N 68  
ASP HA   H N N 69  
ASP HB2  H N N 70  
ASP HB3  H N N 71  
ASP HD2  H N N 72  
ASP HXT  H N N 73  
CYS N    N N N 74  
CYS CA   C N R 75  
CYS C    C N N 76  
CYS O    O N N 77  
CYS CB   C N N 78  
CYS SG   S N N 79  
CYS OXT  O N N 80  
CYS H    H N N 81  
CYS H2   H N N 82  
CYS HA   H N N 83  
CYS HB2  H N N 84  
CYS HB3  H N N 85  
CYS HG   H N N 86  
CYS HXT  H N N 87  
EDO C1   C N N 88  
EDO O1   O N N 89  
EDO C2   C N N 90  
EDO O2   O N N 91  
EDO H11  H N N 92  
EDO H12  H N N 93  
EDO HO1  H N N 94  
EDO H21  H N N 95  
EDO H22  H N N 96  
EDO HO2  H N N 97  
GLN N    N N N 98  
GLN CA   C N S 99  
GLN C    C N N 100 
GLN O    O N N 101 
GLN CB   C N N 102 
GLN CG   C N N 103 
GLN CD   C N N 104 
GLN OE1  O N N 105 
GLN NE2  N N N 106 
GLN OXT  O N N 107 
GLN H    H N N 108 
GLN H2   H N N 109 
GLN HA   H N N 110 
GLN HB2  H N N 111 
GLN HB3  H N N 112 
GLN HG2  H N N 113 
GLN HG3  H N N 114 
GLN HE21 H N N 115 
GLN HE22 H N N 116 
GLN HXT  H N N 117 
GLU N    N N N 118 
GLU CA   C N S 119 
GLU C    C N N 120 
GLU O    O N N 121 
GLU CB   C N N 122 
GLU CG   C N N 123 
GLU CD   C N N 124 
GLU OE1  O N N 125 
GLU OE2  O N N 126 
GLU OXT  O N N 127 
GLU H    H N N 128 
GLU H2   H N N 129 
GLU HA   H N N 130 
GLU HB2  H N N 131 
GLU HB3  H N N 132 
GLU HG2  H N N 133 
GLU HG3  H N N 134 
GLU HE2  H N N 135 
GLU HXT  H N N 136 
GLY N    N N N 137 
GLY CA   C N N 138 
GLY C    C N N 139 
GLY O    O N N 140 
GLY OXT  O N N 141 
GLY H    H N N 142 
GLY H2   H N N 143 
GLY HA2  H N N 144 
GLY HA3  H N N 145 
GLY HXT  H N N 146 
H0Y O82  O N N 147 
H0Y C28  C N N 148 
H0Y O81  O N N 149 
H0Y C24  C Y N 150 
H0Y N23  N Y N 151 
H0Y C25  C Y N 152 
H0Y C26  C Y N 153 
H0Y C27  C Y N 154 
H0Y C22  C Y N 155 
H0Y C19  C Y N 156 
H0Y C20  C Y N 157 
H0Y C21  C Y N 158 
H0Y C16  C Y N 159 
H0Y C15  C N N 160 
H0Y C14  C N N 161 
H0Y C13  C N N 162 
H0Y C18  C Y N 163 
H0Y C17  C Y N 164 
H0Y C12  C N N 165 
H0Y N11  N N N 166 
H0Y N10  N N N 167 
H0Y C8   C Y N 168 
H0Y S9   S Y N 169 
H0Y C4   C Y N 170 
H0Y C3   C Y N 171 
H0Y C2   C Y N 172 
H0Y N7   N Y N 173 
H0Y C5   C Y N 174 
H0Y C6   C Y N 175 
H0Y C1   C Y N 176 
H0Y H82  H N N 177 
H0Y H25  H N N 178 
H0Y H26  H N N 179 
H0Y H27  H N N 180 
H0Y H20  H N N 181 
H0Y H18  H N N 182 
H0Y H21  H N N 183 
H0Y H151 H N N 184 
H0Y H152 H N N 185 
H0Y H141 H N N 186 
H0Y H142 H N N 187 
H0Y H131 H N N 188 
H0Y H132 H N N 189 
H0Y H10  H N N 190 
H0Y H3   H N N 191 
H0Y H2   H N N 192 
H0Y H1   H N N 193 
H0Y H6   H N N 194 
HIS N    N N N 195 
HIS CA   C N S 196 
HIS C    C N N 197 
HIS O    O N N 198 
HIS CB   C N N 199 
HIS CG   C Y N 200 
HIS ND1  N Y N 201 
HIS CD2  C Y N 202 
HIS CE1  C Y N 203 
HIS NE2  N Y N 204 
HIS OXT  O N N 205 
HIS H    H N N 206 
HIS H2   H N N 207 
HIS HA   H N N 208 
HIS HB2  H N N 209 
HIS HB3  H N N 210 
HIS HD1  H N N 211 
HIS HD2  H N N 212 
HIS HE1  H N N 213 
HIS HE2  H N N 214 
HIS HXT  H N N 215 
HOH O    O N N 216 
HOH H1   H N N 217 
HOH H2   H N N 218 
ILE N    N N N 219 
ILE CA   C N S 220 
ILE C    C N N 221 
ILE O    O N N 222 
ILE CB   C N S 223 
ILE CG1  C N N 224 
ILE CG2  C N N 225 
ILE CD1  C N N 226 
ILE OXT  O N N 227 
ILE H    H N N 228 
ILE H2   H N N 229 
ILE HA   H N N 230 
ILE HB   H N N 231 
ILE HG12 H N N 232 
ILE HG13 H N N 233 
ILE HG21 H N N 234 
ILE HG22 H N N 235 
ILE HG23 H N N 236 
ILE HD11 H N N 237 
ILE HD12 H N N 238 
ILE HD13 H N N 239 
ILE HXT  H N N 240 
LEU N    N N N 241 
LEU CA   C N S 242 
LEU C    C N N 243 
LEU O    O N N 244 
LEU CB   C N N 245 
LEU CG   C N N 246 
LEU CD1  C N N 247 
LEU CD2  C N N 248 
LEU OXT  O N N 249 
LEU H    H N N 250 
LEU H2   H N N 251 
LEU HA   H N N 252 
LEU HB2  H N N 253 
LEU HB3  H N N 254 
LEU HG   H N N 255 
LEU HD11 H N N 256 
LEU HD12 H N N 257 
LEU HD13 H N N 258 
LEU HD21 H N N 259 
LEU HD22 H N N 260 
LEU HD23 H N N 261 
LEU HXT  H N N 262 
LYS N    N N N 263 
LYS CA   C N S 264 
LYS C    C N N 265 
LYS O    O N N 266 
LYS CB   C N N 267 
LYS CG   C N N 268 
LYS CD   C N N 269 
LYS CE   C N N 270 
LYS NZ   N N N 271 
LYS OXT  O N N 272 
LYS H    H N N 273 
LYS H2   H N N 274 
LYS HA   H N N 275 
LYS HB2  H N N 276 
LYS HB3  H N N 277 
LYS HG2  H N N 278 
LYS HG3  H N N 279 
LYS HD2  H N N 280 
LYS HD3  H N N 281 
LYS HE2  H N N 282 
LYS HE3  H N N 283 
LYS HZ1  H N N 284 
LYS HZ2  H N N 285 
LYS HZ3  H N N 286 
LYS HXT  H N N 287 
MET N    N N N 288 
MET CA   C N S 289 
MET C    C N N 290 
MET O    O N N 291 
MET CB   C N N 292 
MET CG   C N N 293 
MET SD   S N N 294 
MET CE   C N N 295 
MET OXT  O N N 296 
MET H    H N N 297 
MET H2   H N N 298 
MET HA   H N N 299 
MET HB2  H N N 300 
MET HB3  H N N 301 
MET HG2  H N N 302 
MET HG3  H N N 303 
MET HE1  H N N 304 
MET HE2  H N N 305 
MET HE3  H N N 306 
MET HXT  H N N 307 
PHE N    N N N 308 
PHE CA   C N S 309 
PHE C    C N N 310 
PHE O    O N N 311 
PHE CB   C N N 312 
PHE CG   C Y N 313 
PHE CD1  C Y N 314 
PHE CD2  C Y N 315 
PHE CE1  C Y N 316 
PHE CE2  C Y N 317 
PHE CZ   C Y N 318 
PHE OXT  O N N 319 
PHE H    H N N 320 
PHE H2   H N N 321 
PHE HA   H N N 322 
PHE HB2  H N N 323 
PHE HB3  H N N 324 
PHE HD1  H N N 325 
PHE HD2  H N N 326 
PHE HE1  H N N 327 
PHE HE2  H N N 328 
PHE HZ   H N N 329 
PHE HXT  H N N 330 
PRO N    N N N 331 
PRO CA   C N S 332 
PRO C    C N N 333 
PRO O    O N N 334 
PRO CB   C N N 335 
PRO CG   C N N 336 
PRO CD   C N N 337 
PRO OXT  O N N 338 
PRO H    H N N 339 
PRO HA   H N N 340 
PRO HB2  H N N 341 
PRO HB3  H N N 342 
PRO HG2  H N N 343 
PRO HG3  H N N 344 
PRO HD2  H N N 345 
PRO HD3  H N N 346 
PRO HXT  H N N 347 
SER N    N N N 348 
SER CA   C N S 349 
SER C    C N N 350 
SER O    O N N 351 
SER CB   C N N 352 
SER OG   O N N 353 
SER OXT  O N N 354 
SER H    H N N 355 
SER H2   H N N 356 
SER HA   H N N 357 
SER HB2  H N N 358 
SER HB3  H N N 359 
SER HG   H N N 360 
SER HXT  H N N 361 
SO4 S    S N N 362 
SO4 O1   O N N 363 
SO4 O2   O N N 364 
SO4 O3   O N N 365 
SO4 O4   O N N 366 
THR N    N N N 367 
THR CA   C N S 368 
THR C    C N N 369 
THR O    O N N 370 
THR CB   C N R 371 
THR OG1  O N N 372 
THR CG2  C N N 373 
THR OXT  O N N 374 
THR H    H N N 375 
THR H2   H N N 376 
THR HA   H N N 377 
THR HB   H N N 378 
THR HG1  H N N 379 
THR HG21 H N N 380 
THR HG22 H N N 381 
THR HG23 H N N 382 
THR HXT  H N N 383 
TRP N    N N N 384 
TRP CA   C N S 385 
TRP C    C N N 386 
TRP O    O N N 387 
TRP CB   C N N 388 
TRP CG   C Y N 389 
TRP CD1  C Y N 390 
TRP CD2  C Y N 391 
TRP NE1  N Y N 392 
TRP CE2  C Y N 393 
TRP CE3  C Y N 394 
TRP CZ2  C Y N 395 
TRP CZ3  C Y N 396 
TRP CH2  C Y N 397 
TRP OXT  O N N 398 
TRP H    H N N 399 
TRP H2   H N N 400 
TRP HA   H N N 401 
TRP HB2  H N N 402 
TRP HB3  H N N 403 
TRP HD1  H N N 404 
TRP HE1  H N N 405 
TRP HE3  H N N 406 
TRP HZ2  H N N 407 
TRP HZ3  H N N 408 
TRP HH2  H N N 409 
TRP HXT  H N N 410 
TYR N    N N N 411 
TYR CA   C N S 412 
TYR C    C N N 413 
TYR O    O N N 414 
TYR CB   C N N 415 
TYR CG   C Y N 416 
TYR CD1  C Y N 417 
TYR CD2  C Y N 418 
TYR CE1  C Y N 419 
TYR CE2  C Y N 420 
TYR CZ   C Y N 421 
TYR OH   O N N 422 
TYR OXT  O N N 423 
TYR H    H N N 424 
TYR H2   H N N 425 
TYR HA   H N N 426 
TYR HB2  H N N 427 
TYR HB3  H N N 428 
TYR HD1  H N N 429 
TYR HD2  H N N 430 
TYR HE1  H N N 431 
TYR HE2  H N N 432 
TYR HH   H N N 433 
TYR HXT  H N N 434 
VAL N    N N N 435 
VAL CA   C N S 436 
VAL C    C N N 437 
VAL O    O N N 438 
VAL CB   C N N 439 
VAL CG1  C N N 440 
VAL CG2  C N N 441 
VAL OXT  O N N 442 
VAL H    H N N 443 
VAL H2   H N N 444 
VAL HA   H N N 445 
VAL HB   H N N 446 
VAL HG11 H N N 447 
VAL HG12 H N N 448 
VAL HG13 H N N 449 
VAL HG21 H N N 450 
VAL HG22 H N N 451 
VAL HG23 H N N 452 
VAL HXT  H N N 453 
# 
loop_
_chem_comp_bond.comp_id 
_chem_comp_bond.atom_id_1 
_chem_comp_bond.atom_id_2 
_chem_comp_bond.value_order 
_chem_comp_bond.pdbx_aromatic_flag 
_chem_comp_bond.pdbx_stereo_config 
_chem_comp_bond.pdbx_ordinal 
ALA N   CA   sing N N 1   
ALA N   H    sing N N 2   
ALA N   H2   sing N N 3   
ALA CA  C    sing N N 4   
ALA CA  CB   sing N N 5   
ALA CA  HA   sing N N 6   
ALA C   O    doub N N 7   
ALA C   OXT  sing N N 8   
ALA CB  HB1  sing N N 9   
ALA CB  HB2  sing N N 10  
ALA CB  HB3  sing N N 11  
ALA OXT HXT  sing N N 12  
ARG N   CA   sing N N 13  
ARG N   H    sing N N 14  
ARG N   H2   sing N N 15  
ARG CA  C    sing N N 16  
ARG CA  CB   sing N N 17  
ARG CA  HA   sing N N 18  
ARG C   O    doub N N 19  
ARG C   OXT  sing N N 20  
ARG CB  CG   sing N N 21  
ARG CB  HB2  sing N N 22  
ARG CB  HB3  sing N N 23  
ARG CG  CD   sing N N 24  
ARG CG  HG2  sing N N 25  
ARG CG  HG3  sing N N 26  
ARG CD  NE   sing N N 27  
ARG CD  HD2  sing N N 28  
ARG CD  HD3  sing N N 29  
ARG NE  CZ   sing N N 30  
ARG NE  HE   sing N N 31  
ARG CZ  NH1  sing N N 32  
ARG CZ  NH2  doub N N 33  
ARG NH1 HH11 sing N N 34  
ARG NH1 HH12 sing N N 35  
ARG NH2 HH21 sing N N 36  
ARG NH2 HH22 sing N N 37  
ARG OXT HXT  sing N N 38  
ASN N   CA   sing N N 39  
ASN N   H    sing N N 40  
ASN N   H2   sing N N 41  
ASN CA  C    sing N N 42  
ASN CA  CB   sing N N 43  
ASN CA  HA   sing N N 44  
ASN C   O    doub N N 45  
ASN C   OXT  sing N N 46  
ASN CB  CG   sing N N 47  
ASN CB  HB2  sing N N 48  
ASN CB  HB3  sing N N 49  
ASN CG  OD1  doub N N 50  
ASN CG  ND2  sing N N 51  
ASN ND2 HD21 sing N N 52  
ASN ND2 HD22 sing N N 53  
ASN OXT HXT  sing N N 54  
ASP N   CA   sing N N 55  
ASP N   H    sing N N 56  
ASP N   H2   sing N N 57  
ASP CA  C    sing N N 58  
ASP CA  CB   sing N N 59  
ASP CA  HA   sing N N 60  
ASP C   O    doub N N 61  
ASP C   OXT  sing N N 62  
ASP CB  CG   sing N N 63  
ASP CB  HB2  sing N N 64  
ASP CB  HB3  sing N N 65  
ASP CG  OD1  doub N N 66  
ASP CG  OD2  sing N N 67  
ASP OD2 HD2  sing N N 68  
ASP OXT HXT  sing N N 69  
CYS N   CA   sing N N 70  
CYS N   H    sing N N 71  
CYS N   H2   sing N N 72  
CYS CA  C    sing N N 73  
CYS CA  CB   sing N N 74  
CYS CA  HA   sing N N 75  
CYS C   O    doub N N 76  
CYS C   OXT  sing N N 77  
CYS CB  SG   sing N N 78  
CYS CB  HB2  sing N N 79  
CYS CB  HB3  sing N N 80  
CYS SG  HG   sing N N 81  
CYS OXT HXT  sing N N 82  
EDO C1  O1   sing N N 83  
EDO C1  C2   sing N N 84  
EDO C1  H11  sing N N 85  
EDO C1  H12  sing N N 86  
EDO O1  HO1  sing N N 87  
EDO C2  O2   sing N N 88  
EDO C2  H21  sing N N 89  
EDO C2  H22  sing N N 90  
EDO O2  HO2  sing N N 91  
GLN N   CA   sing N N 92  
GLN N   H    sing N N 93  
GLN N   H2   sing N N 94  
GLN CA  C    sing N N 95  
GLN CA  CB   sing N N 96  
GLN CA  HA   sing N N 97  
GLN C   O    doub N N 98  
GLN C   OXT  sing N N 99  
GLN CB  CG   sing N N 100 
GLN CB  HB2  sing N N 101 
GLN CB  HB3  sing N N 102 
GLN CG  CD   sing N N 103 
GLN CG  HG2  sing N N 104 
GLN CG  HG3  sing N N 105 
GLN CD  OE1  doub N N 106 
GLN CD  NE2  sing N N 107 
GLN NE2 HE21 sing N N 108 
GLN NE2 HE22 sing N N 109 
GLN OXT HXT  sing N N 110 
GLU N   CA   sing N N 111 
GLU N   H    sing N N 112 
GLU N   H2   sing N N 113 
GLU CA  C    sing N N 114 
GLU CA  CB   sing N N 115 
GLU CA  HA   sing N N 116 
GLU C   O    doub N N 117 
GLU C   OXT  sing N N 118 
GLU CB  CG   sing N N 119 
GLU CB  HB2  sing N N 120 
GLU CB  HB3  sing N N 121 
GLU CG  CD   sing N N 122 
GLU CG  HG2  sing N N 123 
GLU CG  HG3  sing N N 124 
GLU CD  OE1  doub N N 125 
GLU CD  OE2  sing N N 126 
GLU OE2 HE2  sing N N 127 
GLU OXT HXT  sing N N 128 
GLY N   CA   sing N N 129 
GLY N   H    sing N N 130 
GLY N   H2   sing N N 131 
GLY CA  C    sing N N 132 
GLY CA  HA2  sing N N 133 
GLY CA  HA3  sing N N 134 
GLY C   O    doub N N 135 
GLY C   OXT  sing N N 136 
GLY OXT HXT  sing N N 137 
H0Y O82 C28  sing N N 138 
H0Y C28 O81  doub N N 139 
H0Y C28 C24  sing N N 140 
H0Y C24 N23  doub Y N 141 
H0Y C24 C25  sing Y N 142 
H0Y N23 C22  sing Y N 143 
H0Y C25 C26  doub Y N 144 
H0Y C26 C27  sing Y N 145 
H0Y C27 C22  doub Y N 146 
H0Y C22 C19  sing N N 147 
H0Y C19 C20  sing Y N 148 
H0Y C19 C18  doub Y N 149 
H0Y C20 C21  doub Y N 150 
H0Y C21 C16  sing Y N 151 
H0Y C16 C15  sing N N 152 
H0Y C16 C17  doub Y N 153 
H0Y C15 C14  sing N N 154 
H0Y C14 C13  sing N N 155 
H0Y C13 C12  sing N N 156 
H0Y C18 C17  sing Y N 157 
H0Y C17 C12  sing N N 158 
H0Y C12 N11  doub N E 159 
H0Y N11 N10  sing N N 160 
H0Y N10 C8   sing N N 161 
H0Y C8  S9   sing Y N 162 
H0Y C8  N7   doub Y N 163 
H0Y S9  C4   sing Y N 164 
H0Y C4  C3   sing Y N 165 
H0Y C4  C5   doub Y N 166 
H0Y C3  C2   doub Y N 167 
H0Y C2  C1   sing Y N 168 
H0Y N7  C5   sing Y N 169 
H0Y C5  C6   sing Y N 170 
H0Y C6  C1   doub Y N 171 
H0Y O82 H82  sing N N 172 
H0Y C25 H25  sing N N 173 
H0Y C26 H26  sing N N 174 
H0Y C27 H27  sing N N 175 
H0Y C20 H20  sing N N 176 
H0Y C18 H18  sing N N 177 
H0Y C21 H21  sing N N 178 
H0Y C15 H151 sing N N 179 
H0Y C15 H152 sing N N 180 
H0Y C14 H141 sing N N 181 
H0Y C14 H142 sing N N 182 
H0Y C13 H131 sing N N 183 
H0Y C13 H132 sing N N 184 
H0Y N10 H10  sing N N 185 
H0Y C3  H3   sing N N 186 
H0Y C2  H2   sing N N 187 
H0Y C1  H1   sing N N 188 
H0Y C6  H6   sing N N 189 
HIS N   CA   sing N N 190 
HIS N   H    sing N N 191 
HIS N   H2   sing N N 192 
HIS CA  C    sing N N 193 
HIS CA  CB   sing N N 194 
HIS CA  HA   sing N N 195 
HIS C   O    doub N N 196 
HIS C   OXT  sing N N 197 
HIS CB  CG   sing N N 198 
HIS CB  HB2  sing N N 199 
HIS CB  HB3  sing N N 200 
HIS CG  ND1  sing Y N 201 
HIS CG  CD2  doub Y N 202 
HIS ND1 CE1  doub Y N 203 
HIS ND1 HD1  sing N N 204 
HIS CD2 NE2  sing Y N 205 
HIS CD2 HD2  sing N N 206 
HIS CE1 NE2  sing Y N 207 
HIS CE1 HE1  sing N N 208 
HIS NE2 HE2  sing N N 209 
HIS OXT HXT  sing N N 210 
HOH O   H1   sing N N 211 
HOH O   H2   sing N N 212 
ILE N   CA   sing N N 213 
ILE N   H    sing N N 214 
ILE N   H2   sing N N 215 
ILE CA  C    sing N N 216 
ILE CA  CB   sing N N 217 
ILE CA  HA   sing N N 218 
ILE C   O    doub N N 219 
ILE C   OXT  sing N N 220 
ILE CB  CG1  sing N N 221 
ILE CB  CG2  sing N N 222 
ILE CB  HB   sing N N 223 
ILE CG1 CD1  sing N N 224 
ILE CG1 HG12 sing N N 225 
ILE CG1 HG13 sing N N 226 
ILE CG2 HG21 sing N N 227 
ILE CG2 HG22 sing N N 228 
ILE CG2 HG23 sing N N 229 
ILE CD1 HD11 sing N N 230 
ILE CD1 HD12 sing N N 231 
ILE CD1 HD13 sing N N 232 
ILE OXT HXT  sing N N 233 
LEU N   CA   sing N N 234 
LEU N   H    sing N N 235 
LEU N   H2   sing N N 236 
LEU CA  C    sing N N 237 
LEU CA  CB   sing N N 238 
LEU CA  HA   sing N N 239 
LEU C   O    doub N N 240 
LEU C   OXT  sing N N 241 
LEU CB  CG   sing N N 242 
LEU CB  HB2  sing N N 243 
LEU CB  HB3  sing N N 244 
LEU CG  CD1  sing N N 245 
LEU CG  CD2  sing N N 246 
LEU CG  HG   sing N N 247 
LEU CD1 HD11 sing N N 248 
LEU CD1 HD12 sing N N 249 
LEU CD1 HD13 sing N N 250 
LEU CD2 HD21 sing N N 251 
LEU CD2 HD22 sing N N 252 
LEU CD2 HD23 sing N N 253 
LEU OXT HXT  sing N N 254 
LYS N   CA   sing N N 255 
LYS N   H    sing N N 256 
LYS N   H2   sing N N 257 
LYS CA  C    sing N N 258 
LYS CA  CB   sing N N 259 
LYS CA  HA   sing N N 260 
LYS C   O    doub N N 261 
LYS C   OXT  sing N N 262 
LYS CB  CG   sing N N 263 
LYS CB  HB2  sing N N 264 
LYS CB  HB3  sing N N 265 
LYS CG  CD   sing N N 266 
LYS CG  HG2  sing N N 267 
LYS CG  HG3  sing N N 268 
LYS CD  CE   sing N N 269 
LYS CD  HD2  sing N N 270 
LYS CD  HD3  sing N N 271 
LYS CE  NZ   sing N N 272 
LYS CE  HE2  sing N N 273 
LYS CE  HE3  sing N N 274 
LYS NZ  HZ1  sing N N 275 
LYS NZ  HZ2  sing N N 276 
LYS NZ  HZ3  sing N N 277 
LYS OXT HXT  sing N N 278 
MET N   CA   sing N N 279 
MET N   H    sing N N 280 
MET N   H2   sing N N 281 
MET CA  C    sing N N 282 
MET CA  CB   sing N N 283 
MET CA  HA   sing N N 284 
MET C   O    doub N N 285 
MET C   OXT  sing N N 286 
MET CB  CG   sing N N 287 
MET CB  HB2  sing N N 288 
MET CB  HB3  sing N N 289 
MET CG  SD   sing N N 290 
MET CG  HG2  sing N N 291 
MET CG  HG3  sing N N 292 
MET SD  CE   sing N N 293 
MET CE  HE1  sing N N 294 
MET CE  HE2  sing N N 295 
MET CE  HE3  sing N N 296 
MET OXT HXT  sing N N 297 
PHE N   CA   sing N N 298 
PHE N   H    sing N N 299 
PHE N   H2   sing N N 300 
PHE CA  C    sing N N 301 
PHE CA  CB   sing N N 302 
PHE CA  HA   sing N N 303 
PHE C   O    doub N N 304 
PHE C   OXT  sing N N 305 
PHE CB  CG   sing N N 306 
PHE CB  HB2  sing N N 307 
PHE CB  HB3  sing N N 308 
PHE CG  CD1  doub Y N 309 
PHE CG  CD2  sing Y N 310 
PHE CD1 CE1  sing Y N 311 
PHE CD1 HD1  sing N N 312 
PHE CD2 CE2  doub Y N 313 
PHE CD2 HD2  sing N N 314 
PHE CE1 CZ   doub Y N 315 
PHE CE1 HE1  sing N N 316 
PHE CE2 CZ   sing Y N 317 
PHE CE2 HE2  sing N N 318 
PHE CZ  HZ   sing N N 319 
PHE OXT HXT  sing N N 320 
PRO N   CA   sing N N 321 
PRO N   CD   sing N N 322 
PRO N   H    sing N N 323 
PRO CA  C    sing N N 324 
PRO CA  CB   sing N N 325 
PRO CA  HA   sing N N 326 
PRO C   O    doub N N 327 
PRO C   OXT  sing N N 328 
PRO CB  CG   sing N N 329 
PRO CB  HB2  sing N N 330 
PRO CB  HB3  sing N N 331 
PRO CG  CD   sing N N 332 
PRO CG  HG2  sing N N 333 
PRO CG  HG3  sing N N 334 
PRO CD  HD2  sing N N 335 
PRO CD  HD3  sing N N 336 
PRO OXT HXT  sing N N 337 
SER N   CA   sing N N 338 
SER N   H    sing N N 339 
SER N   H2   sing N N 340 
SER CA  C    sing N N 341 
SER CA  CB   sing N N 342 
SER CA  HA   sing N N 343 
SER C   O    doub N N 344 
SER C   OXT  sing N N 345 
SER CB  OG   sing N N 346 
SER CB  HB2  sing N N 347 
SER CB  HB3  sing N N 348 
SER OG  HG   sing N N 349 
SER OXT HXT  sing N N 350 
SO4 S   O1   doub N N 351 
SO4 S   O2   doub N N 352 
SO4 S   O3   sing N N 353 
SO4 S   O4   sing N N 354 
THR N   CA   sing N N 355 
THR N   H    sing N N 356 
THR N   H2   sing N N 357 
THR CA  C    sing N N 358 
THR CA  CB   sing N N 359 
THR CA  HA   sing N N 360 
THR C   O    doub N N 361 
THR C   OXT  sing N N 362 
THR CB  OG1  sing N N 363 
THR CB  CG2  sing N N 364 
THR CB  HB   sing N N 365 
THR OG1 HG1  sing N N 366 
THR CG2 HG21 sing N N 367 
THR CG2 HG22 sing N N 368 
THR CG2 HG23 sing N N 369 
THR OXT HXT  sing N N 370 
TRP N   CA   sing N N 371 
TRP N   H    sing N N 372 
TRP N   H2   sing N N 373 
TRP CA  C    sing N N 374 
TRP CA  CB   sing N N 375 
TRP CA  HA   sing N N 376 
TRP C   O    doub N N 377 
TRP C   OXT  sing N N 378 
TRP CB  CG   sing N N 379 
TRP CB  HB2  sing N N 380 
TRP CB  HB3  sing N N 381 
TRP CG  CD1  doub Y N 382 
TRP CG  CD2  sing Y N 383 
TRP CD1 NE1  sing Y N 384 
TRP CD1 HD1  sing N N 385 
TRP CD2 CE2  doub Y N 386 
TRP CD2 CE3  sing Y N 387 
TRP NE1 CE2  sing Y N 388 
TRP NE1 HE1  sing N N 389 
TRP CE2 CZ2  sing Y N 390 
TRP CE3 CZ3  doub Y N 391 
TRP CE3 HE3  sing N N 392 
TRP CZ2 CH2  doub Y N 393 
TRP CZ2 HZ2  sing N N 394 
TRP CZ3 CH2  sing Y N 395 
TRP CZ3 HZ3  sing N N 396 
TRP CH2 HH2  sing N N 397 
TRP OXT HXT  sing N N 398 
TYR N   CA   sing N N 399 
TYR N   H    sing N N 400 
TYR N   H2   sing N N 401 
TYR CA  C    sing N N 402 
TYR CA  CB   sing N N 403 
TYR CA  HA   sing N N 404 
TYR C   O    doub N N 405 
TYR C   OXT  sing N N 406 
TYR CB  CG   sing N N 407 
TYR CB  HB2  sing N N 408 
TYR CB  HB3  sing N N 409 
TYR CG  CD1  doub Y N 410 
TYR CG  CD2  sing Y N 411 
TYR CD1 CE1  sing Y N 412 
TYR CD1 HD1  sing N N 413 
TYR CD2 CE2  doub Y N 414 
TYR CD2 HD2  sing N N 415 
TYR CE1 CZ   doub Y N 416 
TYR CE1 HE1  sing N N 417 
TYR CE2 CZ   sing Y N 418 
TYR CE2 HE2  sing N N 419 
TYR CZ  OH   sing N N 420 
TYR OH  HH   sing N N 421 
TYR OXT HXT  sing N N 422 
VAL N   CA   sing N N 423 
VAL N   H    sing N N 424 
VAL N   H2   sing N N 425 
VAL CA  C    sing N N 426 
VAL CA  CB   sing N N 427 
VAL CA  HA   sing N N 428 
VAL C   O    doub N N 429 
VAL C   OXT  sing N N 430 
VAL CB  CG1  sing N N 431 
VAL CB  CG2  sing N N 432 
VAL CB  HB   sing N N 433 
VAL CG1 HG11 sing N N 434 
VAL CG1 HG12 sing N N 435 
VAL CG1 HG13 sing N N 436 
VAL CG2 HG21 sing N N 437 
VAL CG2 HG22 sing N N 438 
VAL CG2 HG23 sing N N 439 
VAL OXT HXT  sing N N 440 
# 
loop_
_pdbx_entity_nonpoly.entity_id 
_pdbx_entity_nonpoly.name 
_pdbx_entity_nonpoly.comp_id 
2 '6-[(8E)-8-(1,3-benzothiazol-2-ylhydrazinylidene)-6,7-dihydro-5H-naphthalen-2-yl]pyridine-2-carboxylic acid' H0Y 
3 'SULFATE ION'                                                                                                SO4 
4 1,2-ETHANEDIOL                                                                                               EDO 
5 water                                                                                                        HOH 
# 
_pdbx_initial_refinement_model.id               1 
_pdbx_initial_refinement_model.entity_id_list   ? 
_pdbx_initial_refinement_model.type             'experimental model' 
_pdbx_initial_refinement_model.source_name      PDB 
_pdbx_initial_refinement_model.accession_code   3ZK6 
_pdbx_initial_refinement_model.details          'PDB ENTRY 3ZK6 CHAIN A' 
# 
